data_5H86
# 
_entry.id   5H86 
# 
_audit_conform.dict_name       mmcif_pdbx.dic 
_audit_conform.dict_version    5.379 
_audit_conform.dict_location   http://mmcif.pdb.org/dictionaries/ascii/mmcif_pdbx.dic 
# 
loop_
_database_2.database_id 
_database_2.database_code 
_database_2.pdbx_database_accession 
_database_2.pdbx_DOI 
PDB   5H86         pdb_00005h86 10.2210/pdb5h86/pdb 
WWPDB D_1000216652 ?            ?                   
# 
_pdbx_database_status.status_code                     REL 
_pdbx_database_status.status_code_sf                  REL 
_pdbx_database_status.status_code_mr                  ? 
_pdbx_database_status.entry_id                        5H86 
_pdbx_database_status.recvd_initial_deposition_date   2015-12-23 
_pdbx_database_status.SG_entry                        N 
_pdbx_database_status.deposit_site                    RCSB 
_pdbx_database_status.process_site                    RCSB 
_pdbx_database_status.status_code_cs                  ? 
_pdbx_database_status.methods_development_category    ? 
_pdbx_database_status.pdb_format_compatible           Y 
_pdbx_database_status.status_code_nmr_data            ? 
# 
loop_
_audit_author.name 
_audit_author.pdbx_ordinal 
'Wolberger, C.' 1 
'Ringel, A.E.'  2 
# 
_citation.abstract                  ? 
_citation.abstract_id_CAS           ? 
_citation.book_id_ISBN              ? 
_citation.book_publisher            ? 
_citation.book_publisher_city       ? 
_citation.book_title                ? 
_citation.coordinate_linkage        ? 
_citation.country                   ? 
_citation.database_id_Medline       ? 
_citation.details                   ? 
_citation.id                        primary 
_citation.journal_abbrev            'Acta Crystallogr D Struct Biol' 
_citation.journal_id_ASTM           ? 
_citation.journal_id_CSD            ? 
_citation.journal_id_ISSN           2059-7983 
_citation.journal_full              ? 
_citation.journal_issue             ? 
_citation.journal_volume            72 
_citation.language                  ? 
_citation.page_first                841 
_citation.page_last                 848 
_citation.title                     'Structural basis for acyl-group discrimination by human Gcn5L2.' 
_citation.year                      2016 
_citation.database_id_CSD           ? 
_citation.pdbx_database_id_DOI      10.1107/S2059798316007907 
_citation.pdbx_database_id_PubMed   27377381 
_citation.unpublished_flag          ? 
# 
loop_
_citation_author.citation_id 
_citation_author.name 
_citation_author.ordinal 
_citation_author.identifier_ORCID 
primary 'Ringel, A.E.'  1 ? 
primary 'Wolberger, C.' 2 ? 
# 
_cell.entry_id           5H86 
_cell.length_a           38.246 
_cell.length_b           38.246 
_cell.length_c           186.965 
_cell.angle_alpha        90.00 
_cell.angle_beta         90.00 
_cell.angle_gamma        120.00 
_cell.Z_PDB              6 
_cell.pdbx_unique_axis   ? 
# 
_symmetry.entry_id                         5H86 
_symmetry.space_group_name_H-M             'P 61' 
_symmetry.pdbx_full_space_group_name_H-M   ? 
_symmetry.cell_setting                     ? 
_symmetry.Int_Tables_number                169 
# 
loop_
_entity.id 
_entity.type 
_entity.src_method 
_entity.pdbx_description 
_entity.formula_weight 
_entity.pdbx_number_of_molecules 
_entity.pdbx_ec 
_entity.pdbx_mutation 
_entity.pdbx_fragment 
_entity.details 
1 polymer     man 'Histone acetyltransferase KAT2A' 19406.660 1  2.3.1.48 ? ? ? 
2 non-polymer syn 'Butyryl Coenzyme A'              837.624   1  ?        ? ? ? 
3 non-polymer syn 1,2-ETHANEDIOL                    62.068    1  ?        ? ? ? 
4 water       nat water                             18.015    88 ?        ? ? ? 
# 
_entity_name_com.entity_id   1 
_entity_name_com.name        
'General control of amino acid synthesis protein 5-like 2,Histone acetyltransferase GCN5,HsGCN5,Lysine acetyltransferase 2A,STAF97' 
# 
_entity_poly.entity_id                      1 
_entity_poly.type                           'polypeptide(L)' 
_entity_poly.nstd_linkage                   no 
_entity_poly.nstd_monomer                   no 
_entity_poly.pdbx_seq_one_letter_code       
;GSGIIEFHVIGNSLTPKANRRVLLWLVGLQNVFSHQLPRMPKEYIARLVFDPKHKTLALIKDGRVIGGICFRMFPTQGFT
EIVFCAVTSNEQVKGYGTHLMNHLKEYHIKHNILYFLTYADEYAIGYFKKQGFSKDIKVPKSRYLGYIKDYEGATLMECE
LNPRIPYT
;
_entity_poly.pdbx_seq_one_letter_code_can   
;GSGIIEFHVIGNSLTPKANRRVLLWLVGLQNVFSHQLPRMPKEYIARLVFDPKHKTLALIKDGRVIGGICFRMFPTQGFT
EIVFCAVTSNEQVKGYGTHLMNHLKEYHIKHNILYFLTYADEYAIGYFKKQGFSKDIKVPKSRYLGYIKDYEGATLMECE
LNPRIPYT
;
_entity_poly.pdbx_strand_id                 A 
_entity_poly.pdbx_target_identifier         ? 
# 
loop_
_entity_poly_seq.entity_id 
_entity_poly_seq.num 
_entity_poly_seq.mon_id 
_entity_poly_seq.hetero 
1 1   GLY n 
1 2   SER n 
1 3   GLY n 
1 4   ILE n 
1 5   ILE n 
1 6   GLU n 
1 7   PHE n 
1 8   HIS n 
1 9   VAL n 
1 10  ILE n 
1 11  GLY n 
1 12  ASN n 
1 13  SER n 
1 14  LEU n 
1 15  THR n 
1 16  PRO n 
1 17  LYS n 
1 18  ALA n 
1 19  ASN n 
1 20  ARG n 
1 21  ARG n 
1 22  VAL n 
1 23  LEU n 
1 24  LEU n 
1 25  TRP n 
1 26  LEU n 
1 27  VAL n 
1 28  GLY n 
1 29  LEU n 
1 30  GLN n 
1 31  ASN n 
1 32  VAL n 
1 33  PHE n 
1 34  SER n 
1 35  HIS n 
1 36  GLN n 
1 37  LEU n 
1 38  PRO n 
1 39  ARG n 
1 40  MET n 
1 41  PRO n 
1 42  LYS n 
1 43  GLU n 
1 44  TYR n 
1 45  ILE n 
1 46  ALA n 
1 47  ARG n 
1 48  LEU n 
1 49  VAL n 
1 50  PHE n 
1 51  ASP n 
1 52  PRO n 
1 53  LYS n 
1 54  HIS n 
1 55  LYS n 
1 56  THR n 
1 57  LEU n 
1 58  ALA n 
1 59  LEU n 
1 60  ILE n 
1 61  LYS n 
1 62  ASP n 
1 63  GLY n 
1 64  ARG n 
1 65  VAL n 
1 66  ILE n 
1 67  GLY n 
1 68  GLY n 
1 69  ILE n 
1 70  CYS n 
1 71  PHE n 
1 72  ARG n 
1 73  MET n 
1 74  PHE n 
1 75  PRO n 
1 76  THR n 
1 77  GLN n 
1 78  GLY n 
1 79  PHE n 
1 80  THR n 
1 81  GLU n 
1 82  ILE n 
1 83  VAL n 
1 84  PHE n 
1 85  CYS n 
1 86  ALA n 
1 87  VAL n 
1 88  THR n 
1 89  SER n 
1 90  ASN n 
1 91  GLU n 
1 92  GLN n 
1 93  VAL n 
1 94  LYS n 
1 95  GLY n 
1 96  TYR n 
1 97  GLY n 
1 98  THR n 
1 99  HIS n 
1 100 LEU n 
1 101 MET n 
1 102 ASN n 
1 103 HIS n 
1 104 LEU n 
1 105 LYS n 
1 106 GLU n 
1 107 TYR n 
1 108 HIS n 
1 109 ILE n 
1 110 LYS n 
1 111 HIS n 
1 112 ASN n 
1 113 ILE n 
1 114 LEU n 
1 115 TYR n 
1 116 PHE n 
1 117 LEU n 
1 118 THR n 
1 119 TYR n 
1 120 ALA n 
1 121 ASP n 
1 122 GLU n 
1 123 TYR n 
1 124 ALA n 
1 125 ILE n 
1 126 GLY n 
1 127 TYR n 
1 128 PHE n 
1 129 LYS n 
1 130 LYS n 
1 131 GLN n 
1 132 GLY n 
1 133 PHE n 
1 134 SER n 
1 135 LYS n 
1 136 ASP n 
1 137 ILE n 
1 138 LYS n 
1 139 VAL n 
1 140 PRO n 
1 141 LYS n 
1 142 SER n 
1 143 ARG n 
1 144 TYR n 
1 145 LEU n 
1 146 GLY n 
1 147 TYR n 
1 148 ILE n 
1 149 LYS n 
1 150 ASP n 
1 151 TYR n 
1 152 GLU n 
1 153 GLY n 
1 154 ALA n 
1 155 THR n 
1 156 LEU n 
1 157 MET n 
1 158 GLU n 
1 159 CYS n 
1 160 GLU n 
1 161 LEU n 
1 162 ASN n 
1 163 PRO n 
1 164 ARG n 
1 165 ILE n 
1 166 PRO n 
1 167 TYR n 
1 168 THR n 
# 
_entity_src_gen.entity_id                          1 
_entity_src_gen.pdbx_src_id                        1 
_entity_src_gen.pdbx_alt_source_flag               sample 
_entity_src_gen.pdbx_seq_type                      'Biological sequence' 
_entity_src_gen.pdbx_beg_seq_num                   1 
_entity_src_gen.pdbx_end_seq_num                   168 
_entity_src_gen.gene_src_common_name               Human 
_entity_src_gen.gene_src_genus                     ? 
_entity_src_gen.pdbx_gene_src_gene                 'KAT2A, GCN5, GCN5L2, HGCN5' 
_entity_src_gen.gene_src_species                   ? 
_entity_src_gen.gene_src_strain                    ? 
_entity_src_gen.gene_src_tissue                    ? 
_entity_src_gen.gene_src_tissue_fraction           ? 
_entity_src_gen.gene_src_details                   ? 
_entity_src_gen.pdbx_gene_src_fragment             ? 
_entity_src_gen.pdbx_gene_src_scientific_name      'Homo sapiens' 
_entity_src_gen.pdbx_gene_src_ncbi_taxonomy_id     9606 
_entity_src_gen.pdbx_gene_src_variant              ? 
_entity_src_gen.pdbx_gene_src_cell_line            ? 
_entity_src_gen.pdbx_gene_src_atcc                 ? 
_entity_src_gen.pdbx_gene_src_organ                ? 
_entity_src_gen.pdbx_gene_src_organelle            ? 
_entity_src_gen.pdbx_gene_src_cell                 ? 
_entity_src_gen.pdbx_gene_src_cellular_location    ? 
_entity_src_gen.host_org_common_name               ? 
_entity_src_gen.pdbx_host_org_scientific_name      'Escherichia coli' 
_entity_src_gen.pdbx_host_org_ncbi_taxonomy_id     562 
_entity_src_gen.host_org_genus                     ? 
_entity_src_gen.pdbx_host_org_gene                 ? 
_entity_src_gen.pdbx_host_org_organ                ? 
_entity_src_gen.host_org_species                   ? 
_entity_src_gen.pdbx_host_org_tissue               ? 
_entity_src_gen.pdbx_host_org_tissue_fraction      ? 
_entity_src_gen.pdbx_host_org_strain               ? 
_entity_src_gen.pdbx_host_org_variant              ? 
_entity_src_gen.pdbx_host_org_cell_line            ? 
_entity_src_gen.pdbx_host_org_atcc                 ? 
_entity_src_gen.pdbx_host_org_culture_collection   ? 
_entity_src_gen.pdbx_host_org_cell                 ? 
_entity_src_gen.pdbx_host_org_organelle            ? 
_entity_src_gen.pdbx_host_org_cellular_location    ? 
_entity_src_gen.pdbx_host_org_vector_type          ? 
_entity_src_gen.pdbx_host_org_vector               ? 
_entity_src_gen.host_org_details                   ? 
_entity_src_gen.expression_system_id               ? 
_entity_src_gen.plasmid_name                       ? 
_entity_src_gen.plasmid_details                    ? 
_entity_src_gen.pdbx_description                   ? 
# 
_struct_ref.id                         1 
_struct_ref.db_name                    UNP 
_struct_ref.db_code                    KAT2A_HUMAN 
_struct_ref.pdbx_db_accession          Q92830 
_struct_ref.pdbx_db_isoform            ? 
_struct_ref.entity_id                  1 
_struct_ref.pdbx_seq_one_letter_code   
;GIIEFHVIGNSLTPKANRRVLLWLVGLQNVFSHQLPRMPKEYIARLVFDPKHKTLALIKDGRVIGGICFRMFPTQGFTEI
VFCAVTSNEQVKGYGTHLMNHLKEYHIKHNILYFLTYADEYAIGYFKKQGFSKDIKVPKSRYLGYIKDYEGATLMECELN
PRIPYT
;
_struct_ref.pdbx_align_begin           497 
# 
_struct_ref_seq.align_id                      1 
_struct_ref_seq.ref_id                        1 
_struct_ref_seq.pdbx_PDB_id_code              5H86 
_struct_ref_seq.pdbx_strand_id                A 
_struct_ref_seq.seq_align_beg                 3 
_struct_ref_seq.pdbx_seq_align_beg_ins_code   ? 
_struct_ref_seq.seq_align_end                 168 
_struct_ref_seq.pdbx_seq_align_end_ins_code   ? 
_struct_ref_seq.pdbx_db_accession             Q92830 
_struct_ref_seq.db_align_beg                  497 
_struct_ref_seq.pdbx_db_align_beg_ins_code    ? 
_struct_ref_seq.db_align_end                  662 
_struct_ref_seq.pdbx_db_align_end_ins_code    ? 
_struct_ref_seq.pdbx_auth_seq_align_beg       3 
_struct_ref_seq.pdbx_auth_seq_align_end       168 
# 
loop_
_struct_ref_seq_dif.align_id 
_struct_ref_seq_dif.pdbx_pdb_id_code 
_struct_ref_seq_dif.mon_id 
_struct_ref_seq_dif.pdbx_pdb_strand_id 
_struct_ref_seq_dif.seq_num 
_struct_ref_seq_dif.pdbx_pdb_ins_code 
_struct_ref_seq_dif.pdbx_seq_db_name 
_struct_ref_seq_dif.pdbx_seq_db_accession_code 
_struct_ref_seq_dif.db_mon_id 
_struct_ref_seq_dif.pdbx_seq_db_seq_num 
_struct_ref_seq_dif.details 
_struct_ref_seq_dif.pdbx_auth_seq_num 
_struct_ref_seq_dif.pdbx_ordinal 
1 5H86 GLY A 1 ? UNP Q92830 ? ? 'expression tag' 1 1 
1 5H86 SER A 2 ? UNP Q92830 ? ? 'expression tag' 2 2 
# 
loop_
_chem_comp.id 
_chem_comp.type 
_chem_comp.mon_nstd_flag 
_chem_comp.name 
_chem_comp.pdbx_synonyms 
_chem_comp.formula 
_chem_comp.formula_weight 
ALA 'L-peptide linking' y ALANINE              ? 'C3 H7 N O2'          89.093  
ARG 'L-peptide linking' y ARGININE             ? 'C6 H15 N4 O2 1'      175.209 
ASN 'L-peptide linking' y ASPARAGINE           ? 'C4 H8 N2 O3'         132.118 
ASP 'L-peptide linking' y 'ASPARTIC ACID'      ? 'C4 H7 N O4'          133.103 
BCO non-polymer         . 'Butyryl Coenzyme A' 
;S-{(3S,5S,9R)-1-[(2R,3S,4R,5R)-5-(6-amino-9H-purin-9-yl)-4-hydroxy-3-(phosphonooxy)tetrahydrofuran-2-yl]-3,5,9-trihydroxy-8,8-dimethyl-3,5-dioxido-10,14-dioxo-2,4,6-trioxa-11,15-diaza-3lambda~5~,5lambda~5~-diphosphaheptadecan-17-yl} butanethioate (non-preferred name)
;
'C25 H42 N7 O17 P3 S' 837.624 
CYS 'L-peptide linking' y CYSTEINE             ? 'C3 H7 N O2 S'        121.158 
EDO non-polymer         . 1,2-ETHANEDIOL       'ETHYLENE GLYCOL' 'C2 H6 O2'            62.068  
GLN 'L-peptide linking' y GLUTAMINE            ? 'C5 H10 N2 O3'        146.144 
GLU 'L-peptide linking' y 'GLUTAMIC ACID'      ? 'C5 H9 N O4'          147.129 
GLY 'peptide linking'   y GLYCINE              ? 'C2 H5 N O2'          75.067  
HIS 'L-peptide linking' y HISTIDINE            ? 'C6 H10 N3 O2 1'      156.162 
HOH non-polymer         . WATER                ? 'H2 O'                18.015  
ILE 'L-peptide linking' y ISOLEUCINE           ? 'C6 H13 N O2'         131.173 
LEU 'L-peptide linking' y LEUCINE              ? 'C6 H13 N O2'         131.173 
LYS 'L-peptide linking' y LYSINE               ? 'C6 H15 N2 O2 1'      147.195 
MET 'L-peptide linking' y METHIONINE           ? 'C5 H11 N O2 S'       149.211 
PHE 'L-peptide linking' y PHENYLALANINE        ? 'C9 H11 N O2'         165.189 
PRO 'L-peptide linking' y PROLINE              ? 'C5 H9 N O2'          115.130 
SER 'L-peptide linking' y SERINE               ? 'C3 H7 N O3'          105.093 
THR 'L-peptide linking' y THREONINE            ? 'C4 H9 N O3'          119.119 
TRP 'L-peptide linking' y TRYPTOPHAN           ? 'C11 H12 N2 O2'       204.225 
TYR 'L-peptide linking' y TYROSINE             ? 'C9 H11 N O3'         181.189 
VAL 'L-peptide linking' y VALINE               ? 'C5 H11 N O2'         117.146 
# 
_exptl.absorpt_coefficient_mu     ? 
_exptl.absorpt_correction_T_max   ? 
_exptl.absorpt_correction_T_min   ? 
_exptl.absorpt_correction_type    ? 
_exptl.absorpt_process_details    ? 
_exptl.entry_id                   5H86 
_exptl.crystals_number            1 
_exptl.details                    ? 
_exptl.method                     'X-RAY DIFFRACTION' 
_exptl.method_details             ? 
# 
_exptl_crystal.colour                      ? 
_exptl_crystal.density_diffrn              ? 
_exptl_crystal.density_Matthews            2.03 
_exptl_crystal.density_method              ? 
_exptl_crystal.density_percent_sol         39.53 
_exptl_crystal.description                 ? 
_exptl_crystal.F_000                       ? 
_exptl_crystal.id                          1 
_exptl_crystal.preparation                 ? 
_exptl_crystal.size_max                    ? 
_exptl_crystal.size_mid                    ? 
_exptl_crystal.size_min                    ? 
_exptl_crystal.size_rad                    ? 
_exptl_crystal.colour_lustre               ? 
_exptl_crystal.colour_modifier             ? 
_exptl_crystal.colour_primary              ? 
_exptl_crystal.density_meas                ? 
_exptl_crystal.density_meas_esd            ? 
_exptl_crystal.density_meas_gt             ? 
_exptl_crystal.density_meas_lt             ? 
_exptl_crystal.density_meas_temp           ? 
_exptl_crystal.density_meas_temp_esd       ? 
_exptl_crystal.density_meas_temp_gt        ? 
_exptl_crystal.density_meas_temp_lt        ? 
_exptl_crystal.pdbx_crystal_image_url      ? 
_exptl_crystal.pdbx_crystal_image_format   ? 
_exptl_crystal.pdbx_mosaicity              ? 
_exptl_crystal.pdbx_mosaicity_esd          ? 
# 
_exptl_crystal_grow.apparatus       ? 
_exptl_crystal_grow.atmosphere      ? 
_exptl_crystal_grow.crystal_id      1 
_exptl_crystal_grow.details         ? 
_exptl_crystal_grow.method          'VAPOR DIFFUSION, HANGING DROP' 
_exptl_crystal_grow.method_ref      ? 
_exptl_crystal_grow.pH              7.8 
_exptl_crystal_grow.pressure        ? 
_exptl_crystal_grow.pressure_esd    ? 
_exptl_crystal_grow.seeding         ? 
_exptl_crystal_grow.seeding_ref     ? 
_exptl_crystal_grow.temp            293 
_exptl_crystal_grow.temp_details    ? 
_exptl_crystal_grow.temp_esd        ? 
_exptl_crystal_grow.time            ? 
_exptl_crystal_grow.pdbx_details    '10% (v/v) 2-propanol, 3% glycerol, 100 mM HEPES, pH 7.8, and 11% (w/v) PEG 4,000' 
_exptl_crystal_grow.pdbx_pH_range   ? 
# 
_diffrn.ambient_environment    ? 
_diffrn.ambient_temp           100 
_diffrn.ambient_temp_details   ? 
_diffrn.ambient_temp_esd       ? 
_diffrn.crystal_id             1 
_diffrn.crystal_support        ? 
_diffrn.crystal_treatment      ? 
_diffrn.details                ? 
_diffrn.id                     1 
_diffrn.ambient_pressure       ? 
_diffrn.ambient_pressure_esd   ? 
_diffrn.ambient_pressure_gt    ? 
_diffrn.ambient_pressure_lt    ? 
_diffrn.ambient_temp_gt        ? 
_diffrn.ambient_temp_lt        ? 
# 
_diffrn_detector.details                      ? 
_diffrn_detector.detector                     CCD 
_diffrn_detector.diffrn_id                    1 
_diffrn_detector.type                         'RIGAKU SATURN 944+' 
_diffrn_detector.area_resol_mean              ? 
_diffrn_detector.dtime                        ? 
_diffrn_detector.pdbx_frames_total            ? 
_diffrn_detector.pdbx_collection_time_total   ? 
_diffrn_detector.pdbx_collection_date         2015-07-22 
# 
_diffrn_radiation.collimation                      ? 
_diffrn_radiation.diffrn_id                        1 
_diffrn_radiation.filter_edge                      ? 
_diffrn_radiation.inhomogeneity                    ? 
_diffrn_radiation.monochromator                    ? 
_diffrn_radiation.polarisn_norm                    ? 
_diffrn_radiation.polarisn_ratio                   ? 
_diffrn_radiation.probe                            ? 
_diffrn_radiation.type                             ? 
_diffrn_radiation.xray_symbol                      ? 
_diffrn_radiation.wavelength_id                    1 
_diffrn_radiation.pdbx_monochromatic_or_laue_m_l   M 
_diffrn_radiation.pdbx_wavelength_list             ? 
_diffrn_radiation.pdbx_wavelength                  ? 
_diffrn_radiation.pdbx_diffrn_protocol             'SINGLE WAVELENGTH' 
_diffrn_radiation.pdbx_analyzer                    ? 
_diffrn_radiation.pdbx_scattering_type             x-ray 
# 
_diffrn_radiation_wavelength.id           1 
_diffrn_radiation_wavelength.wavelength   1.54 
_diffrn_radiation_wavelength.wt           1.0 
# 
_diffrn_source.current                     ? 
_diffrn_source.details                     ? 
_diffrn_source.diffrn_id                   1 
_diffrn_source.power                       ? 
_diffrn_source.size                        ? 
_diffrn_source.source                      'ROTATING ANODE' 
_diffrn_source.target                      ? 
_diffrn_source.type                        'RIGAKU FR-E+ SUPERBRIGHT' 
_diffrn_source.voltage                     ? 
_diffrn_source.take-off_angle              ? 
_diffrn_source.pdbx_wavelength_list        1.54 
_diffrn_source.pdbx_wavelength             ? 
_diffrn_source.pdbx_synchrotron_beamline   ? 
_diffrn_source.pdbx_synchrotron_site       ? 
# 
_reflns.B_iso_Wilson_estimate            ? 
_reflns.entry_id                         5H86 
_reflns.data_reduction_details           ? 
_reflns.data_reduction_method            ? 
_reflns.d_resolution_high                2.08 
_reflns.d_resolution_low                 24.81 
_reflns.details                          ? 
_reflns.limit_h_max                      ? 
_reflns.limit_h_min                      ? 
_reflns.limit_k_max                      ? 
_reflns.limit_k_min                      ? 
_reflns.limit_l_max                      ? 
_reflns.limit_l_min                      ? 
_reflns.number_all                       ? 
_reflns.number_obs                       9086 
_reflns.observed_criterion               ? 
_reflns.observed_criterion_F_max         ? 
_reflns.observed_criterion_F_min         ? 
_reflns.observed_criterion_I_max         ? 
_reflns.observed_criterion_I_min         ? 
_reflns.observed_criterion_sigma_F       ? 
_reflns.observed_criterion_sigma_I       ? 
_reflns.percent_possible_obs             98.06 
_reflns.R_free_details                   ? 
_reflns.Rmerge_F_all                     ? 
_reflns.Rmerge_F_obs                     ? 
_reflns.Friedel_coverage                 ? 
_reflns.number_gt                        ? 
_reflns.threshold_expression             ? 
_reflns.pdbx_redundancy                  6.4 
_reflns.pdbx_Rmerge_I_obs                ? 
_reflns.pdbx_Rmerge_I_all                ? 
_reflns.pdbx_Rsym_value                  ? 
_reflns.pdbx_netI_over_av_sigmaI         ? 
_reflns.pdbx_netI_over_sigmaI            16.86 
_reflns.pdbx_res_netI_over_av_sigmaI_2   ? 
_reflns.pdbx_res_netI_over_sigmaI_2      ? 
_reflns.pdbx_chi_squared                 ? 
_reflns.pdbx_scaling_rejects             ? 
_reflns.pdbx_d_res_high_opt              ? 
_reflns.pdbx_d_res_low_opt               ? 
_reflns.pdbx_d_res_opt_method            ? 
_reflns.phase_calculation_details        ? 
_reflns.pdbx_Rrim_I_all                  ? 
_reflns.pdbx_Rpim_I_all                  ? 
_reflns.pdbx_d_opt                       ? 
_reflns.pdbx_number_measured_all         ? 
_reflns.pdbx_diffrn_id                   1 
_reflns.pdbx_ordinal                     1 
_reflns.pdbx_CC_half                     ? 
_reflns.pdbx_R_split                     ? 
# 
_reflns_shell.d_res_high                  2.08 
_reflns_shell.d_res_low                   2.154 
_reflns_shell.meanI_over_sigI_all         ? 
_reflns_shell.meanI_over_sigI_obs         5.39 
_reflns_shell.number_measured_all         ? 
_reflns_shell.number_measured_obs         ? 
_reflns_shell.number_possible             ? 
_reflns_shell.number_unique_all           ? 
_reflns_shell.number_unique_obs           ? 
_reflns_shell.percent_possible_all        87.88 
_reflns_shell.percent_possible_obs        ? 
_reflns_shell.Rmerge_F_all                ? 
_reflns_shell.Rmerge_F_obs                ? 
_reflns_shell.Rmerge_I_all                ? 
_reflns_shell.Rmerge_I_obs                0.1861 
_reflns_shell.meanI_over_sigI_gt          ? 
_reflns_shell.meanI_over_uI_all           ? 
_reflns_shell.meanI_over_uI_gt            ? 
_reflns_shell.number_measured_gt          ? 
_reflns_shell.number_unique_gt            ? 
_reflns_shell.percent_possible_gt         ? 
_reflns_shell.Rmerge_F_gt                 ? 
_reflns_shell.Rmerge_I_gt                 ? 
_reflns_shell.pdbx_redundancy             2.7 
_reflns_shell.pdbx_Rsym_value             ? 
_reflns_shell.pdbx_chi_squared            ? 
_reflns_shell.pdbx_netI_over_sigmaI_all   ? 
_reflns_shell.pdbx_netI_over_sigmaI_obs   ? 
_reflns_shell.pdbx_Rrim_I_all             ? 
_reflns_shell.pdbx_Rpim_I_all             ? 
_reflns_shell.pdbx_rejects                ? 
_reflns_shell.pdbx_ordinal                1 
_reflns_shell.pdbx_diffrn_id              1 
_reflns_shell.pdbx_CC_half                ? 
_reflns_shell.pdbx_R_split                ? 
# 
_refine.pdbx_refine_id                           'X-RAY DIFFRACTION' 
_refine.entry_id                                 5H86 
_refine.pdbx_diffrn_id                           1 
_refine.pdbx_TLS_residual_ADP_flag               ? 
_refine.ls_number_reflns_obs                     8650 
_refine.ls_number_reflns_all                     ? 
_refine.pdbx_ls_sigma_I                          ? 
_refine.pdbx_ls_sigma_F                          ? 
_refine.pdbx_data_cutoff_high_absF               ? 
_refine.pdbx_data_cutoff_low_absF                ? 
_refine.pdbx_data_cutoff_high_rms_absF           ? 
_refine.ls_d_res_low                             24.81 
_refine.ls_d_res_high                            2.08 
_refine.ls_percent_reflns_obs                    97.98 
_refine.ls_R_factor_obs                          0.15823 
_refine.ls_R_factor_all                          ? 
_refine.ls_R_factor_R_work                       0.15642 
_refine.ls_R_factor_R_free                       0.19421 
_refine.ls_R_factor_R_free_error                 ? 
_refine.ls_R_factor_R_free_error_details         ? 
_refine.ls_percent_reflns_R_free                 4.8 
_refine.ls_number_reflns_R_free                  435 
_refine.ls_number_parameters                     ? 
_refine.ls_number_restraints                     ? 
_refine.occupancy_min                            ? 
_refine.occupancy_max                            ? 
_refine.correlation_coeff_Fo_to_Fc               0.959 
_refine.correlation_coeff_Fo_to_Fc_free          0.946 
_refine.B_iso_mean                               20.113 
_refine.aniso_B[1][1]                            0.26 
_refine.aniso_B[2][2]                            0.26 
_refine.aniso_B[3][3]                            -0.83 
_refine.aniso_B[1][2]                            0.26 
_refine.aniso_B[1][3]                            0.00 
_refine.aniso_B[2][3]                            0.00 
_refine.solvent_model_details                    MASK 
_refine.solvent_model_param_ksol                 ? 
_refine.solvent_model_param_bsol                 ? 
_refine.pdbx_solvent_vdw_probe_radii             1.20 
_refine.pdbx_solvent_ion_probe_radii             0.80 
_refine.pdbx_solvent_shrinkage_radii             0.80 
_refine.pdbx_ls_cross_valid_method               THROUGHOUT 
_refine.details                                  'HYDROGENS HAVE BEEN ADDED IN THE RIDING POSITIONS' 
_refine.pdbx_starting_model                      1Z4R 
_refine.pdbx_method_to_determine_struct          'MOLECULAR REPLACEMENT' 
_refine.pdbx_isotropic_thermal_model             ? 
_refine.pdbx_stereochemistry_target_values       'MAXIMUM LIKELIHOOD' 
_refine.pdbx_stereochem_target_val_spec_case     ? 
_refine.pdbx_R_Free_selection_details            RANDOM 
_refine.pdbx_overall_ESU_R                       0.253 
_refine.pdbx_overall_ESU_R_Free                  0.173 
_refine.overall_SU_ML                            0.112 
_refine.pdbx_overall_phase_error                 ? 
_refine.overall_SU_B                             4.116 
_refine.overall_SU_R_Cruickshank_DPI             ? 
_refine.pdbx_overall_SU_R_free_Cruickshank_DPI   ? 
_refine.pdbx_overall_SU_R_Blow_DPI               ? 
_refine.pdbx_overall_SU_R_free_Blow_DPI          ? 
# 
_refine_hist.pdbx_refine_id                   'X-RAY DIFFRACTION' 
_refine_hist.cycle_id                         LAST 
_refine_hist.pdbx_number_atoms_protein        1334 
_refine_hist.pdbx_number_atoms_nucleic_acid   0 
_refine_hist.pdbx_number_atoms_ligand         57 
_refine_hist.number_atoms_solvent             88 
_refine_hist.number_atoms_total               1479 
_refine_hist.d_res_high                       2.08 
_refine_hist.d_res_low                        24.81 
# 
loop_
_refine_ls_restr.type 
_refine_ls_restr.dev_ideal 
_refine_ls_restr.dev_ideal_target 
_refine_ls_restr.weight 
_refine_ls_restr.number 
_refine_ls_restr.pdbx_refine_id 
_refine_ls_restr.pdbx_restraint_function 
r_bond_refined_d             0.006  0.019  ? 1455 'X-RAY DIFFRACTION' ? 
r_bond_other_d               0.001  0.020  ? 1384 'X-RAY DIFFRACTION' ? 
r_angle_refined_deg          1.253  2.002  ? 1972 'X-RAY DIFFRACTION' ? 
r_angle_other_deg            0.913  3.000  ? 3181 'X-RAY DIFFRACTION' ? 
r_dihedral_angle_1_deg       5.619  5.000  ? 168  'X-RAY DIFFRACTION' ? 
r_dihedral_angle_2_deg       35.934 23.065 ? 62   'X-RAY DIFFRACTION' ? 
r_dihedral_angle_3_deg       12.313 15.000 ? 239  'X-RAY DIFFRACTION' ? 
r_dihedral_angle_4_deg       11.445 15.000 ? 7    'X-RAY DIFFRACTION' ? 
r_chiral_restr               0.199  0.200  ? 209  'X-RAY DIFFRACTION' ? 
r_gen_planes_refined         0.004  0.021  ? 1584 'X-RAY DIFFRACTION' ? 
r_gen_planes_other           0.001  0.020  ? 346  'X-RAY DIFFRACTION' ? 
r_nbd_refined                ?      ?      ? ?    'X-RAY DIFFRACTION' ? 
r_nbd_other                  ?      ?      ? ?    'X-RAY DIFFRACTION' ? 
r_nbtor_refined              ?      ?      ? ?    'X-RAY DIFFRACTION' ? 
r_nbtor_other                ?      ?      ? ?    'X-RAY DIFFRACTION' ? 
r_xyhbond_nbd_refined        ?      ?      ? ?    'X-RAY DIFFRACTION' ? 
r_xyhbond_nbd_other          ?      ?      ? ?    'X-RAY DIFFRACTION' ? 
r_metal_ion_refined          ?      ?      ? ?    'X-RAY DIFFRACTION' ? 
r_metal_ion_other            ?      ?      ? ?    'X-RAY DIFFRACTION' ? 
r_symmetry_vdw_refined       ?      ?      ? ?    'X-RAY DIFFRACTION' ? 
r_symmetry_vdw_other         ?      ?      ? ?    'X-RAY DIFFRACTION' ? 
r_symmetry_hbond_refined     ?      ?      ? ?    'X-RAY DIFFRACTION' ? 
r_symmetry_hbond_other       ?      ?      ? ?    'X-RAY DIFFRACTION' ? 
r_symmetry_metal_ion_refined ?      ?      ? ?    'X-RAY DIFFRACTION' ? 
r_symmetry_metal_ion_other   ?      ?      ? ?    'X-RAY DIFFRACTION' ? 
r_mcbond_it                  ?      ?      ? ?    'X-RAY DIFFRACTION' ? 
r_mcbond_other               ?      ?      ? ?    'X-RAY DIFFRACTION' ? 
r_mcangle_it                 ?      ?      ? ?    'X-RAY DIFFRACTION' ? 
r_mcangle_other              ?      ?      ? ?    'X-RAY DIFFRACTION' ? 
r_scbond_it                  ?      ?      ? ?    'X-RAY DIFFRACTION' ? 
r_scbond_other               ?      ?      ? ?    'X-RAY DIFFRACTION' ? 
r_scangle_it                 ?      ?      ? ?    'X-RAY DIFFRACTION' ? 
r_scangle_other              ?      ?      ? ?    'X-RAY DIFFRACTION' ? 
r_long_range_B_refined       ?      ?      ? ?    'X-RAY DIFFRACTION' ? 
r_long_range_B_other         ?      ?      ? ?    'X-RAY DIFFRACTION' ? 
r_rigid_bond_restr           ?      ?      ? ?    'X-RAY DIFFRACTION' ? 
r_sphericity_free            ?      ?      ? ?    'X-RAY DIFFRACTION' ? 
r_sphericity_bonded          ?      ?      ? ?    'X-RAY DIFFRACTION' ? 
# 
_refine_ls_shell.pdbx_refine_id                   'X-RAY DIFFRACTION' 
_refine_ls_shell.pdbx_total_number_of_bins_used   20 
_refine_ls_shell.d_res_high                       2.080 
_refine_ls_shell.d_res_low                        2.134 
_refine_ls_shell.number_reflns_R_work             579 
_refine_ls_shell.R_factor_R_work                  0.197 
_refine_ls_shell.percent_reflns_obs               85.85 
_refine_ls_shell.R_factor_R_free                  0.204 
_refine_ls_shell.R_factor_R_free_error            ? 
_refine_ls_shell.percent_reflns_R_free            ? 
_refine_ls_shell.number_reflns_R_free             34 
_refine_ls_shell.number_reflns_all                ? 
_refine_ls_shell.R_factor_all                     ? 
# 
_struct.entry_id                     5H86 
_struct.title                        'Human Gcn5 bound to butyryl-CoA' 
_struct.pdbx_model_details           ? 
_struct.pdbx_formula_weight          ? 
_struct.pdbx_formula_weight_method   ? 
_struct.pdbx_model_type_details      ? 
_struct.pdbx_CASP_flag               ? 
# 
_struct_keywords.entry_id        5H86 
_struct_keywords.text            'Gcn5, Coenzyme A, transferase' 
_struct_keywords.pdbx_keywords   TRANSFERASE 
# 
loop_
_struct_asym.id 
_struct_asym.pdbx_blank_PDB_chainid_flag 
_struct_asym.pdbx_modified 
_struct_asym.entity_id 
_struct_asym.details 
A N N 1 ? 
B N N 2 ? 
C N N 3 ? 
D N N 4 ? 
# 
loop_
_struct_conf.conf_type_id 
_struct_conf.id 
_struct_conf.pdbx_PDB_helix_id 
_struct_conf.beg_label_comp_id 
_struct_conf.beg_label_asym_id 
_struct_conf.beg_label_seq_id 
_struct_conf.pdbx_beg_PDB_ins_code 
_struct_conf.end_label_comp_id 
_struct_conf.end_label_asym_id 
_struct_conf.end_label_seq_id 
_struct_conf.pdbx_end_PDB_ins_code 
_struct_conf.beg_auth_comp_id 
_struct_conf.beg_auth_asym_id 
_struct_conf.beg_auth_seq_id 
_struct_conf.end_auth_comp_id 
_struct_conf.end_auth_asym_id 
_struct_conf.end_auth_seq_id 
_struct_conf.pdbx_PDB_helix_class 
_struct_conf.details 
_struct_conf.pdbx_PDB_helix_length 
HELX_P HELX_P1 AA1 ASN A 19  ? LEU A 37  ? ASN A 19  LEU A 37  1 ? 19 
HELX_P HELX_P2 AA2 PRO A 41  ? PHE A 50  ? PRO A 41  PHE A 50  1 ? 10 
HELX_P HELX_P3 AA3 SER A 89  ? GLN A 92  ? SER A 89  GLN A 92  5 ? 4  
HELX_P HELX_P4 AA4 GLY A 95  ? HIS A 111 ? GLY A 95  HIS A 111 1 ? 17 
HELX_P HELX_P5 AA5 ASP A 121 ? TYR A 123 ? ASP A 121 TYR A 123 5 ? 3  
HELX_P HELX_P6 AA6 ALA A 124 ? GLN A 131 ? ALA A 124 GLN A 131 1 ? 8  
HELX_P HELX_P7 AA7 PRO A 140 ? LEU A 145 ? PRO A 140 LEU A 145 1 ? 6  
# 
_struct_conf_type.id          HELX_P 
_struct_conf_type.criteria    ? 
_struct_conf_type.reference   ? 
# 
_struct_sheet.id               AA1 
_struct_sheet.type             ? 
_struct_sheet.number_strands   7 
_struct_sheet.details          ? 
# 
loop_
_struct_sheet_order.sheet_id 
_struct_sheet_order.range_id_1 
_struct_sheet_order.range_id_2 
_struct_sheet_order.offset 
_struct_sheet_order.sense 
AA1 1 2 ? anti-parallel 
AA1 2 3 ? anti-parallel 
AA1 3 4 ? anti-parallel 
AA1 4 5 ? parallel      
AA1 5 6 ? anti-parallel 
AA1 6 7 ? anti-parallel 
# 
loop_
_struct_sheet_range.sheet_id 
_struct_sheet_range.id 
_struct_sheet_range.beg_label_comp_id 
_struct_sheet_range.beg_label_asym_id 
_struct_sheet_range.beg_label_seq_id 
_struct_sheet_range.pdbx_beg_PDB_ins_code 
_struct_sheet_range.end_label_comp_id 
_struct_sheet_range.end_label_asym_id 
_struct_sheet_range.end_label_seq_id 
_struct_sheet_range.pdbx_end_PDB_ins_code 
_struct_sheet_range.beg_auth_comp_id 
_struct_sheet_range.beg_auth_asym_id 
_struct_sheet_range.beg_auth_seq_id 
_struct_sheet_range.end_auth_comp_id 
_struct_sheet_range.end_auth_asym_id 
_struct_sheet_range.end_auth_seq_id 
AA1 1 GLU A 6   ? GLY A 11  ? GLU A 6   GLY A 11  
AA1 2 LYS A 55  ? LYS A 61  ? LYS A 55  LYS A 61  
AA1 3 ARG A 64  ? PHE A 74  ? ARG A 64  PHE A 74  
AA1 4 PHE A 79  ? VAL A 87  ? PHE A 79  VAL A 87  
AA1 5 TYR A 115 ? ALA A 120 ? TYR A 115 ALA A 120 
AA1 6 THR A 155 ? GLU A 160 ? THR A 155 GLU A 160 
AA1 7 PHE A 133 ? SER A 134 ? PHE A 133 SER A 134 
# 
loop_
_pdbx_struct_sheet_hbond.sheet_id 
_pdbx_struct_sheet_hbond.range_id_1 
_pdbx_struct_sheet_hbond.range_id_2 
_pdbx_struct_sheet_hbond.range_1_label_atom_id 
_pdbx_struct_sheet_hbond.range_1_label_comp_id 
_pdbx_struct_sheet_hbond.range_1_label_asym_id 
_pdbx_struct_sheet_hbond.range_1_label_seq_id 
_pdbx_struct_sheet_hbond.range_1_PDB_ins_code 
_pdbx_struct_sheet_hbond.range_1_auth_atom_id 
_pdbx_struct_sheet_hbond.range_1_auth_comp_id 
_pdbx_struct_sheet_hbond.range_1_auth_asym_id 
_pdbx_struct_sheet_hbond.range_1_auth_seq_id 
_pdbx_struct_sheet_hbond.range_2_label_atom_id 
_pdbx_struct_sheet_hbond.range_2_label_comp_id 
_pdbx_struct_sheet_hbond.range_2_label_asym_id 
_pdbx_struct_sheet_hbond.range_2_label_seq_id 
_pdbx_struct_sheet_hbond.range_2_PDB_ins_code 
_pdbx_struct_sheet_hbond.range_2_auth_atom_id 
_pdbx_struct_sheet_hbond.range_2_auth_comp_id 
_pdbx_struct_sheet_hbond.range_2_auth_asym_id 
_pdbx_struct_sheet_hbond.range_2_auth_seq_id 
AA1 1 2 N HIS A 8   ? N HIS A 8   O ALA A 58  ? O ALA A 58  
AA1 2 3 N LYS A 55  ? N LYS A 55  O PHE A 71  ? O PHE A 71  
AA1 3 4 N ARG A 72  ? N ARG A 72  O GLU A 81  ? O GLU A 81  
AA1 4 5 N ILE A 82  ? N ILE A 82  O LEU A 117 ? O LEU A 117 
AA1 5 6 N THR A 118 ? N THR A 118 O MET A 157 ? O MET A 157 
AA1 6 7 O GLU A 158 ? O GLU A 158 N SER A 134 ? N SER A 134 
# 
loop_
_struct_site.id 
_struct_site.pdbx_evidence_code 
_struct_site.pdbx_auth_asym_id 
_struct_site.pdbx_auth_comp_id 
_struct_site.pdbx_auth_seq_id 
_struct_site.pdbx_auth_ins_code 
_struct_site.pdbx_num_residues 
_struct_site.details 
AC1 Software A BCO 201 ? 31 'binding site for residue BCO A 201' 
AC2 Software A EDO 202 ? 3  'binding site for residue EDO A 202' 
# 
loop_
_struct_site_gen.id 
_struct_site_gen.site_id 
_struct_site_gen.pdbx_num_res 
_struct_site_gen.label_comp_id 
_struct_site_gen.label_asym_id 
_struct_site_gen.label_seq_id 
_struct_site_gen.pdbx_auth_ins_code 
_struct_site_gen.auth_comp_id 
_struct_site_gen.auth_asym_id 
_struct_site_gen.auth_seq_id 
_struct_site_gen.label_atom_id 
_struct_site_gen.label_alt_id 
_struct_site_gen.symmetry 
_struct_site_gen.details 
1  AC1 31 HIS A 8   ? HIS A 8   . ? 6_555 ? 
2  AC1 31 ALA A 18  ? ALA A 18  . ? 6_555 ? 
3  AC1 31 ASN A 19  ? ASN A 19  . ? 6_555 ? 
4  AC1 31 ARG A 21  ? ARG A 21  . ? 6_555 ? 
5  AC1 31 TRP A 25  ? TRP A 25  . ? 6_555 ? 
6  AC1 31 GLN A 36  ? GLN A 36  . ? 1_555 ? 
7  AC1 31 LEU A 37  ? LEU A 37  . ? 1_555 ? 
8  AC1 31 MET A 40  ? MET A 40  . ? 1_555 ? 
9  AC1 31 VAL A 83  ? VAL A 83  . ? 1_555 ? 
10 AC1 31 CYS A 85  ? CYS A 85  . ? 1_555 ? 
11 AC1 31 ALA A 86  ? ALA A 86  . ? 1_555 ? 
12 AC1 31 VAL A 87  ? VAL A 87  . ? 1_555 ? 
13 AC1 31 GLN A 92  ? GLN A 92  . ? 1_555 ? 
14 AC1 31 VAL A 93  ? VAL A 93  . ? 1_555 ? 
15 AC1 31 LYS A 94  ? LYS A 94  . ? 1_555 ? 
16 AC1 31 GLY A 95  ? GLY A 95  . ? 1_555 ? 
17 AC1 31 GLY A 97  ? GLY A 97  . ? 1_555 ? 
18 AC1 31 THR A 98  ? THR A 98  . ? 1_555 ? 
19 AC1 31 THR A 118 ? THR A 118 . ? 1_555 ? 
20 AC1 31 TYR A 119 ? TYR A 119 . ? 1_555 ? 
21 AC1 31 ASP A 121 ? ASP A 121 . ? 1_555 ? 
22 AC1 31 TYR A 123 ? TYR A 123 . ? 1_555 ? 
23 AC1 31 GLY A 126 ? GLY A 126 . ? 1_555 ? 
24 AC1 31 TYR A 127 ? TYR A 127 . ? 1_555 ? 
25 AC1 31 LYS A 130 ? LYS A 130 . ? 1_555 ? 
26 AC1 31 HOH D .   ? HOH A 312 . ? 1_555 ? 
27 AC1 31 HOH D .   ? HOH A 315 . ? 1_555 ? 
28 AC1 31 HOH D .   ? HOH A 318 . ? 1_555 ? 
29 AC1 31 HOH D .   ? HOH A 349 . ? 1_555 ? 
30 AC1 31 HOH D .   ? HOH A 355 . ? 1_555 ? 
31 AC1 31 HOH D .   ? HOH A 356 . ? 6_555 ? 
32 AC2 3  ASN A 102 ? ASN A 102 . ? 1_555 ? 
33 AC2 3  LYS A 105 ? LYS A 105 . ? 1_555 ? 
34 AC2 3  ILE A 109 ? ILE A 109 . ? 1_555 ? 
# 
_atom_sites.entry_id                    5H86 
_atom_sites.fract_transf_matrix[1][1]   -0.00626313 
_atom_sites.fract_transf_matrix[1][2]   0.02643796 
_atom_sites.fract_transf_matrix[1][3]   0.01316672 
_atom_sites.fract_transf_matrix[2][1]   -0.02869141 
_atom_sites.fract_transf_matrix[2][2]   0.00793615 
_atom_sites.fract_transf_matrix[2][3]   0.00503160 
_atom_sites.fract_transf_matrix[3][1]   0.00019333 
_atom_sites.fract_transf_matrix[3][2]   -0.00234624 
_atom_sites.fract_transf_matrix[3][3]   0.00480308 
_atom_sites.fract_transf_vector[1]      0.190210 
_atom_sites.fract_transf_vector[2]      0.350449 
_atom_sites.fract_transf_vector[3]      0.001867 
# 
loop_
_atom_type.symbol 
C 
H 
N 
O 
P 
S 
# 
loop_
_atom_site.group_PDB 
_atom_site.id 
_atom_site.type_symbol 
_atom_site.label_atom_id 
_atom_site.label_alt_id 
_atom_site.label_comp_id 
_atom_site.label_asym_id 
_atom_site.label_entity_id 
_atom_site.label_seq_id 
_atom_site.pdbx_PDB_ins_code 
_atom_site.Cartn_x 
_atom_site.Cartn_y 
_atom_site.Cartn_z 
_atom_site.occupancy 
_atom_site.B_iso_or_equiv 
_atom_site.pdbx_formal_charge 
_atom_site.auth_seq_id 
_atom_site.auth_comp_id 
_atom_site.auth_asym_id 
_atom_site.auth_atom_id 
_atom_site.pdbx_PDB_model_num 
ATOM   1    N N   . SER A 1 2   ? 20.873  8.747   -9.559  1.00 43.29 ? 2   SER A N   1 
ATOM   2    C CA  . SER A 1 2   ? 21.058  9.437   -8.246  1.00 41.93 ? 2   SER A CA  1 
ATOM   3    C C   . SER A 1 2   ? 21.794  8.559   -7.244  1.00 40.70 ? 2   SER A C   1 
ATOM   4    O O   . SER A 1 2   ? 22.601  9.056   -6.461  1.00 41.74 ? 2   SER A O   1 
ATOM   5    C CB  . SER A 1 2   ? 19.710  9.862   -7.657  1.00 42.12 ? 2   SER A CB  1 
ATOM   6    O OG  . SER A 1 2   ? 18.961  8.740   -7.213  1.00 42.91 ? 2   SER A OG  1 
ATOM   7    N N   . GLY A 1 3   ? 21.506  7.258   -7.266  1.00 38.16 ? 3   GLY A N   1 
ATOM   8    C CA  . GLY A 1 3   ? 22.122  6.312   -6.346  1.00 36.68 ? 3   GLY A CA  1 
ATOM   9    C C   . GLY A 1 3   ? 21.570  6.407   -4.934  1.00 35.23 ? 3   GLY A C   1 
ATOM   10   O O   . GLY A 1 3   ? 22.255  6.046   -3.982  1.00 37.14 ? 3   GLY A O   1 
ATOM   11   N N   . ILE A 1 4   ? 20.343  6.907   -4.795  1.00 31.65 ? 4   ILE A N   1 
ATOM   12   C CA  . ILE A 1 4   ? 19.658  6.964   -3.500  1.00 29.90 ? 4   ILE A CA  1 
ATOM   13   C C   . ILE A 1 4   ? 18.225  6.457   -3.670  1.00 27.45 ? 4   ILE A C   1 
ATOM   14   O O   . ILE A 1 4   ? 17.684  6.493   -4.776  1.00 26.29 ? 4   ILE A O   1 
ATOM   15   C CB  . ILE A 1 4   ? 19.633  8.396   -2.923  1.00 30.65 ? 4   ILE A CB  1 
ATOM   16   C CG1 . ILE A 1 4   ? 18.782  9.323   -3.794  1.00 32.36 ? 4   ILE A CG1 1 
ATOM   17   C CG2 . ILE A 1 4   ? 21.050  8.952   -2.804  1.00 30.89 ? 4   ILE A CG2 1 
ATOM   18   C CD1 . ILE A 1 4   ? 18.628  10.720  -3.232  1.00 33.59 ? 4   ILE A CD1 1 
ATOM   19   N N   . ILE A 1 5   ? 17.603  5.992   -2.590  1.00 24.80 ? 5   ILE A N   1 
ATOM   20   C CA  . ILE A 1 5   ? 16.206  5.554   -2.680  1.00 23.83 ? 5   ILE A CA  1 
ATOM   21   C C   . ILE A 1 5   ? 15.302  6.684   -3.170  1.00 22.73 ? 5   ILE A C   1 
ATOM   22   O O   . ILE A 1 5   ? 15.563  7.865   -2.914  1.00 22.29 ? 5   ILE A O   1 
ATOM   23   C CB  . ILE A 1 5   ? 15.648  4.999   -1.353  1.00 23.72 ? 5   ILE A CB  1 
ATOM   24   C CG1 . ILE A 1 5   ? 15.774  6.030   -0.222  1.00 23.99 ? 5   ILE A CG1 1 
ATOM   25   C CG2 . ILE A 1 5   ? 16.331  3.685   -1.020  1.00 23.59 ? 5   ILE A CG2 1 
ATOM   26   C CD1 . ILE A 1 5   ? 14.879  5.750   0.964   1.00 24.43 ? 5   ILE A CD1 1 
ATOM   27   N N   . GLU A 1 6   ? 14.260  6.306   -3.904  1.00 21.80 ? 6   GLU A N   1 
ATOM   28   C CA  . GLU A 1 6   ? 13.270  7.256   -4.384  1.00 21.31 ? 6   GLU A CA  1 
ATOM   29   C C   . GLU A 1 6   ? 11.861  6.699   -4.214  1.00 19.97 ? 6   GLU A C   1 
ATOM   30   O O   . GLU A 1 6   ? 11.616  5.515   -4.471  1.00 19.96 ? 6   GLU A O   1 
ATOM   31   C CB  . GLU A 1 6   ? 13.519  7.580   -5.852  1.00 21.73 ? 6   GLU A CB  1 
ATOM   32   C CG  . GLU A 1 6   ? 14.859  8.253   -6.102  1.00 22.61 ? 6   GLU A CG  1 
ATOM   33   C CD  . GLU A 1 6   ? 15.038  8.693   -7.538  1.00 23.49 ? 6   GLU A CD  1 
ATOM   34   O OE1 . GLU A 1 6   ? 14.207  8.323   -8.396  1.00 23.36 ? 6   GLU A OE1 1 
ATOM   35   O OE2 . GLU A 1 6   ? 16.024  9.407   -7.808  1.00 25.26 ? 6   GLU A OE2 1 
ATOM   36   N N   . PHE A 1 7   ? 10.978  7.595   -3.785  1.00 18.51 ? 7   PHE A N   1 
ATOM   37   C CA  . PHE A 1 7   ? 9.560   7.337   -3.669  1.00 17.86 ? 7   PHE A CA  1 
ATOM   38   C C   . PHE A 1 7   ? 8.847   7.971   -4.857  1.00 17.24 ? 7   PHE A C   1 
ATOM   39   O O   . PHE A 1 7   ? 8.904   9.172   -5.089  1.00 16.89 ? 7   PHE A O   1 
ATOM   40   C CB  . PHE A 1 7   ? 8.999   7.928   -2.372  1.00 17.81 ? 7   PHE A CB  1 
ATOM   41   C CG  . PHE A 1 7   ? 9.467   7.234   -1.124  1.00 18.04 ? 7   PHE A CG  1 
ATOM   42   C CD1 . PHE A 1 7   ? 8.920   6.022   -0.743  1.00 18.15 ? 7   PHE A CD1 1 
ATOM   43   C CD2 . PHE A 1 7   ? 10.440  7.804   -0.324  1.00 18.47 ? 7   PHE A CD2 1 
ATOM   44   C CE1 . PHE A 1 7   ? 9.344   5.386   0.407   1.00 18.46 ? 7   PHE A CE1 1 
ATOM   45   C CE2 . PHE A 1 7   ? 10.868  7.173   0.827   1.00 19.01 ? 7   PHE A CE2 1 
ATOM   46   C CZ  . PHE A 1 7   ? 10.317  5.962   1.194   1.00 18.59 ? 7   PHE A CZ  1 
ATOM   47   N N   . HIS A 1 8   ? 8.196   7.081   -5.609  1.00 30.00 ? 8   HIS A N   1 
ATOM   48   C CA  . HIS A 1 8   ? 7.303   7.413   -6.698  1.00 30.00 ? 8   HIS A CA  1 
ATOM   49   C C   . HIS A 1 8   ? 5.949   6.780   -6.506  1.00 30.00 ? 8   HIS A C   1 
ATOM   50   O O   . HIS A 1 8   ? 5.829   5.549   -6.341  1.00 30.00 ? 8   HIS A O   1 
ATOM   51   C CB  . HIS A 1 8   ? 7.873   6.930   -8.030  1.00 20.00 ? 8   HIS A CB  1 
ATOM   52   C CG  . HIS A 1 8   ? 9.236   7.485   -8.361  1.00 20.00 ? 8   HIS A CG  1 
ATOM   53   N ND1 . HIS A 1 8   ? 9.406   8.542   -9.167  1.00 20.00 ? 8   HIS A ND1 1 
ATOM   54   C CD2 . HIS A 1 8   ? 10.506  7.078   -7.975  1.00 20.00 ? 8   HIS A CD2 1 
ATOM   55   C CE1 . HIS A 1 8   ? 10.716  8.806   -9.288  1.00 20.00 ? 8   HIS A CE1 1 
ATOM   56   N NE2 . HIS A 1 8   ? 11.387  7.910   -8.557  1.00 20.00 ? 8   HIS A NE2 1 
ATOM   57   N N   . VAL A 1 9   ? 4.913   7.603   -6.564  1.00 15.54 ? 9   VAL A N   1 
ATOM   58   C CA  . VAL A 1 9   ? 3.526   7.163   -6.639  1.00 15.00 ? 9   VAL A CA  1 
ATOM   59   C C   . VAL A 1 9   ? 3.166   6.995   -8.111  1.00 14.71 ? 9   VAL A C   1 
ATOM   60   O O   . VAL A 1 9   ? 3.135   7.959   -8.861  1.00 14.67 ? 9   VAL A O   1 
ATOM   61   C CB  . VAL A 1 9   ? 2.545   8.152   -5.990  1.00 14.89 ? 9   VAL A CB  1 
ATOM   62   C CG1 . VAL A 1 9   ? 1.113   7.711   -6.231  1.00 15.07 ? 9   VAL A CG1 1 
ATOM   63   C CG2 . VAL A 1 9   ? 2.825   8.340   -4.507  1.00 14.87 ? 9   VAL A CG2 1 
ATOM   64   N N   . ILE A 1 10  ? 2.906   5.760   -8.510  1.00 14.44 ? 10  ILE A N   1 
ATOM   65   C CA  . ILE A 1 10  ? 2.671   5.438   -9.911  1.00 14.39 ? 10  ILE A CA  1 
ATOM   66   C C   . ILE A 1 10  ? 1.444   4.552   -10.074 1.00 14.73 ? 10  ILE A C   1 
ATOM   67   O O   . ILE A 1 10  ? 0.842   4.112   -9.094  1.00 14.74 ? 10  ILE A O   1 
ATOM   68   C CB  . ILE A 1 10  ? 3.907   4.759   -10.547 1.00 14.23 ? 10  ILE A CB  1 
ATOM   69   C CG1 . ILE A 1 10  ? 4.316   3.506   -9.761  1.00 14.02 ? 10  ILE A CG1 1 
ATOM   70   C CG2 . ILE A 1 10  ? 5.054   5.753   -10.636 1.00 14.12 ? 10  ILE A CG2 1 
ATOM   71   C CD1 . ILE A 1 10  ? 5.421   2.700   -10.408 1.00 14.08 ? 10  ILE A CD1 1 
ATOM   72   N N   . GLY A 1 11  ? 1.079   4.305   -11.324 1.00 15.01 ? 11  GLY A N   1 
ATOM   73   C CA  . GLY A 1 11  ? -0.006  3.394   -11.637 1.00 15.33 ? 11  GLY A CA  1 
ATOM   74   C C   . GLY A 1 11  ? -0.307  3.417   -13.119 1.00 15.89 ? 11  GLY A C   1 
ATOM   75   O O   . GLY A 1 11  ? 0.471   3.940   -13.912 1.00 15.12 ? 11  GLY A O   1 
ATOM   76   N N   . ASN A 1 12  ? -1.450  2.835   -13.477 1.00 16.92 ? 12  ASN A N   1 
ATOM   77   C CA  . ASN A 1 12  ? -1.985  2.879   -14.832 1.00 17.46 ? 12  ASN A CA  1 
ATOM   78   C C   . ASN A 1 12  ? -3.174  3.833   -14.900 1.00 18.21 ? 12  ASN A C   1 
ATOM   79   O O   . ASN A 1 12  ? -4.257  3.516   -14.429 1.00 18.64 ? 12  ASN A O   1 
ATOM   80   C CB  . ASN A 1 12  ? -2.423  1.472   -15.255 1.00 17.61 ? 12  ASN A CB  1 
ATOM   81   C CG  . ASN A 1 12  ? -3.220  1.463   -16.548 1.00 17.91 ? 12  ASN A CG  1 
ATOM   82   O OD1 . ASN A 1 12  ? -3.070  2.341   -17.381 1.00 17.81 ? 12  ASN A OD1 1 
ATOM   83   N ND2 . ASN A 1 12  ? -4.064  0.455   -16.717 1.00 17.64 ? 12  ASN A ND2 1 
ATOM   84   N N   . SER A 1 13  ? -2.942  5.034   -15.416 1.00 18.78 ? 13  SER A N   1 
ATOM   85   C CA  . SER A 1 13  ? -4.010  6.020   -15.568 1.00 19.55 ? 13  SER A CA  1 
ATOM   86   C C   . SER A 1 13  ? -5.082  5.609   -16.581 1.00 20.02 ? 13  SER A C   1 
ATOM   87   O O   . SER A 1 13  ? -6.269  5.824   -16.365 1.00 20.57 ? 13  SER A O   1 
ATOM   88   C CB  . SER A 1 13  ? -3.431  7.391   -15.924 1.00 19.80 ? 13  SER A CB  1 
ATOM   89   O OG  . SER A 1 13  ? -3.023  7.439   -17.277 1.00 20.92 ? 13  SER A OG  1 
ATOM   90   N N   . LEU A 1 14  ? -4.639  5.052   -17.703 1.00 30.00 ? 14  LEU A N   1 
ATOM   91   C CA  . LEU A 1 14  ? -5.530  4.580   -18.759 1.00 30.00 ? 14  LEU A CA  1 
ATOM   92   C C   . LEU A 1 14  ? -4.995  3.275   -19.340 1.00 30.00 ? 14  LEU A C   1 
ATOM   93   O O   . LEU A 1 14  ? -5.607  2.219   -19.215 1.00 30.00 ? 14  LEU A O   1 
ATOM   94   C CB  . LEU A 1 14  ? -5.683  5.649   -19.844 1.00 20.00 ? 14  LEU A CB  1 
ATOM   95   C CG  . LEU A 1 14  ? -6.629  5.399   -21.019 1.00 20.00 ? 14  LEU A CG  1 
ATOM   96   C CD1 . LEU A 1 14  ? -5.940  4.563   -22.082 1.00 20.00 ? 14  LEU A CD1 1 
ATOM   97   C CD2 . LEU A 1 14  ? -7.924  4.744   -20.569 1.00 20.00 ? 14  LEU A CD2 1 
ATOM   98   N N   . THR A 1 15  ? -3.843  3.382   -19.993 1.00 30.00 ? 15  THR A N   1 
ATOM   99   C CA  . THR A 1 15  ? -3.080  2.237   -20.470 1.00 30.00 ? 15  THR A CA  1 
ATOM   100  C C   . THR A 1 15  ? -1.638  2.378   -19.989 1.00 30.00 ? 15  THR A C   1 
ATOM   101  O O   . THR A 1 15  ? -1.103  3.479   -19.956 1.00 30.00 ? 15  THR A O   1 
ATOM   102  C CB  . THR A 1 15  ? -3.096  2.147   -22.005 1.00 20.00 ? 15  THR A CB  1 
ATOM   103  O OG1 . THR A 1 15  ? -2.519  0.905   -22.418 1.00 20.00 ? 15  THR A OG1 1 
ATOM   104  C CG2 . THR A 1 15  ? -2.305  3.294   -22.614 1.00 20.00 ? 15  THR A CG2 1 
ATOM   105  N N   . PRO A 1 16  ? -1.012  1.269   -19.610 1.00 20.39 ? 16  PRO A N   1 
ATOM   106  C CA  . PRO A 1 16  ? 0.351   1.305   -19.072 1.00 21.02 ? 16  PRO A CA  1 
ATOM   107  C C   . PRO A 1 16  ? 1.445   1.387   -20.144 1.00 21.76 ? 16  PRO A C   1 
ATOM   108  O O   . PRO A 1 16  ? 2.612   1.475   -19.811 1.00 21.27 ? 16  PRO A O   1 
ATOM   109  C CB  . PRO A 1 16  ? 0.449   -0.018  -18.317 1.00 20.76 ? 16  PRO A CB  1 
ATOM   110  C CG  . PRO A 1 16  ? -0.424  -0.937  -19.098 1.00 20.58 ? 16  PRO A CG  1 
ATOM   111  C CD  . PRO A 1 16  ? -1.542  -0.103  -19.664 1.00 20.43 ? 16  PRO A CD  1 
ATOM   112  N N   . LYS A 1 17  ? 1.058   1.368   -21.407 1.00 23.12 ? 17  LYS A N   1 
ATOM   113  C CA  . LYS A 1 17  ? 2.034   1.295   -22.509 1.00 24.20 ? 17  LYS A CA  1 
ATOM   114  C C   . LYS A 1 17  ? 2.684   2.628   -22.839 1.00 22.51 ? 17  LYS A C   1 
ATOM   115  O O   . LYS A 1 17  ? 3.734   2.654   -23.472 1.00 23.62 ? 17  LYS A O   1 
ATOM   116  C CB  . LYS A 1 17  ? 1.359   0.735   -23.762 1.00 20.00 ? 17  LYS A CB  1 
ATOM   117  N N   . ALA A 1 18  ? 2.040   3.721   -22.439 1.00 20.44 ? 18  ALA A N   1 
ATOM   118  C CA  . ALA A 1 18  ? 2.464   5.074   -22.812 1.00 19.48 ? 18  ALA A CA  1 
ATOM   119  C C   . ALA A 1 18  ? 3.771   5.526   -22.145 1.00 18.65 ? 18  ALA A C   1 
ATOM   120  O O   . ALA A 1 18  ? 4.537   6.285   -22.734 1.00 18.30 ? 18  ALA A O   1 
ATOM   121  C CB  . ALA A 1 18  ? 1.352   6.060   -22.501 1.00 19.56 ? 18  ALA A CB  1 
ATOM   122  N N   . ASN A 1 19  ? 4.008   5.066   -20.919 1.00 17.72 ? 19  ASN A N   1 
ATOM   123  C CA  . ASN A 1 19  ? 5.238   5.349   -20.186 1.00 17.05 ? 19  ASN A CA  1 
ATOM   124  C C   . ASN A 1 19  ? 5.918   4.031   -19.787 1.00 17.63 ? 19  ASN A C   1 
ATOM   125  O O   . ASN A 1 19  ? 5.510   3.379   -18.827 1.00 16.64 ? 19  ASN A O   1 
ATOM   126  C CB  . ASN A 1 19  ? 4.912   6.209   -18.958 1.00 16.51 ? 19  ASN A CB  1 
ATOM   127  C CG  . ASN A 1 19  ? 6.146   6.628   -18.178 1.00 16.03 ? 19  ASN A CG  1 
ATOM   128  O OD1 . ASN A 1 19  ? 7.158   5.925   -18.150 1.00 15.78 ? 19  ASN A OD1 1 
ATOM   129  N ND2 . ASN A 1 19  ? 6.063   7.783   -17.533 1.00 15.66 ? 19  ASN A ND2 1 
ATOM   130  N N   . ARG A 1 20  ? 6.966   3.662   -20.529 1.00 18.65 ? 20  ARG A N   1 
ATOM   131  C CA  . ARG A 1 20  ? 7.623   2.355   -20.376 1.00 20.35 ? 20  ARG A CA  1 
ATOM   132  C C   . ARG A 1 20  ? 8.422   2.219   -19.081 1.00 19.51 ? 20  ARG A C   1 
ATOM   133  O O   . ARG A 1 20  ? 8.607   1.114   -18.590 1.00 19.10 ? 20  ARG A O   1 
ATOM   134  C CB  . ARG A 1 20  ? 8.570   2.057   -21.549 1.00 21.69 ? 20  ARG A CB  1 
ATOM   135  C CG  . ARG A 1 20  ? 8.008   2.315   -22.935 1.00 23.71 ? 20  ARG A CG  1 
ATOM   136  C CD  . ARG A 1 20  ? 6.709   1.578   -23.188 1.00 25.19 ? 20  ARG A CD  1 
ATOM   137  N NE  . ARG A 1 20  ? 6.924   0.145   -23.341 1.00 27.15 ? 20  ARG A NE  1 
ATOM   138  C CZ  . ARG A 1 20  ? 5.997   -0.707  -23.772 1.00 28.49 ? 20  ARG A CZ  1 
ATOM   139  N NH1 . ARG A 1 20  ? 4.779   -0.276  -24.098 1.00 28.97 ? 20  ARG A NH1 1 
ATOM   140  N NH2 . ARG A 1 20  ? 6.292   -1.998  -23.876 1.00 28.64 ? 20  ARG A NH2 1 
ATOM   141  N N   . ARG A 1 21  ? 8.933   3.335   -18.569 1.00 19.71 ? 21  ARG A N   1 
ATOM   142  C CA  . ARG A 1 21  ? 9.625   3.352   -17.281 1.00 20.39 ? 21  ARG A CA  1 
ATOM   143  C C   . ARG A 1 21  ? 8.631   2.993   -16.166 1.00 19.17 ? 21  ARG A C   1 
ATOM   144  O O   . ARG A 1 21  ? 8.910   2.142   -15.320 1.00 18.74 ? 21  ARG A O   1 
ATOM   145  C CB  . ARG A 1 21  ? 10.252  4.728   -17.042 1.00 21.79 ? 21  ARG A CB  1 
ATOM   146  C CG  . ARG A 1 21  ? 11.006  4.901   -15.731 1.00 24.08 ? 21  ARG A CG  1 
ATOM   147  C CD  . ARG A 1 21  ? 12.280  4.062   -15.659 1.00 25.94 ? 21  ARG A CD  1 
ATOM   148  N NE  . ARG A 1 21  ? 11.994  2.652   -15.384 1.00 28.71 ? 21  ARG A NE  1 
ATOM   149  C CZ  . ARG A 1 21  ? 12.917  1.721   -15.152 1.00 30.86 ? 21  ARG A CZ  1 
ATOM   150  N NH1 . ARG A 1 21  ? 14.210  2.034   -15.129 1.00 32.36 ? 21  ARG A NH1 1 
ATOM   151  N NH2 . ARG A 1 21  ? 12.539  0.466   -14.920 1.00 31.68 ? 21  ARG A NH2 1 
ATOM   152  N N   . VAL A 1 22  ? 7.470   3.642   -16.179 1.00 17.82 ? 22  VAL A N   1 
ATOM   153  C CA  . VAL A 1 22  ? 6.402   3.330   -15.225 1.00 17.05 ? 22  VAL A CA  1 
ATOM   154  C C   . VAL A 1 22  ? 5.920   1.886   -15.395 1.00 16.75 ? 22  VAL A C   1 
ATOM   155  O O   . VAL A 1 22  ? 5.710   1.193   -14.406 1.00 16.00 ? 22  VAL A O   1 
ATOM   156  C CB  . VAL A 1 22  ? 5.229   4.327   -15.348 1.00 16.65 ? 22  VAL A CB  1 
ATOM   157  C CG1 . VAL A 1 22  ? 3.990   3.844   -14.599 1.00 16.46 ? 22  VAL A CG1 1 
ATOM   158  C CG2 . VAL A 1 22  ? 5.676   5.690   -14.834 1.00 16.86 ? 22  VAL A CG2 1 
ATOM   159  N N   . LEU A 1 23  ? 5.748   1.445   -16.643 1.00 16.87 ? 23  LEU A N   1 
ATOM   160  C CA  . LEU A 1 23  ? 5.357   0.059   -16.932 1.00 17.28 ? 23  LEU A CA  1 
ATOM   161  C C   . LEU A 1 23  ? 6.354   -0.940  -16.343 1.00 17.08 ? 23  LEU A C   1 
ATOM   162  O O   . LEU A 1 23  ? 5.968   -1.890  -15.664 1.00 17.01 ? 23  LEU A O   1 
ATOM   163  C CB  . LEU A 1 23  ? 5.230   -0.153  -18.442 1.00 17.89 ? 23  LEU A CB  1 
ATOM   164  C CG  . LEU A 1 23  ? 5.002   -1.578  -18.962 1.00 18.70 ? 23  LEU A CG  1 
ATOM   165  C CD1 . LEU A 1 23  ? 3.833   -2.264  -18.272 1.00 18.92 ? 23  LEU A CD1 1 
ATOM   166  C CD2 . LEU A 1 23  ? 4.779   -1.538  -20.470 1.00 18.87 ? 23  LEU A CD2 1 
ATOM   167  N N   . LEU A 1 24  ? 7.641   -0.727  -16.596 1.00 17.22 ? 24  LEU A N   1 
ATOM   168  C CA  . LEU A 1 24  ? 8.669   -1.611  -16.038 1.00 17.59 ? 24  LEU A CA  1 
ATOM   169  C C   . LEU A 1 24  ? 8.621   -1.632  -14.499 1.00 17.11 ? 24  LEU A C   1 
ATOM   170  O O   . LEU A 1 24  ? 8.724   -2.696  -13.883 1.00 16.43 ? 24  LEU A O   1 
ATOM   171  C CB  . LEU A 1 24  ? 10.056  -1.219  -16.543 1.00 18.17 ? 24  LEU A CB  1 
ATOM   172  C CG  . LEU A 1 24  ? 10.297  -1.529  -18.026 1.00 18.86 ? 24  LEU A CG  1 
ATOM   173  C CD1 . LEU A 1 24  ? 11.510  -0.756  -18.524 1.00 19.49 ? 24  LEU A CD1 1 
ATOM   174  C CD2 . LEU A 1 24  ? 10.473  -3.026  -18.270 1.00 18.86 ? 24  LEU A CD2 1 
ATOM   175  N N   . TRP A 1 25  ? 8.437   -0.465  -13.891 1.00 16.42 ? 25  TRP A N   1 
ATOM   176  C CA  . TRP A 1 25  ? 8.258   -0.390  -12.440 1.00 16.30 ? 25  TRP A CA  1 
ATOM   177  C C   . TRP A 1 25  ? 6.994   -1.108  -11.960 1.00 15.62 ? 25  TRP A C   1 
ATOM   178  O O   . TRP A 1 25  ? 7.009   -1.727  -10.899 1.00 15.34 ? 25  TRP A O   1 
ATOM   179  C CB  . TRP A 1 25  ? 8.249   1.064   -11.958 1.00 16.36 ? 25  TRP A CB  1 
ATOM   180  C CG  . TRP A 1 25  ? 9.589   1.743   -12.001 1.00 16.52 ? 25  TRP A CG  1 
ATOM   181  C CD1 . TRP A 1 25  ? 10.820  1.149   -12.024 1.00 16.82 ? 25  TRP A CD1 1 
ATOM   182  C CD2 . TRP A 1 25  ? 9.833   3.160   -11.976 1.00 16.55 ? 25  TRP A CD2 1 
ATOM   183  N NE1 . TRP A 1 25  ? 11.811  2.105   -12.039 1.00 16.72 ? 25  TRP A NE1 1 
ATOM   184  C CE2 . TRP A 1 25  ? 11.233  3.347   -12.011 1.00 16.63 ? 25  TRP A CE2 1 
ATOM   185  C CE3 . TRP A 1 25  ? 9.002   4.288   -11.945 1.00 16.43 ? 25  TRP A CE3 1 
ATOM   186  C CZ2 . TRP A 1 25  ? 11.821  4.615   -12.006 1.00 16.66 ? 25  TRP A CZ2 1 
ATOM   187  C CZ3 . TRP A 1 25  ? 9.591   5.551   -11.936 1.00 16.67 ? 25  TRP A CZ3 1 
ATOM   188  C CH2 . TRP A 1 25  ? 10.985  5.700   -11.969 1.00 16.57 ? 25  TRP A CH2 1 
ATOM   189  N N   . LEU A 1 26  ? 5.906   -1.037  -12.725 1.00 15.42 ? 26  LEU A N   1 
ATOM   190  C CA  . LEU A 1 26  ? 4.659   -1.717  -12.320 1.00 15.41 ? 26  LEU A CA  1 
ATOM   191  C C   . LEU A 1 26  ? 4.821   -3.248  -12.364 1.00 15.47 ? 26  LEU A C   1 
ATOM   192  O O   . LEU A 1 26  ? 4.333   -3.963  -11.475 1.00 14.82 ? 26  LEU A O   1 
ATOM   193  C CB  . LEU A 1 26  ? 3.468   -1.268  -13.181 1.00 15.32 ? 26  LEU A CB  1 
ATOM   194  C CG  . LEU A 1 26  ? 2.929   0.155   -12.952 1.00 15.26 ? 26  LEU A CG  1 
ATOM   195  C CD1 . LEU A 1 26  ? 1.972   0.547   -14.064 1.00 15.52 ? 26  LEU A CD1 1 
ATOM   196  C CD2 . LEU A 1 26  ? 2.234   0.301   -11.610 1.00 15.38 ? 26  LEU A CD2 1 
ATOM   197  N N   . VAL A 1 27  ? 5.513   -3.735  -13.397 1.00 15.58 ? 27  VAL A N   1 
ATOM   198  C CA  . VAL A 1 27  ? 5.859   -5.158  -13.508 1.00 15.76 ? 27  VAL A CA  1 
ATOM   199  C C   . VAL A 1 27  ? 6.736   -5.576  -12.328 1.00 15.47 ? 27  VAL A C   1 
ATOM   200  O O   . VAL A 1 27  ? 6.494   -6.611  -11.718 1.00 15.55 ? 27  VAL A O   1 
ATOM   201  C CB  . VAL A 1 27  ? 6.564   -5.480  -14.852 1.00 16.07 ? 27  VAL A CB  1 
ATOM   202  C CG1 . VAL A 1 27  ? 7.137   -6.896  -14.858 1.00 16.29 ? 27  VAL A CG1 1 
ATOM   203  C CG2 . VAL A 1 27  ? 5.584   -5.307  -16.011 1.00 16.30 ? 27  VAL A CG2 1 
ATOM   204  N N   . GLY A 1 28  ? 7.744   -4.764  -12.015 1.00 15.29 ? 28  GLY A N   1 
ATOM   205  C CA  . GLY A 1 28  ? 8.588   -4.984  -10.842 1.00 15.29 ? 28  GLY A CA  1 
ATOM   206  C C   . GLY A 1 28  ? 7.766   -5.079  -9.565  1.00 15.45 ? 28  GLY A C   1 
ATOM   207  O O   . GLY A 1 28  ? 7.968   -5.977  -8.754  1.00 15.44 ? 28  GLY A O   1 
ATOM   208  N N   . LEU A 1 29  ? 6.824   -4.155  -9.390  1.00 15.56 ? 29  LEU A N   1 
ATOM   209  C CA  . LEU A 1 29  ? 5.928   -4.187  -8.230  1.00 15.69 ? 29  LEU A CA  1 
ATOM   210  C C   . LEU A 1 29  ? 5.099   -5.467  -8.189  1.00 16.03 ? 29  LEU A C   1 
ATOM   211  O O   . LEU A 1 29  ? 4.995   -6.115  -7.151  1.00 15.50 ? 29  LEU A O   1 
ATOM   212  C CB  . LEU A 1 29  ? 5.005   -2.965  -8.231  1.00 15.49 ? 29  LEU A CB  1 
ATOM   213  C CG  . LEU A 1 29  ? 5.694   -1.671  -7.807  1.00 15.30 ? 29  LEU A CG  1 
ATOM   214  C CD1 . LEU A 1 29  ? 4.863   -0.474  -8.250  1.00 15.29 ? 29  LEU A CD1 1 
ATOM   215  C CD2 . LEU A 1 29  ? 5.921   -1.652  -6.298  1.00 15.25 ? 29  LEU A CD2 1 
ATOM   216  N N   . GLN A 1 30  ? 4.523   -5.822  -9.329  1.00 17.17 ? 30  GLN A N   1 
ATOM   217  C CA  . GLN A 1 30  ? 3.738   -7.042  -9.468  1.00 18.33 ? 30  GLN A CA  1 
ATOM   218  C C   . GLN A 1 30  ? 4.544   -8.273  -9.062  1.00 18.37 ? 30  GLN A C   1 
ATOM   219  O O   . GLN A 1 30  ? 4.033   -9.169  -8.383  1.00 18.09 ? 30  GLN A O   1 
ATOM   220  C CB  . GLN A 1 30  ? 3.255   -7.171  -10.909 1.00 19.45 ? 30  GLN A CB  1 
ATOM   221  C CG  . GLN A 1 30  ? 2.741   -8.543  -11.299 1.00 20.76 ? 30  GLN A CG  1 
ATOM   222  C CD  . GLN A 1 30  ? 2.356   -8.595  -12.757 1.00 22.22 ? 30  GLN A CD  1 
ATOM   223  O OE1 . GLN A 1 30  ? 1.891   -7.608  -13.326 1.00 23.10 ? 30  GLN A OE1 1 
ATOM   224  N NE2 . GLN A 1 30  ? 2.555   -9.748  -13.378 1.00 23.71 ? 30  GLN A NE2 1 
ATOM   225  N N   . ASN A 1 31  ? 5.803   -8.298  -9.481  1.00 18.48 ? 31  ASN A N   1 
ATOM   226  C CA  . ASN A 1 31  ? 6.708   -9.382  -9.138  1.00 18.95 ? 31  ASN A CA  1 
ATOM   227  C C   . ASN A 1 31  ? 7.124   -9.354  -7.657  1.00 18.64 ? 31  ASN A C   1 
ATOM   228  O O   . ASN A 1 31  ? 7.153   -10.399 -7.013  1.00 18.62 ? 31  ASN A O   1 
ATOM   229  C CB  . ASN A 1 31  ? 7.928   -9.363  -10.061 1.00 19.66 ? 31  ASN A CB  1 
ATOM   230  C CG  . ASN A 1 31  ? 7.581   -9.703  -11.510 1.00 20.64 ? 31  ASN A CG  1 
ATOM   231  O OD1 . ASN A 1 31  ? 6.548   -10.326 -11.798 1.00 21.93 ? 31  ASN A OD1 1 
ATOM   232  N ND2 . ASN A 1 31  ? 8.445   -9.294  -12.431 1.00 20.77 ? 31  ASN A ND2 1 
ATOM   233  N N   . VAL A 1 32  ? 7.420   -8.172  -7.114  1.00 18.27 ? 32  VAL A N   1 
ATOM   234  C CA  . VAL A 1 32  ? 7.706   -8.048  -5.675  1.00 18.30 ? 32  VAL A CA  1 
ATOM   235  C C   . VAL A 1 32  ? 6.505   -8.485  -4.834  1.00 17.84 ? 32  VAL A C   1 
ATOM   236  O O   . VAL A 1 32  ? 6.668   -9.239  -3.878  1.00 17.81 ? 32  VAL A O   1 
ATOM   237  C CB  . VAL A 1 32  ? 8.145   -6.615  -5.278  1.00 18.65 ? 32  VAL A CB  1 
ATOM   238  C CG1 . VAL A 1 32  ? 8.097   -6.414  -3.766  1.00 19.05 ? 32  VAL A CG1 1 
ATOM   239  C CG2 . VAL A 1 32  ? 9.549   -6.337  -5.791  1.00 19.06 ? 32  VAL A CG2 1 
ATOM   240  N N   . PHE A 1 33  ? 5.303   -8.026  -5.190  1.00 17.34 ? 33  PHE A N   1 
ATOM   241  C CA  . PHE A 1 33  ? 4.099   -8.388  -4.440  1.00 17.28 ? 33  PHE A CA  1 
ATOM   242  C C   . PHE A 1 33  ? 3.848   -9.888  -4.528  1.00 18.04 ? 33  PHE A C   1 
ATOM   243  O O   . PHE A 1 33  ? 3.509   -10.524 -3.535  1.00 17.37 ? 33  PHE A O   1 
ATOM   244  C CB  . PHE A 1 33  ? 2.857   -7.626  -4.934  1.00 16.67 ? 33  PHE A CB  1 
ATOM   245  C CG  . PHE A 1 33  ? 2.843   -6.157  -4.587  1.00 16.24 ? 33  PHE A CG  1 
ATOM   246  C CD1 . PHE A 1 33  ? 3.326   -5.694  -3.368  1.00 15.88 ? 33  PHE A CD1 1 
ATOM   247  C CD2 . PHE A 1 33  ? 2.306   -5.236  -5.473  1.00 15.92 ? 33  PHE A CD2 1 
ATOM   248  C CE1 . PHE A 1 33  ? 3.291   -4.349  -3.062  1.00 15.66 ? 33  PHE A CE1 1 
ATOM   249  C CE2 . PHE A 1 33  ? 2.271   -3.885  -5.164  1.00 15.80 ? 33  PHE A CE2 1 
ATOM   250  C CZ  . PHE A 1 33  ? 2.766   -3.442  -3.960  1.00 15.51 ? 33  PHE A CZ  1 
ATOM   251  N N   . SER A 1 34  ? 4.032   -10.445 -5.722  1.00 19.16 ? 34  SER A N   1 
ATOM   252  C CA  . SER A 1 34  ? 3.822   -11.870 -5.939  1.00 20.06 ? 34  SER A CA  1 
ATOM   253  C C   . SER A 1 34  ? 4.810   -12.742 -5.164  1.00 20.57 ? 34  SER A C   1 
ATOM   254  O O   . SER A 1 34  ? 4.431   -13.781 -4.613  1.00 19.83 ? 34  SER A O   1 
ATOM   255  C CB  . SER A 1 34  ? 3.907   -12.200 -7.427  1.00 20.84 ? 34  SER A CB  1 
ATOM   256  O OG  . SER A 1 34  ? 3.722   -13.589 -7.612  1.00 22.85 ? 34  SER A OG  1 
ATOM   257  N N   . HIS A 1 35  ? 6.069   -12.321 -5.123  1.00 21.41 ? 35  HIS A N   1 
ATOM   258  C CA  . HIS A 1 35  ? 7.098   -13.076 -4.422  1.00 22.37 ? 35  HIS A CA  1 
ATOM   259  C C   . HIS A 1 35  ? 6.950   -12.989 -2.900  1.00 21.31 ? 35  HIS A C   1 
ATOM   260  O O   . HIS A 1 35  ? 7.192   -13.971 -2.202  1.00 20.22 ? 35  HIS A O   1 
ATOM   261  C CB  . HIS A 1 35  ? 8.501   -12.619 -4.854  1.00 24.49 ? 35  HIS A CB  1 
ATOM   262  C CG  . HIS A 1 35  ? 8.871   -13.026 -6.252  1.00 26.54 ? 35  HIS A CG  1 
ATOM   263  N ND1 . HIS A 1 35  ? 8.669   -14.299 -6.740  1.00 28.41 ? 35  HIS A ND1 1 
ATOM   264  C CD2 . HIS A 1 35  ? 9.453   -12.328 -7.258  1.00 27.97 ? 35  HIS A CD2 1 
ATOM   265  C CE1 . HIS A 1 35  ? 9.095   -14.365 -7.989  1.00 28.51 ? 35  HIS A CE1 1 
ATOM   266  N NE2 . HIS A 1 35  ? 9.574   -13.183 -8.329  1.00 28.68 ? 35  HIS A NE2 1 
ATOM   267  N N   . GLN A 1 36  ? 6.531   -11.829 -2.394  1.00 20.49 ? 36  GLN A N   1 
ATOM   268  C CA  . GLN A 1 36  ? 6.405   -11.606 -0.946  1.00 20.26 ? 36  GLN A CA  1 
ATOM   269  C C   . GLN A 1 36  ? 4.993   -11.893 -0.405  1.00 20.00 ? 36  GLN A C   1 
ATOM   270  O O   . GLN A 1 36  ? 4.803   -11.914 0.806   1.00 19.98 ? 36  GLN A O   1 
ATOM   271  C CB  . GLN A 1 36  ? 6.809   -10.172 -0.570  1.00 20.55 ? 36  GLN A CB  1 
ATOM   272  C CG  . GLN A 1 36  ? 8.119   -9.672  -1.176  1.00 20.99 ? 36  GLN A CG  1 
ATOM   273  C CD  . GLN A 1 36  ? 9.331   -10.480 -0.762  1.00 21.14 ? 36  GLN A CD  1 
ATOM   274  O OE1 . GLN A 1 36  ? 9.425   -10.954 0.360   1.00 21.84 ? 36  GLN A OE1 1 
ATOM   275  N NE2 . GLN A 1 36  ? 10.273  -10.628 -1.671  1.00 21.73 ? 36  GLN A NE2 1 
ATOM   276  N N   . LEU A 1 37  ? 4.014   -12.090 -1.290  1.00 20.07 ? 37  LEU A N   1 
ATOM   277  C CA  . LEU A 1 37  ? 2.666   -12.518 -0.903  1.00 20.48 ? 37  LEU A CA  1 
ATOM   278  C C   . LEU A 1 37  ? 2.350   -13.815 -1.656  1.00 20.20 ? 37  LEU A C   1 
ATOM   279  O O   . LEU A 1 37  ? 1.443   -13.855 -2.494  1.00 19.32 ? 37  LEU A O   1 
ATOM   280  C CB  . LEU A 1 37  ? 1.626   -11.429 -1.217  1.00 21.48 ? 37  LEU A CB  1 
ATOM   281  C CG  . LEU A 1 37  ? 1.835   -10.048 -0.574  1.00 22.77 ? 37  LEU A CG  1 
ATOM   282  C CD1 . LEU A 1 37  ? 1.003   -8.974  -1.251  1.00 23.56 ? 37  LEU A CD1 1 
ATOM   283  C CD2 . LEU A 1 37  ? 1.501   -10.082 0.898   1.00 23.49 ? 37  LEU A CD2 1 
ATOM   284  N N   . PRO A 1 38  ? 3.105   -14.886 -1.355  1.00 20.26 ? 38  PRO A N   1 
ATOM   285  C CA  . PRO A 1 38  ? 3.073   -16.075 -2.202  1.00 20.59 ? 38  PRO A CA  1 
ATOM   286  C C   . PRO A 1 38  ? 1.728   -16.815 -2.236  1.00 21.07 ? 38  PRO A C   1 
ATOM   287  O O   . PRO A 1 38  ? 1.492   -17.564 -3.177  1.00 20.37 ? 38  PRO A O   1 
ATOM   288  C CB  . PRO A 1 38  ? 4.181   -16.957 -1.613  1.00 20.79 ? 38  PRO A CB  1 
ATOM   289  C CG  . PRO A 1 38  ? 4.318   -16.515 -0.195  1.00 20.70 ? 38  PRO A CG  1 
ATOM   290  C CD  . PRO A 1 38  ? 4.020   -15.049 -0.208  1.00 20.29 ? 38  PRO A CD  1 
ATOM   291  N N   . ARG A 1 39  ? 0.856   -16.603 -1.248  1.00 21.55 ? 39  ARG A N   1 
ATOM   292  C CA  . ARG A 1 39  ? -0.482  -17.209 -1.276  1.00 22.69 ? 39  ARG A CA  1 
ATOM   293  C C   . ARG A 1 39  ? -1.499  -16.434 -2.132  1.00 23.62 ? 39  ARG A C   1 
ATOM   294  O O   . ARG A 1 39  ? -2.576  -16.962 -2.424  1.00 23.09 ? 39  ARG A O   1 
ATOM   295  C CB  . ARG A 1 39  ? -1.034  -17.396 0.134   1.00 23.31 ? 39  ARG A CB  1 
ATOM   296  C CG  . ARG A 1 39  ? -0.249  -18.378 0.988   1.00 23.61 ? 39  ARG A CG  1 
ATOM   297  C CD  . ARG A 1 39  ? -0.861  -18.487 2.376   1.00 24.43 ? 39  ARG A CD  1 
ATOM   298  N NE  . ARG A 1 39  ? -0.954  -17.190 3.050   1.00 24.68 ? 39  ARG A NE  1 
ATOM   299  C CZ  . ARG A 1 39  ? -1.704  -16.944 4.125   1.00 25.47 ? 39  ARG A CZ  1 
ATOM   300  N NH1 . ARG A 1 39  ? -2.440  -17.902 4.676   1.00 25.09 ? 39  ARG A NH1 1 
ATOM   301  N NH2 . ARG A 1 39  ? -1.719  -15.728 4.660   1.00 25.77 ? 39  ARG A NH2 1 
ATOM   302  N N   . MET A 1 40  ? -1.166  -15.202 -2.531  1.00 24.15 ? 40  MET A N   1 
ATOM   303  C CA  . MET A 1 40  ? -1.999  -14.440 -3.473  1.00 25.04 ? 40  MET A CA  1 
ATOM   304  C C   . MET A 1 40  ? -1.838  -15.001 -4.879  1.00 25.61 ? 40  MET A C   1 
ATOM   305  O O   . MET A 1 40  ? -0.714  -15.240 -5.306  1.00 26.63 ? 40  MET A O   1 
ATOM   306  C CB  . MET A 1 40  ? -1.580  -12.969 -3.531  1.00 25.27 ? 40  MET A CB  1 
ATOM   307  C CG  . MET A 1 40  ? -1.996  -12.139 -2.342  1.00 25.49 ? 40  MET A CG  1 
ATOM   308  S SD  . MET A 1 40  ? -3.773  -11.894 -2.242  1.00 25.00 ? 40  MET A SD  1 
ATOM   309  C CE  . MET A 1 40  ? -3.806  -10.849 -0.792  1.00 25.21 ? 40  MET A CE  1 
ATOM   310  N N   . PRO A 1 41  ? -2.953  -15.193 -5.612  1.00 26.06 ? 41  PRO A N   1 
ATOM   311  C CA  . PRO A 1 41  ? -2.826  -15.540 -7.034  1.00 25.72 ? 41  PRO A CA  1 
ATOM   312  C C   . PRO A 1 41  ? -2.140  -14.413 -7.798  1.00 26.05 ? 41  PRO A C   1 
ATOM   313  O O   . PRO A 1 41  ? -2.467  -13.244 -7.582  1.00 24.59 ? 41  PRO A O   1 
ATOM   314  C CB  . PRO A 1 41  ? -4.282  -15.699 -7.501  1.00 25.84 ? 41  PRO A CB  1 
ATOM   315  C CG  . PRO A 1 41  ? -5.080  -15.889 -6.256  1.00 25.71 ? 41  PRO A CG  1 
ATOM   316  C CD  . PRO A 1 41  ? -4.362  -15.125 -5.184  1.00 25.72 ? 41  PRO A CD  1 
ATOM   317  N N   . LYS A 1 42  ? -1.188  -14.755 -8.667  1.00 26.81 ? 42  LYS A N   1 
ATOM   318  C CA  . LYS A 1 42  ? -0.396  -13.736 -9.363  1.00 28.47 ? 42  LYS A CA  1 
ATOM   319  C C   . LYS A 1 42  ? -1.264  -12.887 -10.290 1.00 27.03 ? 42  LYS A C   1 
ATOM   320  O O   . LYS A 1 42  ? -1.007  -11.693 -10.456 1.00 27.00 ? 42  LYS A O   1 
ATOM   321  C CB  . LYS A 1 42  ? 0.733   -14.392 -10.160 1.00 20.00 ? 42  LYS A CB  1 
ATOM   322  N N   . GLU A 1 43  ? -2.292  -13.502 -10.872 1.00 26.37 ? 43  GLU A N   1 
ATOM   323  C CA  . GLU A 1 43  ? -3.203  -12.805 -11.786 1.00 26.67 ? 43  GLU A CA  1 
ATOM   324  C C   . GLU A 1 43  ? -4.061  -11.758 -11.070 1.00 24.45 ? 43  GLU A C   1 
ATOM   325  O O   . GLU A 1 43  ? -4.349  -10.702 -11.626 1.00 24.23 ? 43  GLU A O   1 
ATOM   326  C CB  . GLU A 1 43  ? -4.096  -13.804 -12.524 1.00 29.08 ? 43  GLU A CB  1 
ATOM   327  C CG  . GLU A 1 43  ? -4.972  -13.166 -13.592 1.00 32.06 ? 43  GLU A CG  1 
ATOM   328  C CD  . GLU A 1 43  ? -5.788  -14.167 -14.389 1.00 34.32 ? 43  GLU A CD  1 
ATOM   329  O OE1 . GLU A 1 43  ? -5.346  -15.328 -14.547 1.00 36.94 ? 43  GLU A OE1 1 
ATOM   330  O OE2 . GLU A 1 43  ? -6.877  -13.780 -14.866 1.00 36.30 ? 43  GLU A OE2 1 
ATOM   331  N N   . TYR A 1 44  ? -4.467  -12.066 -9.844  1.00 22.50 ? 44  TYR A N   1 
ATOM   332  C CA  . TYR A 1 44  ? -5.151  -11.116 -8.968  1.00 20.83 ? 44  TYR A CA  1 
ATOM   333  C C   . TYR A 1 44  ? -4.263  -9.892  -8.669  1.00 20.00 ? 44  TYR A C   1 
ATOM   334  O O   . TYR A 1 44  ? -4.706  -8.740  -8.752  1.00 19.30 ? 44  TYR A O   1 
ATOM   335  C CB  . TYR A 1 44  ? -5.541  -11.841 -7.673  1.00 20.54 ? 44  TYR A CB  1 
ATOM   336  C CG  . TYR A 1 44  ? -6.245  -11.002 -6.641  1.00 20.22 ? 44  TYR A CG  1 
ATOM   337  C CD1 . TYR A 1 44  ? -7.555  -10.584 -6.837  1.00 20.25 ? 44  TYR A CD1 1 
ATOM   338  C CD2 . TYR A 1 44  ? -5.613  -10.658 -5.446  1.00 20.32 ? 44  TYR A CD2 1 
ATOM   339  C CE1 . TYR A 1 44  ? -8.213  -9.822  -5.892  1.00 19.65 ? 44  TYR A CE1 1 
ATOM   340  C CE2 . TYR A 1 44  ? -6.262  -9.899  -4.490  1.00 19.82 ? 44  TYR A CE2 1 
ATOM   341  C CZ  . TYR A 1 44  ? -7.564  -9.487  -4.717  1.00 19.74 ? 44  TYR A CZ  1 
ATOM   342  O OH  . TYR A 1 44  ? -8.220  -8.736  -3.773  1.00 18.63 ? 44  TYR A OH  1 
ATOM   343  N N   . ILE A 1 45  ? -3.009  -10.149 -8.323  1.00 19.26 ? 45  ILE A N   1 
ATOM   344  C CA  . ILE A 1 45  ? -2.048  -9.074  -8.053  1.00 19.19 ? 45  ILE A CA  1 
ATOM   345  C C   . ILE A 1 45  ? -1.867  -8.200  -9.290  1.00 19.35 ? 45  ILE A C   1 
ATOM   346  O O   . ILE A 1 45  ? -1.936  -6.970  -9.205  1.00 18.93 ? 45  ILE A O   1 
ATOM   347  C CB  . ILE A 1 45  ? -0.685  -9.636  -7.579  1.00 19.11 ? 45  ILE A CB  1 
ATOM   348  C CG1 . ILE A 1 45  ? -0.845  -10.239 -6.173  1.00 19.12 ? 45  ILE A CG1 1 
ATOM   349  C CG2 . ILE A 1 45  ? 0.377   -8.536  -7.577  1.00 19.15 ? 45  ILE A CG2 1 
ATOM   350  C CD1 . ILE A 1 45  ? 0.340   -11.036 -5.671  1.00 19.13 ? 45  ILE A CD1 1 
ATOM   351  N N   . ALA A 1 46  ? -1.653  -8.847  -10.435 1.00 19.85 ? 46  ALA A N   1 
ATOM   352  C CA  . ALA A 1 46  ? -1.425  -8.155  -11.705 1.00 20.46 ? 46  ALA A CA  1 
ATOM   353  C C   . ALA A 1 46  ? -2.605  -7.275  -12.090 1.00 20.79 ? 46  ALA A C   1 
ATOM   354  O O   . ALA A 1 46  ? -2.427  -6.140  -12.505 1.00 20.79 ? 46  ALA A O   1 
ATOM   355  C CB  . ALA A 1 46  ? -1.149  -9.167  -12.810 1.00 20.54 ? 46  ALA A CB  1 
ATOM   356  N N   . ARG A 1 47  ? -3.815  -7.806  -11.947 1.00 21.37 ? 47  ARG A N   1 
ATOM   357  C CA  . ARG A 1 47  ? -5.017  -7.040  -12.238 1.00 21.84 ? 47  ARG A CA  1 
ATOM   358  C C   . ARG A 1 47  ? -5.118  -5.758  -11.398 1.00 20.81 ? 47  ARG A C   1 
ATOM   359  O O   . ARG A 1 47  ? -5.446  -4.687  -11.924 1.00 20.08 ? 47  ARG A O   1 
ATOM   360  C CB  . ARG A 1 47  ? -6.255  -7.907  -12.017 1.00 24.28 ? 47  ARG A CB  1 
ATOM   361  C CG  . ARG A 1 47  ? -7.559  -7.161  -12.237 1.00 26.96 ? 47  ARG A CG  1 
ATOM   362  C CD  . ARG A 1 47  ? -8.708  -8.105  -12.539 1.00 29.58 ? 47  ARG A CD  1 
ATOM   363  N NE  . ARG A 1 47  ? -8.892  -9.104  -11.490 1.00 31.69 ? 47  ARG A NE  1 
ATOM   364  C CZ  . ARG A 1 47  ? -9.492  -8.884  -10.320 1.00 34.04 ? 47  ARG A CZ  1 
ATOM   365  N NH1 . ARG A 1 47  ? -9.978  -7.682  -10.006 1.00 34.91 ? 47  ARG A NH1 1 
ATOM   366  N NH2 . ARG A 1 47  ? -9.605  -9.880  -9.447  1.00 35.64 ? 47  ARG A NH2 1 
ATOM   367  N N   . LEU A 1 48  ? -4.850  -5.862  -10.097 1.00 19.41 ? 48  LEU A N   1 
ATOM   368  C CA  . LEU A 1 48  ? -5.030  -4.719  -9.187  1.00 18.96 ? 48  LEU A CA  1 
ATOM   369  C C   . LEU A 1 48  ? -3.919  -3.679  -9.320  1.00 17.99 ? 48  LEU A C   1 
ATOM   370  O O   . LEU A 1 48  ? -4.180  -2.478  -9.283  1.00 18.25 ? 48  LEU A O   1 
ATOM   371  C CB  . LEU A 1 48  ? -5.159  -5.196  -7.735  1.00 19.06 ? 48  LEU A CB  1 
ATOM   372  C CG  . LEU A 1 48  ? -6.449  -5.955  -7.429  1.00 19.23 ? 48  LEU A CG  1 
ATOM   373  C CD1 . LEU A 1 48  ? -6.403  -6.505  -6.017  1.00 19.70 ? 48  LEU A CD1 1 
ATOM   374  C CD2 . LEU A 1 48  ? -7.673  -5.067  -7.623  1.00 19.56 ? 48  LEU A CD2 1 
ATOM   375  N N   . VAL A 1 49  ? -2.686  -4.141  -9.486  1.00 17.50 ? 49  VAL A N   1 
ATOM   376  C CA  . VAL A 1 49  ? -1.554  -3.239  -9.709  1.00 17.25 ? 49  VAL A CA  1 
ATOM   377  C C   . VAL A 1 49  ? -1.768  -2.407  -10.974 1.00 16.90 ? 49  VAL A C   1 
ATOM   378  O O   . VAL A 1 49  ? -1.440  -1.220  -10.995 1.00 15.95 ? 49  VAL A O   1 
ATOM   379  C CB  . VAL A 1 49  ? -0.221  -4.018  -9.779  1.00 17.23 ? 49  VAL A CB  1 
ATOM   380  C CG1 . VAL A 1 49  ? 0.907   -3.162  -10.341 1.00 17.67 ? 49  VAL A CG1 1 
ATOM   381  C CG2 . VAL A 1 49  ? 0.152   -4.530  -8.395  1.00 17.45 ? 49  VAL A CG2 1 
ATOM   382  N N   . PHE A 1 50  ? -2.338  -3.027  -12.011 1.00 16.74 ? 50  PHE A N   1 
ATOM   383  C CA  . PHE A 1 50  ? -2.601  -2.334  -13.274 1.00 17.11 ? 50  PHE A CA  1 
ATOM   384  C C   . PHE A 1 50  ? -4.008  -1.729  -13.399 1.00 17.21 ? 50  PHE A C   1 
ATOM   385  O O   . PHE A 1 50  ? -4.348  -1.169  -14.443 1.00 17.03 ? 50  PHE A O   1 
ATOM   386  C CB  . PHE A 1 50  ? -2.284  -3.263  -14.449 1.00 17.32 ? 50  PHE A CB  1 
ATOM   387  C CG  . PHE A 1 50  ? -0.816  -3.419  -14.696 1.00 17.46 ? 50  PHE A CG  1 
ATOM   388  C CD1 . PHE A 1 50  ? -0.143  -2.523  -15.517 1.00 17.50 ? 50  PHE A CD1 1 
ATOM   389  C CD2 . PHE A 1 50  ? -0.095  -4.437  -14.087 1.00 17.78 ? 50  PHE A CD2 1 
ATOM   390  C CE1 . PHE A 1 50  ? 1.215   -2.651  -15.738 1.00 18.00 ? 50  PHE A CE1 1 
ATOM   391  C CE2 . PHE A 1 50  ? 1.267   -4.565  -14.302 1.00 17.93 ? 50  PHE A CE2 1 
ATOM   392  C CZ  . PHE A 1 50  ? 1.923   -3.672  -15.132 1.00 17.77 ? 50  PHE A CZ  1 
ATOM   393  N N   . ASP A 1 51  ? -4.799  -1.797  -12.331 1.00 17.48 ? 51  ASP A N   1 
ATOM   394  C CA  . ASP A 1 51  ? -6.131  -1.180  -12.310 1.00 18.22 ? 51  ASP A CA  1 
ATOM   395  C C   . ASP A 1 51  ? -6.084  0.348   -12.120 1.00 18.17 ? 51  ASP A C   1 
ATOM   396  O O   . ASP A 1 51  ? -5.483  0.836   -11.163 1.00 18.08 ? 51  ASP A O   1 
ATOM   397  C CB  . ASP A 1 51  ? -6.982  -1.777  -11.191 1.00 18.60 ? 51  ASP A CB  1 
ATOM   398  C CG  . ASP A 1 51  ? -8.366  -1.182  -11.151 1.00 19.18 ? 51  ASP A CG  1 
ATOM   399  O OD1 . ASP A 1 51  ? -9.146  -1.471  -12.073 1.00 20.53 ? 51  ASP A OD1 1 
ATOM   400  O OD2 . ASP A 1 51  ? -8.662  -0.400  -10.226 1.00 20.07 ? 51  ASP A OD2 1 
ATOM   401  N N   . PRO A 1 52  ? -6.764  1.108   -13.001 1.00 18.40 ? 52  PRO A N   1 
ATOM   402  C CA  . PRO A 1 52  ? -6.687  2.567   -12.917 1.00 18.45 ? 52  PRO A CA  1 
ATOM   403  C C   . PRO A 1 52  ? -7.224  3.229   -11.644 1.00 17.72 ? 52  PRO A C   1 
ATOM   404  O O   . PRO A 1 52  ? -6.887  4.384   -11.395 1.00 18.38 ? 52  PRO A O   1 
ATOM   405  C CB  . PRO A 1 52  ? -7.499  3.034   -14.134 1.00 19.06 ? 52  PRO A CB  1 
ATOM   406  C CG  . PRO A 1 52  ? -7.501  1.876   -15.066 1.00 18.96 ? 52  PRO A CG  1 
ATOM   407  C CD  . PRO A 1 52  ? -7.531  0.672   -14.181 1.00 18.91 ? 52  PRO A CD  1 
ATOM   408  N N   . LYS A 1 53  ? -8.030  2.528   -10.847 1.00 16.85 ? 53  LYS A N   1 
ATOM   409  C CA  . LYS A 1 53  ? -8.507  3.065   -9.562  1.00 16.30 ? 53  LYS A CA  1 
ATOM   410  C C   . LYS A 1 53  ? -7.490  2.862   -8.444  1.00 15.53 ? 53  LYS A C   1 
ATOM   411  O O   . LYS A 1 53  ? -7.687  3.349   -7.336  1.00 15.30 ? 53  LYS A O   1 
ATOM   412  C CB  . LYS A 1 53  ? -9.839  2.416   -9.153  1.00 16.50 ? 53  LYS A CB  1 
ATOM   413  N N   . HIS A 1 54  ? -6.424  2.125   -8.741  1.00 14.89 ? 54  HIS A N   1 
ATOM   414  C CA  . HIS A 1 54  ? -5.398  1.780   -7.766  1.00 14.65 ? 54  HIS A CA  1 
ATOM   415  C C   . HIS A 1 54  ? -4.095  2.489   -8.083  1.00 14.52 ? 54  HIS A C   1 
ATOM   416  O O   . HIS A 1 54  ? -3.704  2.564   -9.252  1.00 14.86 ? 54  HIS A O   1 
ATOM   417  C CB  . HIS A 1 54  ? -5.152  0.273   -7.784  1.00 14.56 ? 54  HIS A CB  1 
ATOM   418  C CG  . HIS A 1 54  ? -6.209  -0.508  -7.077  1.00 14.86 ? 54  HIS A CG  1 
ATOM   419  N ND1 . HIS A 1 54  ? -7.445  -0.763  -7.628  1.00 14.99 ? 54  HIS A ND1 1 
ATOM   420  C CD2 . HIS A 1 54  ? -6.216  -1.081  -5.852  1.00 15.12 ? 54  HIS A CD2 1 
ATOM   421  C CE1 . HIS A 1 54  ? -8.170  -1.455  -6.768  1.00 15.33 ? 54  HIS A CE1 1 
ATOM   422  N NE2 . HIS A 1 54  ? -7.446  -1.661  -5.684  1.00 15.05 ? 54  HIS A NE2 1 
ATOM   423  N N   . LYS A 1 55  ? -3.434  2.994   -7.040  1.00 14.19 ? 55  LYS A N   1 
ATOM   424  C CA  . LYS A 1 55  ? -2.104  3.588   -7.143  1.00 13.76 ? 55  LYS A CA  1 
ATOM   425  C C   . LYS A 1 55  ? -1.134  2.725   -6.361  1.00 13.51 ? 55  LYS A C   1 
ATOM   426  O O   . LYS A 1 55  ? -1.538  1.993   -5.456  1.00 13.42 ? 55  LYS A O   1 
ATOM   427  C CB  . LYS A 1 55  ? -2.081  4.992   -6.533  1.00 13.59 ? 55  LYS A CB  1 
ATOM   428  C CG  . LYS A 1 55  ? -3.132  5.948   -7.065  1.00 13.76 ? 55  LYS A CG  1 
ATOM   429  C CD  . LYS A 1 55  ? -2.824  7.370   -6.634  1.00 13.47 ? 55  LYS A CD  1 
ATOM   430  C CE  . LYS A 1 55  ? -3.927  8.339   -7.033  1.00 13.41 ? 55  LYS A CE  1 
ATOM   431  N NZ  . LYS A 1 55  ? -3.667  9.720   -6.528  1.00 13.00 ? 55  LYS A NZ  1 
ATOM   432  N N   . THR A 1 56  ? 0.146   2.821   -6.688  1.00 13.26 ? 56  THR A N   1 
ATOM   433  C CA  . THR A 1 56  ? 1.178   2.188   -5.868  1.00 13.20 ? 56  THR A CA  1 
ATOM   434  C C   . THR A 1 56  ? 2.289   3.180   -5.545  1.00 13.14 ? 56  THR A C   1 
ATOM   435  O O   . THR A 1 56  ? 2.893   3.761   -6.445  1.00 13.54 ? 56  THR A O   1 
ATOM   436  C CB  . THR A 1 56  ? 1.767   0.924   -6.545  1.00 13.14 ? 56  THR A CB  1 
ATOM   437  O OG1 . THR A 1 56  ? 0.708   0.037   -6.911  1.00 13.08 ? 56  THR A OG1 1 
ATOM   438  C CG2 . THR A 1 56  ? 2.712   0.184   -5.608  1.00 13.11 ? 56  THR A CG2 1 
ATOM   439  N N   . LEU A 1 57  ? 2.532   3.384   -4.251  1.00 13.01 ? 57  LEU A N   1 
ATOM   440  C CA  . LEU A 1 57  ? 3.731   4.050   -3.782  1.00 12.77 ? 57  LEU A CA  1 
ATOM   441  C C   . LEU A 1 57  ? 4.896   3.081   -3.921  1.00 12.72 ? 57  LEU A C   1 
ATOM   442  O O   . LEU A 1 57  ? 4.959   2.085   -3.207  1.00 12.92 ? 57  LEU A O   1 
ATOM   443  C CB  . LEU A 1 57  ? 3.584   4.484   -2.317  1.00 12.80 ? 57  LEU A CB  1 
ATOM   444  C CG  . LEU A 1 57  ? 4.829   5.127   -1.696  1.00 12.86 ? 57  LEU A CG  1 
ATOM   445  C CD1 . LEU A 1 57  ? 5.120   6.458   -2.377  1.00 13.10 ? 57  LEU A CD1 1 
ATOM   446  C CD2 . LEU A 1 57  ? 4.674   5.307   -0.191  1.00 12.97 ? 57  LEU A CD2 1 
ATOM   447  N N   . ALA A 1 58  ? 5.812   3.376   -4.841  1.00 12.96 ? 58  ALA A N   1 
ATOM   448  C CA  . ALA A 1 58  ? 6.946   2.495   -5.141  1.00 13.06 ? 58  ALA A CA  1 
ATOM   449  C C   . ALA A 1 58  ? 8.222   3.004   -4.470  1.00 13.44 ? 58  ALA A C   1 
ATOM   450  O O   . ALA A 1 58  ? 8.489   4.204   -4.447  1.00 12.92 ? 58  ALA A O   1 
ATOM   451  C CB  . ALA A 1 58  ? 7.154   2.403   -6.647  1.00 13.03 ? 58  ALA A CB  1 
ATOM   452  N N   . LEU A 1 59  ? 9.000   2.077   -3.926  1.00 14.01 ? 59  LEU A N   1 
ATOM   453  C CA  . LEU A 1 59  ? 10.318  2.386   -3.407  1.00 14.84 ? 59  LEU A CA  1 
ATOM   454  C C   . LEU A 1 59  ? 11.317  1.865   -4.427  1.00 15.55 ? 59  LEU A C   1 
ATOM   455  O O   . LEU A 1 59  ? 11.430  0.657   -4.635  1.00 15.08 ? 59  LEU A O   1 
ATOM   456  C CB  . LEU A 1 59  ? 10.531  1.736   -2.039  1.00 14.86 ? 59  LEU A CB  1 
ATOM   457  C CG  . LEU A 1 59  ? 11.870  1.986   -1.347  1.00 14.65 ? 59  LEU A CG  1 
ATOM   458  C CD1 . LEU A 1 59  ? 12.139  3.467   -1.141  1.00 14.80 ? 59  LEU A CD1 1 
ATOM   459  C CD2 . LEU A 1 59  ? 11.889  1.236   -0.028  1.00 14.76 ? 59  LEU A CD2 1 
ATOM   460  N N   . ILE A 1 60  ? 12.015  2.796   -5.072  1.00 16.95 ? 60  ILE A N   1 
ATOM   461  C CA  . ILE A 1 60  ? 12.946  2.489   -6.151  1.00 18.56 ? 60  ILE A CA  1 
ATOM   462  C C   . ILE A 1 60  ? 14.375  2.751   -5.694  1.00 20.06 ? 60  ILE A C   1 
ATOM   463  O O   . ILE A 1 60  ? 14.653  3.781   -5.094  1.00 19.87 ? 60  ILE A O   1 
ATOM   464  C CB  . ILE A 1 60  ? 12.688  3.373   -7.391  1.00 18.60 ? 60  ILE A CB  1 
ATOM   465  C CG1 . ILE A 1 60  ? 11.194  3.417   -7.743  1.00 18.92 ? 60  ILE A CG1 1 
ATOM   466  C CG2 . ILE A 1 60  ? 13.507  2.892   -8.585  1.00 18.60 ? 60  ILE A CG2 1 
ATOM   467  C CD1 . ILE A 1 60  ? 10.593  2.085   -8.118  1.00 19.37 ? 60  ILE A CD1 1 
ATOM   468  N N   . LYS A 1 61  ? 15.269  1.814   -5.995  1.00 22.37 ? 61  LYS A N   1 
ATOM   469  C CA  . LYS A 1 61  ? 16.699  1.979   -5.738  1.00 24.44 ? 61  LYS A CA  1 
ATOM   470  C C   . LYS A 1 61  ? 17.463  1.567   -6.997  1.00 26.38 ? 61  LYS A C   1 
ATOM   471  O O   . LYS A 1 61  ? 17.327  0.433   -7.467  1.00 26.33 ? 61  LYS A O   1 
ATOM   472  C CB  . LYS A 1 61  ? 17.135  1.113   -4.557  1.00 24.86 ? 61  LYS A CB  1 
ATOM   473  N N   . ASP A 1 62  ? 18.242  2.497   -7.546  1.00 28.58 ? 62  ASP A N   1 
ATOM   474  C CA  . ASP A 1 62  ? 18.991  2.265   -8.784  1.00 30.20 ? 62  ASP A CA  1 
ATOM   475  C C   . ASP A 1 62  ? 18.109  1.613   -9.845  1.00 29.40 ? 62  ASP A C   1 
ATOM   476  O O   . ASP A 1 62  ? 18.410  0.528   -10.347 1.00 29.49 ? 62  ASP A O   1 
ATOM   477  C CB  . ASP A 1 62  ? 20.240  1.415   -8.515  1.00 31.96 ? 62  ASP A CB  1 
ATOM   478  C CG  . ASP A 1 62  ? 21.320  2.181   -7.763  1.00 33.80 ? 62  ASP A CG  1 
ATOM   479  O OD1 . ASP A 1 62  ? 21.549  3.375   -8.072  1.00 34.79 ? 62  ASP A OD1 1 
ATOM   480  O OD2 . ASP A 1 62  ? 21.947  1.580   -6.867  1.00 35.68 ? 62  ASP A OD2 1 
ATOM   481  N N   . GLY A 1 63  ? 16.995  2.274   -10.152 1.00 28.60 ? 63  GLY A N   1 
ATOM   482  C CA  . GLY A 1 63  ? 16.075  1.811   -11.188 1.00 27.76 ? 63  GLY A CA  1 
ATOM   483  C C   . GLY A 1 63  ? 15.261  0.571   -10.858 1.00 26.66 ? 63  GLY A C   1 
ATOM   484  O O   . GLY A 1 63  ? 14.328  0.240   -11.601 1.00 28.13 ? 63  GLY A O   1 
ATOM   485  N N   . ARG A 1 64  ? 15.599  -0.114  -9.761  1.00 24.40 ? 64  ARG A N   1 
ATOM   486  C CA  . ARG A 1 64  ? 14.906  -1.336  -9.356  1.00 22.66 ? 64  ARG A CA  1 
ATOM   487  C C   . ARG A 1 64  ? 13.902  -1.077  -8.227  1.00 20.41 ? 64  ARG A C   1 
ATOM   488  O O   . ARG A 1 64  ? 14.212  -0.414  -7.243  1.00 19.40 ? 64  ARG A O   1 
ATOM   489  C CB  . ARG A 1 64  ? 15.914  -2.401  -8.906  1.00 23.33 ? 64  ARG A CB  1 
ATOM   490  N N   . VAL A 1 65  ? 12.699  -1.618  -8.392  1.00 18.72 ? 65  VAL A N   1 
ATOM   491  C CA  . VAL A 1 65  ? 11.682  -1.606  -7.356  1.00 17.68 ? 65  VAL A CA  1 
ATOM   492  C C   . VAL A 1 65  ? 12.118  -2.536  -6.224  1.00 16.71 ? 65  VAL A C   1 
ATOM   493  O O   . VAL A 1 65  ? 12.366  -3.707  -6.458  1.00 16.01 ? 65  VAL A O   1 
ATOM   494  C CB  . VAL A 1 65  ? 10.327  -2.074  -7.928  1.00 17.73 ? 65  VAL A CB  1 
ATOM   495  C CG1 . VAL A 1 65  ? 9.328   -2.368  -6.820  1.00 17.61 ? 65  VAL A CG1 1 
ATOM   496  C CG2 . VAL A 1 65  ? 9.774   -1.023  -8.887  1.00 18.21 ? 65  VAL A CG2 1 
ATOM   497  N N   . ILE A 1 66  ? 12.224  -2.001  -5.010  1.00 16.03 ? 66  ILE A N   1 
ATOM   498  C CA  . ILE A 1 66  ? 12.557  -2.812  -3.833  1.00 15.71 ? 66  ILE A CA  1 
ATOM   499  C C   . ILE A 1 66  ? 11.410  -2.903  -2.835  1.00 15.01 ? 66  ILE A C   1 
ATOM   500  O O   . ILE A 1 66  ? 11.523  -3.586  -1.818  1.00 14.63 ? 66  ILE A O   1 
ATOM   501  C CB  . ILE A 1 66  ? 13.839  -2.323  -3.122  1.00 15.95 ? 66  ILE A CB  1 
ATOM   502  C CG1 . ILE A 1 66  ? 13.737  -0.852  -2.724  1.00 16.00 ? 66  ILE A CG1 1 
ATOM   503  C CG2 . ILE A 1 66  ? 15.051  -2.551  -4.024  1.00 16.46 ? 66  ILE A CG2 1 
ATOM   504  C CD1 . ILE A 1 66  ? 14.810  -0.415  -1.739  1.00 16.27 ? 66  ILE A CD1 1 
ATOM   505  N N   . GLY A 1 67  ? 10.302  -2.227  -3.136  1.00 14.18 ? 67  GLY A N   1 
ATOM   506  C CA  . GLY A 1 67  ? 9.096   -2.365  -2.341  1.00 13.54 ? 67  GLY A CA  1 
ATOM   507  C C   . GLY A 1 67  ? 7.996   -1.426  -2.778  1.00 12.98 ? 67  GLY A C   1 
ATOM   508  O O   . GLY A 1 67  ? 8.178   -0.588  -3.673  1.00 12.56 ? 67  GLY A O   1 
ATOM   509  N N   . GLY A 1 68  ? 6.843   -1.569  -2.140  1.00 12.40 ? 68  GLY A N   1 
ATOM   510  C CA  . GLY A 1 68  ? 5.732   -0.691  -2.424  1.00 12.21 ? 68  GLY A CA  1 
ATOM   511  C C   . GLY A 1 68  ? 4.498   -0.968  -1.600  1.00 11.90 ? 68  GLY A C   1 
ATOM   512  O O   . GLY A 1 68  ? 4.386   -2.002  -0.943  1.00 11.79 ? 68  GLY A O   1 
ATOM   513  N N   . ILE A 1 69  ? 3.581   -0.011  -1.632  1.00 11.48 ? 69  ILE A N   1 
ATOM   514  C CA  . ILE A 1 69  ? 2.255   -0.192  -1.077  1.00 11.48 ? 69  ILE A CA  1 
ATOM   515  C C   . ILE A 1 69  ? 1.244   0.159   -2.160  1.00 11.52 ? 69  ILE A C   1 
ATOM   516  O O   . ILE A 1 69  ? 1.191   1.306   -2.616  1.00 11.34 ? 69  ILE A O   1 
ATOM   517  C CB  . ILE A 1 69  ? 2.012   0.713   0.145   1.00 11.37 ? 69  ILE A CB  1 
ATOM   518  C CG1 . ILE A 1 69  ? 3.036   0.412   1.243   1.00 11.49 ? 69  ILE A CG1 1 
ATOM   519  C CG2 . ILE A 1 69  ? 0.583   0.544   0.637   1.00 11.29 ? 69  ILE A CG2 1 
ATOM   520  C CD1 . ILE A 1 69  ? 2.956   1.338   2.436   1.00 11.54 ? 69  ILE A CD1 1 
ATOM   521  N N   . CYS A 1 70  ? 0.478   -0.838  -2.589  1.00 11.85 ? 70  CYS A N   1 
ATOM   522  C CA  . CYS A 1 70  ? -0.608  -0.640  -3.542  1.00 11.98 ? 70  CYS A CA  1 
ATOM   523  C C   . CYS A 1 70  ? -1.830  -0.226  -2.737  1.00 12.44 ? 70  CYS A C   1 
ATOM   524  O O   . CYS A 1 70  ? -2.167  -0.875  -1.745  1.00 12.23 ? 70  CYS A O   1 
ATOM   525  C CB  . CYS A 1 70  ? -0.892  -1.929  -4.316  1.00 11.81 ? 70  CYS A CB  1 
ATOM   526  S SG  . CYS A 1 70  ? -2.227  -1.804  -5.532  1.00 12.08 ? 70  CYS A SG  1 
ATOM   527  N N   . PHE A 1 71  ? -2.484  0.859   -3.147  1.00 12.82 ? 71  PHE A N   1 
ATOM   528  C CA  . PHE A 1 71  ? -3.621  1.376   -2.386  1.00 13.48 ? 71  PHE A CA  1 
ATOM   529  C C   . PHE A 1 71  ? -4.726  1.921   -3.284  1.00 14.18 ? 71  PHE A C   1 
ATOM   530  O O   . PHE A 1 71  ? -4.522  2.158   -4.476  1.00 14.29 ? 71  PHE A O   1 
ATOM   531  C CB  . PHE A 1 71  ? -3.160  2.424   -1.356  1.00 13.41 ? 71  PHE A CB  1 
ATOM   532  C CG  . PHE A 1 71  ? -2.554  3.661   -1.959  1.00 13.25 ? 71  PHE A CG  1 
ATOM   533  C CD1 . PHE A 1 71  ? -3.292  4.830   -2.067  1.00 13.37 ? 71  PHE A CD1 1 
ATOM   534  C CD2 . PHE A 1 71  ? -1.235  3.669   -2.390  1.00 13.29 ? 71  PHE A CD2 1 
ATOM   535  C CE1 . PHE A 1 71  ? -2.732  5.977   -2.616  1.00 13.32 ? 71  PHE A CE1 1 
ATOM   536  C CE2 . PHE A 1 71  ? -0.671  4.809   -2.938  1.00 13.19 ? 71  PHE A CE2 1 
ATOM   537  C CZ  . PHE A 1 71  ? -1.422  5.963   -3.051  1.00 13.25 ? 71  PHE A CZ  1 
ATOM   538  N N   . ARG A 1 72  ? -5.909  2.067   -2.699  1.00 15.08 ? 72  ARG A N   1 
ATOM   539  C CA  . ARG A 1 72  ? -7.036  2.707   -3.370  1.00 15.64 ? 72  ARG A CA  1 
ATOM   540  C C   . ARG A 1 72  ? -7.630  3.787   -2.476  1.00 15.24 ? 72  ARG A C   1 
ATOM   541  O O   . ARG A 1 72  ? -8.041  3.509   -1.354  1.00 14.65 ? 72  ARG A O   1 
ATOM   542  C CB  . ARG A 1 72  ? -8.120  1.697   -3.760  1.00 16.74 ? 72  ARG A CB  1 
ATOM   543  C CG  . ARG A 1 72  ? -9.316  2.410   -4.363  1.00 18.00 ? 72  ARG A CG  1 
ATOM   544  C CD  . ARG A 1 72  ? -10.165 1.546   -5.250  1.00 19.44 ? 72  ARG A CD  1 
ATOM   545  N NE  . ARG A 1 72  ? -11.235 2.365   -5.811  1.00 20.75 ? 72  ARG A NE  1 
ATOM   546  C CZ  . ARG A 1 72  ? -12.280 1.890   -6.488  1.00 22.90 ? 72  ARG A CZ  1 
ATOM   547  N NH1 . ARG A 1 72  ? -12.413 0.582   -6.710  1.00 23.14 ? 72  ARG A NH1 1 
ATOM   548  N NH2 . ARG A 1 72  ? -13.195 2.738   -6.952  1.00 22.86 ? 72  ARG A NH2 1 
ATOM   549  N N   . MET A 1 73  ? -7.662  5.015   -2.988  1.00 15.47 ? 73  MET A N   1 
ATOM   550  C CA  . MET A 1 73  ? -8.184  6.168   -2.259  1.00 15.86 ? 73  MET A CA  1 
ATOM   551  C C   . MET A 1 73  ? -9.698  6.240   -2.452  1.00 16.26 ? 73  MET A C   1 
ATOM   552  O O   . MET A 1 73  ? -10.199 6.127   -3.578  1.00 16.33 ? 73  MET A O   1 
ATOM   553  C CB  . MET A 1 73  ? -7.513  7.470   -2.743  1.00 16.09 ? 73  MET A CB  1 
ATOM   554  C CG  . MET A 1 73  ? -5.981  7.447   -2.724  1.00 16.16 ? 73  MET A CG  1 
ATOM   555  S SD  . MET A 1 73  ? -5.206  8.876   -3.533  1.00 16.21 ? 73  MET A SD  1 
ATOM   556  C CE  . MET A 1 73  ? -5.335  10.129  -2.260  1.00 16.26 ? 73  MET A CE  1 
ATOM   557  N N   . PHE A 1 74  ? -10.422 6.395   -1.342  1.00 16.84 ? 74  PHE A N   1 
ATOM   558  C CA  . PHE A 1 74  ? -11.882 6.576   -1.350  1.00 17.22 ? 74  PHE A CA  1 
ATOM   559  C C   . PHE A 1 74  ? -12.201 7.910   -0.684  1.00 18.30 ? 74  PHE A C   1 
ATOM   560  O O   . PHE A 1 74  ? -12.657 7.929   0.459   1.00 18.64 ? 74  PHE A O   1 
ATOM   561  C CB  . PHE A 1 74  ? -12.577 5.444   -0.589  1.00 16.83 ? 74  PHE A CB  1 
ATOM   562  C CG  . PHE A 1 74  ? -12.506 4.117   -1.275  1.00 16.69 ? 74  PHE A CG  1 
ATOM   563  C CD1 . PHE A 1 74  ? -13.346 3.830   -2.340  1.00 16.50 ? 74  PHE A CD1 1 
ATOM   564  C CD2 . PHE A 1 74  ? -11.605 3.144   -0.849  1.00 16.49 ? 74  PHE A CD2 1 
ATOM   565  C CE1 . PHE A 1 74  ? -13.289 2.602   -2.973  1.00 16.72 ? 74  PHE A CE1 1 
ATOM   566  C CE2 . PHE A 1 74  ? -11.543 1.915   -1.479  1.00 16.54 ? 74  PHE A CE2 1 
ATOM   567  C CZ  . PHE A 1 74  ? -12.379 1.642   -2.544  1.00 16.65 ? 74  PHE A CZ  1 
ATOM   568  N N   . PRO A 1 75  ? -11.932 9.032   -1.381  1.00 19.72 ? 75  PRO A N   1 
ATOM   569  C CA  . PRO A 1 75  ? -12.023 10.349  -0.755  1.00 21.27 ? 75  PRO A CA  1 
ATOM   570  C C   . PRO A 1 75  ? -13.417 10.664  -0.202  1.00 22.88 ? 75  PRO A C   1 
ATOM   571  O O   . PRO A 1 75  ? -13.532 11.203  0.900   1.00 24.34 ? 75  PRO A O   1 
ATOM   572  C CB  . PRO A 1 75  ? -11.629 11.322  -1.882  1.00 21.10 ? 75  PRO A CB  1 
ATOM   573  C CG  . PRO A 1 75  ? -11.697 10.540  -3.145  1.00 20.95 ? 75  PRO A CG  1 
ATOM   574  C CD  . PRO A 1 75  ? -11.454 9.111   -2.774  1.00 20.45 ? 75  PRO A CD  1 
ATOM   575  N N   . THR A 1 76  ? -14.457 10.292  -0.942  1.00 24.83 ? 76  THR A N   1 
ATOM   576  C CA  . THR A 1 76  ? -15.829 10.492  -0.485  1.00 25.36 ? 76  THR A CA  1 
ATOM   577  C C   . THR A 1 76  ? -16.129 9.706   0.798   1.00 24.50 ? 76  THR A C   1 
ATOM   578  O O   . THR A 1 76  ? -16.835 10.201  1.675   1.00 25.51 ? 76  THR A O   1 
ATOM   579  C CB  . THR A 1 76  ? -16.840 10.116  -1.580  1.00 26.52 ? 76  THR A CB  1 
ATOM   580  O OG1 . THR A 1 76  ? -16.618 8.764   -2.013  1.00 27.18 ? 76  THR A OG1 1 
ATOM   581  C CG2 . THR A 1 76  ? -16.694 11.056  -2.755  1.00 26.87 ? 76  THR A CG2 1 
ATOM   582  N N   . GLN A 1 77  ? -15.622 8.480   0.869   1.00 22.86 ? 77  GLN A N   1 
ATOM   583  C CA  . GLN A 1 77  ? -15.707 7.645   2.065   1.00 21.26 ? 77  GLN A CA  1 
ATOM   584  C C   . GLN A 1 77  ? -14.854 8.172   3.223   1.00 20.38 ? 77  GLN A C   1 
ATOM   585  O O   . GLN A 1 77  ? -15.125 7.880   4.382   1.00 20.59 ? 77  GLN A O   1 
ATOM   586  C CB  . GLN A 1 77  ? -15.365 6.189   1.747   1.00 21.51 ? 77  GLN A CB  1 
ATOM   587  C CG  . GLN A 1 77  ? -16.269 5.551   0.704   1.00 21.76 ? 77  GLN A CG  1 
ATOM   588  C CD  . GLN A 1 77  ? -17.728 5.925   0.879   1.00 22.26 ? 77  GLN A CD  1 
ATOM   589  O OE1 . GLN A 1 77  ? -18.203 6.898   0.301   1.00 23.08 ? 77  GLN A OE1 1 
ATOM   590  N NE2 . GLN A 1 77  ? -18.447 5.150   1.678   1.00 21.84 ? 77  GLN A NE2 1 
ATOM   591  N N   . GLY A 1 78  ? -13.810 8.929   2.900   1.00 19.28 ? 78  GLY A N   1 
ATOM   592  C CA  . GLY A 1 78  ? -12.898 9.438   3.907   1.00 18.63 ? 78  GLY A CA  1 
ATOM   593  C C   . GLY A 1 78  ? -11.816 8.470   4.354   1.00 17.60 ? 78  GLY A C   1 
ATOM   594  O O   . GLY A 1 78  ? -11.196 8.659   5.394   1.00 17.64 ? 78  GLY A O   1 
ATOM   595  N N   . PHE A 1 79  ? -11.574 7.437   3.558   1.00 16.45 ? 79  PHE A N   1 
ATOM   596  C CA  . PHE A 1 79  ? -10.536 6.469   3.877   1.00 15.89 ? 79  PHE A CA  1 
ATOM   597  C C   . PHE A 1 79  ? -9.791  5.980   2.642   1.00 15.08 ? 79  PHE A C   1 
ATOM   598  O O   . PHE A 1 79  ? -10.264 6.117   1.518   1.00 14.08 ? 79  PHE A O   1 
ATOM   599  C CB  . PHE A 1 79  ? -11.101 5.286   4.669   1.00 16.10 ? 79  PHE A CB  1 
ATOM   600  C CG  . PHE A 1 79  ? -11.912 4.334   3.845   1.00 16.32 ? 79  PHE A CG  1 
ATOM   601  C CD1 . PHE A 1 79  ? -11.301 3.316   3.135   1.00 16.49 ? 79  PHE A CD1 1 
ATOM   602  C CD2 . PHE A 1 79  ? -13.288 4.454   3.783   1.00 16.79 ? 79  PHE A CD2 1 
ATOM   603  C CE1 . PHE A 1 79  ? -12.050 2.438   2.376   1.00 16.59 ? 79  PHE A CE1 1 
ATOM   604  C CE2 . PHE A 1 79  ? -14.041 3.580   3.027   1.00 16.81 ? 79  PHE A CE2 1 
ATOM   605  C CZ  . PHE A 1 79  ? -13.421 2.572   2.320   1.00 16.57 ? 79  PHE A CZ  1 
ATOM   606  N N   . THR A 1 80  ? -8.610  5.423   2.870   1.00 14.12 ? 80  THR A N   1 
ATOM   607  C CA  . THR A 1 80  ? -7.845  4.769   1.825   1.00 13.81 ? 80  THR A CA  1 
ATOM   608  C C   . THR A 1 80  ? -7.661  3.295   2.163   1.00 13.49 ? 80  THR A C   1 
ATOM   609  O O   . THR A 1 80  ? -7.412  2.940   3.311   1.00 13.29 ? 80  THR A O   1 
ATOM   610  C CB  . THR A 1 80  ? -6.474  5.429   1.612   1.00 13.66 ? 80  THR A CB  1 
ATOM   611  O OG1 . THR A 1 80  ? -6.583  6.433   0.599   1.00 13.77 ? 80  THR A OG1 1 
ATOM   612  C CG2 . THR A 1 80  ? -5.451  4.395   1.182   1.00 13.49 ? 80  THR A CG2 1 
ATOM   613  N N   . GLU A 1 81  ? -7.807  2.439   1.160   1.00 13.57 ? 81  GLU A N   1 
ATOM   614  C CA  . GLU A 1 81  ? -7.668  1.006   1.362   1.00 13.69 ? 81  GLU A CA  1 
ATOM   615  C C   . GLU A 1 81  ? -6.255  0.557   0.999   1.00 13.92 ? 81  GLU A C   1 
ATOM   616  O O   . GLU A 1 81  ? -5.782  0.803   -0.105  1.00 14.18 ? 81  GLU A O   1 
ATOM   617  C CB  . GLU A 1 81  ? -8.695  0.254   0.510   1.00 13.74 ? 81  GLU A CB  1 
ATOM   618  C CG  . GLU A 1 81  ? -8.537  -1.257  0.492   1.00 13.78 ? 81  GLU A CG  1 
ATOM   619  C CD  . GLU A 1 81  ? -9.273  -1.911  -0.660  1.00 14.20 ? 81  GLU A CD  1 
ATOM   620  O OE1 . GLU A 1 81  ? -9.673  -1.197  -1.598  1.00 14.36 ? 81  GLU A OE1 1 
ATOM   621  O OE2 . GLU A 1 81  ? -9.448  -3.142  -0.634  1.00 14.25 ? 81  GLU A OE2 1 
ATOM   622  N N   . ILE A 1 82  ? -5.588  -0.099  1.941   1.00 14.12 ? 82  ILE A N   1 
ATOM   623  C CA  . ILE A 1 82  ? -4.266  -0.652  1.685   1.00 14.54 ? 82  ILE A CA  1 
ATOM   624  C C   . ILE A 1 82  ? -4.490  -2.026  1.053   1.00 14.26 ? 82  ILE A C   1 
ATOM   625  O O   . ILE A 1 82  ? -5.100  -2.902  1.673   1.00 13.92 ? 82  ILE A O   1 
ATOM   626  C CB  . ILE A 1 82  ? -3.446  -0.825  2.980   1.00 14.86 ? 82  ILE A CB  1 
ATOM   627  C CG1 . ILE A 1 82  ? -3.354  0.483   3.774   1.00 15.40 ? 82  ILE A CG1 1 
ATOM   628  C CG2 . ILE A 1 82  ? -2.056  -1.373  2.667   1.00 15.15 ? 82  ILE A CG2 1 
ATOM   629  C CD1 . ILE A 1 82  ? -2.631  1.600   3.057   1.00 15.69 ? 82  ILE A CD1 1 
ATOM   630  N N   . VAL A 1 83  ? -3.997  -2.219  -0.166  1.00 14.11 ? 83  VAL A N   1 
ATOM   631  C CA  . VAL A 1 83  ? -4.285  -3.444  -0.923  1.00 14.05 ? 83  VAL A CA  1 
ATOM   632  C C   . VAL A 1 83  ? -3.134  -4.454  -0.834  1.00 13.88 ? 83  VAL A C   1 
ATOM   633  O O   . VAL A 1 83  ? -3.349  -5.618  -0.491  1.00 13.63 ? 83  VAL A O   1 
ATOM   634  C CB  . VAL A 1 83  ? -4.659  -3.099  -2.387  1.00 14.30 ? 83  VAL A CB  1 
ATOM   635  C CG1 . VAL A 1 83  ? -4.795  -4.350  -3.243  1.00 14.42 ? 83  VAL A CG1 1 
ATOM   636  C CG2 . VAL A 1 83  ? -5.959  -2.303  -2.402  1.00 14.25 ? 83  VAL A CG2 1 
ATOM   637  N N   . PHE A 1 84  ? -1.919  -4.025  -1.170  1.00 13.67 ? 84  PHE A N   1 
ATOM   638  C CA  . PHE A 1 84  ? -0.737  -4.873  -0.991  1.00 13.33 ? 84  PHE A CA  1 
ATOM   639  C C   . PHE A 1 84  ? 0.369   -4.047  -0.339  1.00 13.58 ? 84  PHE A C   1 
ATOM   640  O O   . PHE A 1 84  ? 0.495   -2.850  -0.616  1.00 13.60 ? 84  PHE A O   1 
ATOM   641  C CB  . PHE A 1 84  ? -0.206  -5.414  -2.326  1.00 13.07 ? 84  PHE A CB  1 
ATOM   642  C CG  . PHE A 1 84  ? -1.216  -6.161  -3.150  1.00 12.83 ? 84  PHE A CG  1 
ATOM   643  C CD1 . PHE A 1 84  ? -1.938  -7.218  -2.616  1.00 12.54 ? 84  PHE A CD1 1 
ATOM   644  C CD2 . PHE A 1 84  ? -1.420  -5.823  -4.487  1.00 12.64 ? 84  PHE A CD2 1 
ATOM   645  C CE1 . PHE A 1 84  ? -2.862  -7.906  -3.379  1.00 12.31 ? 84  PHE A CE1 1 
ATOM   646  C CE2 . PHE A 1 84  ? -2.336  -6.519  -5.258  1.00 12.51 ? 84  PHE A CE2 1 
ATOM   647  C CZ  . PHE A 1 84  ? -3.054  -7.560  -4.705  1.00 12.44 ? 84  PHE A CZ  1 
ATOM   648  N N   A CYS A 1 85  ? 1.201   -4.704  0.459   0.50 13.29 ? 85  CYS A N   1 
ATOM   649  N N   B CYS A 1 85  ? 1.130   -4.687  0.551   0.50 14.02 ? 85  CYS A N   1 
ATOM   650  C CA  A CYS A 1 85  ? 2.294   -4.045  1.156   0.50 13.16 ? 85  CYS A CA  1 
ATOM   651  C CA  B CYS A 1 85  ? 2.305   -4.097  1.202   0.50 14.38 ? 85  CYS A CA  1 
ATOM   652  C C   A CYS A 1 85  ? 3.461   -5.015  1.261   0.50 13.50 ? 85  CYS A C   1 
ATOM   653  C C   B CYS A 1 85  ? 3.423   -5.101  1.119   0.50 14.21 ? 85  CYS A C   1 
ATOM   654  O O   A CYS A 1 85  ? 3.347   -6.051  1.923   0.50 13.60 ? 85  CYS A O   1 
ATOM   655  O O   B CYS A 1 85  ? 3.240   -6.262  1.511   0.50 14.25 ? 85  CYS A O   1 
ATOM   656  C CB  A CYS A 1 85  ? 1.834   -3.622  2.549   0.50 12.93 ? 85  CYS A CB  1 
ATOM   657  C CB  B CYS A 1 85  ? 2.060   -3.843  2.688   0.50 14.89 ? 85  CYS A CB  1 
ATOM   658  S SG  A CYS A 1 85  ? 3.071   -2.727  3.501   0.50 12.23 ? 85  CYS A SG  1 
ATOM   659  S SG  B CYS A 1 85  ? 0.920   -2.510  3.067   0.50 15.95 ? 85  CYS A SG  1 
ATOM   660  N N   . ALA A 1 86  ? 4.513   -4.734  0.479   1.00 13.70 ? 86  ALA A N   1 
ATOM   661  C CA  . ALA A 1 86  ? 5.666   -5.616  0.587   1.00 13.95 ? 86  ALA A CA  1 
ATOM   662  C C   . ALA A 1 86  ? 6.995   -4.894  0.403   1.00 14.11 ? 86  ALA A C   1 
ATOM   663  O O   . ALA A 1 86  ? 7.067   -3.849  -0.238  1.00 14.13 ? 86  ALA A O   1 
ATOM   664  C CB  . ALA A 1 86  ? 5.547   -6.758  -0.411  1.00 14.05 ? 86  ALA A CB  1 
ATOM   665  N N   . VAL A 1 87  ? 8.044   -5.483  0.958   1.00 14.54 ? 87  VAL A N   1 
ATOM   666  C CA  . VAL A 1 87  ? 9.412   -5.062  0.710   1.00 14.98 ? 87  VAL A CA  1 
ATOM   667  C C   . VAL A 1 87  ? 10.156  -6.297  0.225   1.00 15.46 ? 87  VAL A C   1 
ATOM   668  O O   . VAL A 1 87  ? 9.935   -7.391  0.734   1.00 14.99 ? 87  VAL A O   1 
ATOM   669  C CB  . VAL A 1 87  ? 10.089  -4.508  1.977   1.00 14.71 ? 87  VAL A CB  1 
ATOM   670  C CG1 . VAL A 1 87  ? 11.600  -4.478  1.805   1.00 14.87 ? 87  VAL A CG1 1 
ATOM   671  C CG2 . VAL A 1 87  ? 9.556   -3.123  2.306   1.00 14.74 ? 87  VAL A CG2 1 
ATOM   672  N N   . THR A 1 88  ? 11.033  -6.130  -0.757  1.00 15.90 ? 88  THR A N   1 
ATOM   673  C CA  . THR A 1 88  ? 11.755  -7.272  -1.292  1.00 16.51 ? 88  THR A CA  1 
ATOM   674  C C   . THR A 1 88  ? 12.597  -7.868  -0.170  1.00 17.18 ? 88  THR A C   1 
ATOM   675  O O   . THR A 1 88  ? 13.095  -7.154  0.694   1.00 16.69 ? 88  THR A O   1 
ATOM   676  C CB  . THR A 1 88  ? 12.623  -6.904  -2.513  1.00 16.55 ? 88  THR A CB  1 
ATOM   677  O OG1 . THR A 1 88  ? 13.042  -8.100  -3.178  1.00 16.70 ? 88  THR A OG1 1 
ATOM   678  C CG2 . THR A 1 88  ? 13.844  -6.105  -2.097  1.00 16.27 ? 88  THR A CG2 1 
ATOM   679  N N   . SER A 1 89  ? 12.733  -9.186  -0.183  1.00 18.14 ? 89  SER A N   1 
ATOM   680  C CA  . SER A 1 89  ? 13.220  -9.930  0.966   1.00 19.18 ? 89  SER A CA  1 
ATOM   681  C C   . SER A 1 89  ? 14.630  -9.521  1.395   1.00 19.56 ? 89  SER A C   1 
ATOM   682  O O   . SER A 1 89  ? 14.902  -9.389  2.583   1.00 19.85 ? 89  SER A O   1 
ATOM   683  C CB  . SER A 1 89  ? 13.167  -11.428 0.660   1.00 19.38 ? 89  SER A CB  1 
ATOM   684  O OG  . SER A 1 89  ? 13.482  -12.201 1.795   1.00 20.38 ? 89  SER A OG  1 
ATOM   685  N N   . ASN A 1 90  ? 15.512  -9.301  0.432   1.00 20.58 ? 90  ASN A N   1 
ATOM   686  C CA  . ASN A 1 90  ? 16.885  -8.893  0.725   1.00 21.76 ? 90  ASN A CA  1 
ATOM   687  C C   . ASN A 1 90  ? 17.010  -7.495  1.354   1.00 21.18 ? 90  ASN A C   1 
ATOM   688  O O   . ASN A 1 90  ? 18.022  -7.175  1.968   1.00 21.05 ? 90  ASN A O   1 
ATOM   689  C CB  . ASN A 1 90  ? 17.799  -9.066  -0.492  1.00 22.88 ? 90  ASN A CB  1 
ATOM   690  C CG  . ASN A 1 90  ? 17.440  -8.141  -1.632  1.00 24.57 ? 90  ASN A CG  1 
ATOM   691  O OD1 . ASN A 1 90  ? 18.050  -7.089  -1.801  1.00 26.70 ? 90  ASN A OD1 1 
ATOM   692  N ND2 . ASN A 1 90  ? 16.455  -8.534  -2.429  1.00 25.17 ? 90  ASN A ND2 1 
ATOM   693  N N   . GLU A 1 91  ? 16.001  -6.660  1.123   1.00 20.16 ? 91  GLU A N   1 
ATOM   694  C CA  . GLU A 1 91  ? 15.981  -5.291  1.633   1.00 19.27 ? 91  GLU A CA  1 
ATOM   695  C C   . GLU A 1 91  ? 15.166  -5.141  2.919   1.00 18.61 ? 91  GLU A C   1 
ATOM   696  O O   . GLU A 1 91  ? 15.036  -4.047  3.461   1.00 17.97 ? 91  GLU A O   1 
ATOM   697  C CB  . GLU A 1 91  ? 15.456  -4.334  0.561   1.00 19.57 ? 91  GLU A CB  1 
ATOM   698  C CG  . GLU A 1 91  ? 16.307  -4.281  -0.696  1.00 20.13 ? 91  GLU A CG  1 
ATOM   699  C CD  . GLU A 1 91  ? 17.626  -3.564  -0.479  1.00 20.47 ? 91  GLU A CD  1 
ATOM   700  O OE1 . GLU A 1 91  ? 17.909  -3.181  0.671   1.00 20.43 ? 91  GLU A OE1 1 
ATOM   701  O OE2 . GLU A 1 91  ? 18.377  -3.384  -1.455  1.00 21.83 ? 91  GLU A OE2 1 
ATOM   702  N N   . GLN A 1 92  ? 14.618  -6.251  3.395   1.00 17.69 ? 92  GLN A N   1 
ATOM   703  C CA  . GLN A 1 92  ? 13.790  -6.258  4.592   1.00 17.69 ? 92  GLN A CA  1 
ATOM   704  C C   . GLN A 1 92  ? 14.596  -6.034  5.870   1.00 17.87 ? 92  GLN A C   1 
ATOM   705  O O   . GLN A 1 92  ? 15.798  -6.273  5.909   1.00 17.28 ? 92  GLN A O   1 
ATOM   706  C CB  . GLN A 1 92  ? 13.011  -7.568  4.699   1.00 17.19 ? 92  GLN A CB  1 
ATOM   707  C CG  . GLN A 1 92  ? 11.833  -7.672  3.750   1.00 17.04 ? 92  GLN A CG  1 
ATOM   708  C CD  . GLN A 1 92  ? 10.908  -8.817  4.101   1.00 17.10 ? 92  GLN A CD  1 
ATOM   709  O OE1 . GLN A 1 92  ? 10.960  -9.355  5.202   1.00 17.67 ? 92  GLN A OE1 1 
ATOM   710  N NE2 . GLN A 1 92  ? 10.059  -9.198  3.161   1.00 16.95 ? 92  GLN A NE2 1 
ATOM   711  N N   . VAL A 1 93  ? 13.911  -5.563  6.907   1.00 18.41 ? 93  VAL A N   1 
ATOM   712  C CA  . VAL A 1 93  ? 14.508  -5.396  8.224   1.00 19.31 ? 93  VAL A CA  1 
ATOM   713  C C   . VAL A 1 93  ? 15.582  -4.315  8.265   1.00 19.29 ? 93  VAL A C   1 
ATOM   714  O O   . VAL A 1 93  ? 16.501  -4.380  9.072   1.00 19.16 ? 93  VAL A O   1 
ATOM   715  C CB  . VAL A 1 93  ? 15.096  -6.721  8.748   1.00 20.12 ? 93  VAL A CB  1 
ATOM   716  C CG1 . VAL A 1 93  ? 15.446  -6.607  10.223  1.00 20.66 ? 93  VAL A CG1 1 
ATOM   717  C CG2 . VAL A 1 93  ? 14.117  -7.860  8.518   1.00 20.60 ? 93  VAL A CG2 1 
ATOM   718  N N   . LYS A 1 94  ? 15.474  -3.343  7.367   1.00 18.89 ? 94  LYS A N   1 
ATOM   719  C CA  . LYS A 1 94  ? 16.336  -2.168  7.391   1.00 18.73 ? 94  LYS A CA  1 
ATOM   720  C C   . LYS A 1 94  ? 15.593  -0.875  7.753   1.00 17.49 ? 94  LYS A C   1 
ATOM   721  O O   . LYS A 1 94  ? 16.209  0.174   7.886   1.00 17.76 ? 94  LYS A O   1 
ATOM   722  C CB  . LYS A 1 94  ? 17.042  -2.008  6.043   1.00 19.43 ? 94  LYS A CB  1 
ATOM   723  C CG  . LYS A 1 94  ? 17.909  -3.193  5.659   1.00 20.43 ? 94  LYS A CG  1 
ATOM   724  C CD  . LYS A 1 94  ? 18.407  -3.076  4.230   1.00 21.62 ? 94  LYS A CD  1 
ATOM   725  C CE  . LYS A 1 94  ? 19.258  -4.276  3.848   1.00 22.13 ? 94  LYS A CE  1 
ATOM   726  N NZ  . LYS A 1 94  ? 19.876  -4.125  2.504   1.00 22.66 ? 94  LYS A NZ  1 
ATOM   727  N N   . GLY A 1 95  ? 14.275  -0.957  7.912   1.00 16.41 ? 95  GLY A N   1 
ATOM   728  C CA  . GLY A 1 95  ? 13.448  0.231   8.121   1.00 15.53 ? 95  GLY A CA  1 
ATOM   729  C C   . GLY A 1 95  ? 12.577  0.662   6.943   1.00 15.19 ? 95  GLY A C   1 
ATOM   730  O O   . GLY A 1 95  ? 11.779  1.587   7.081   1.00 14.36 ? 95  GLY A O   1 
ATOM   731  N N   . TYR A 1 96  ? 12.697  -0.012  5.796   1.00 14.97 ? 96  TYR A N   1 
ATOM   732  C CA  . TYR A 1 96  ? 11.994  0.411   4.583   1.00 15.12 ? 96  TYR A CA  1 
ATOM   733  C C   . TYR A 1 96  ? 10.477  0.246   4.651   1.00 14.70 ? 96  TYR A C   1 
ATOM   734  O O   . TYR A 1 96  ? 9.751   1.101   4.163   1.00 14.83 ? 96  TYR A O   1 
ATOM   735  C CB  . TYR A 1 96  ? 12.537  -0.307  3.340   1.00 15.26 ? 96  TYR A CB  1 
ATOM   736  C CG  . TYR A 1 96  ? 13.915  0.139   2.914   1.00 15.56 ? 96  TYR A CG  1 
ATOM   737  C CD1 . TYR A 1 96  ? 14.245  1.490   2.837   1.00 15.65 ? 96  TYR A CD1 1 
ATOM   738  C CD2 . TYR A 1 96  ? 14.890  -0.792  2.570   1.00 16.15 ? 96  TYR A CD2 1 
ATOM   739  C CE1 . TYR A 1 96  ? 15.505  1.898   2.444   1.00 15.90 ? 96  TYR A CE1 1 
ATOM   740  C CE2 . TYR A 1 96  ? 16.160  -0.391  2.174   1.00 16.07 ? 96  TYR A CE2 1 
ATOM   741  C CZ  . TYR A 1 96  ? 16.455  0.955   2.115   1.00 16.06 ? 96  TYR A CZ  1 
ATOM   742  O OH  . TYR A 1 96  ? 17.699  1.360   1.724   1.00 16.51 ? 96  TYR A OH  1 
ATOM   743  N N   . GLY A 1 97  ? 10.019  -0.840  5.265   1.00 14.69 ? 97  GLY A N   1 
ATOM   744  C CA  . GLY A 1 97  ? 8.600   -1.091  5.377   1.00 14.33 ? 97  GLY A CA  1 
ATOM   745  C C   . GLY A 1 97  ? 7.942   0.008   6.180   1.00 14.25 ? 97  GLY A C   1 
ATOM   746  O O   . GLY A 1 97  ? 6.877   0.484   5.816   1.00 14.39 ? 97  GLY A O   1 
ATOM   747  N N   . THR A 1 98  ? 8.588   0.411   7.269   1.00 30.00 ? 98  THR A N   1 
ATOM   748  C CA  . THR A 1 98  ? 8.155   1.564   8.050   1.00 30.00 ? 98  THR A CA  1 
ATOM   749  C C   . THR A 1 98  ? 8.274   2.870   7.263   1.00 30.00 ? 98  THR A C   1 
ATOM   750  O O   . THR A 1 98  ? 7.402   3.733   7.342   1.00 30.00 ? 98  THR A O   1 
ATOM   751  C CB  . THR A 1 98  ? 8.937   1.683   9.374   1.00 20.00 ? 98  THR A CB  1 
ATOM   752  O OG1 . THR A 1 98  ? 8.656   0.548   10.198  1.00 20.00 ? 98  THR A OG1 1 
ATOM   753  C CG2 . THR A 1 98  ? 8.547   2.952   10.116  1.00 20.00 ? 98  THR A CG2 1 
ATOM   754  N N   . HIS A 1 99  ? 9.366   3.002   6.515   1.00 14.75 ? 99  HIS A N   1 
ATOM   755  C CA  . HIS A 1 99  ? 9.652   4.200   5.750   1.00 15.13 ? 99  HIS A CA  1 
ATOM   756  C C   . HIS A 1 99  ? 8.591   4.412   4.716   1.00 14.45 ? 99  HIS A C   1 
ATOM   757  O O   . HIS A 1 99  ? 8.092   5.535   4.533   1.00 14.00 ? 99  HIS A O   1 
ATOM   758  C CB  . HIS A 1 99  ? 11.010  4.049   5.069   1.00 15.99 ? 99  HIS A CB  1 
ATOM   759  C CG  . HIS A 1 99  ? 11.735  5.352   4.841   1.00 17.04 ? 99  HIS A CG  1 
ATOM   760  N ND1 . HIS A 1 99  ? 11.718  6.357   5.730   1.00 17.81 ? 99  HIS A ND1 1 
ATOM   761  C CD2 . HIS A 1 99  ? 12.527  5.781   3.779   1.00 17.88 ? 99  HIS A CD2 1 
ATOM   762  C CE1 . HIS A 1 99  ? 12.454  7.380   5.262   1.00 18.32 ? 99  HIS A CE1 1 
ATOM   763  N NE2 . HIS A 1 99  ? 12.949  7.025   4.069   1.00 18.16 ? 99  HIS A NE2 1 
ATOM   764  N N   . LEU A 1 100 ? 8.209   3.327   4.054   1.00 13.84 ? 100 LEU A N   1 
ATOM   765  C CA  . LEU A 1 100 ? 7.094   3.326   3.083   1.00 13.52 ? 100 LEU A CA  1 
ATOM   766  C C   . LEU A 1 100 ? 5.749   3.768   3.672   1.00 13.26 ? 100 LEU A C   1 
ATOM   767  O O   . LEU A 1 100 ? 5.045   4.605   3.086   1.00 13.21 ? 100 LEU A O   1 
ATOM   768  C CB  . LEU A 1 100 ? 6.922   1.935   2.464   1.00 13.73 ? 100 LEU A CB  1 
ATOM   769  C CG  . LEU A 1 100 ? 7.686   1.652   1.177   1.00 13.92 ? 100 LEU A CG  1 
ATOM   770  C CD1 . LEU A 1 100 ? 7.773   0.153   0.938   1.00 14.19 ? 100 LEU A CD1 1 
ATOM   771  C CD2 . LEU A 1 100 ? 7.025   2.362   0.006   1.00 13.82 ? 100 LEU A CD2 1 
ATOM   772  N N   . MET A 1 101 ? 5.385   3.206   4.818   1.00 12.79 ? 101 MET A N   1 
ATOM   773  C CA  . MET A 1 101 ? 4.105   3.535   5.456   1.00 12.91 ? 101 MET A CA  1 
ATOM   774  C C   . MET A 1 101 ? 4.056   4.982   5.940   1.00 13.01 ? 101 MET A C   1 
ATOM   775  O O   . MET A 1 101 ? 3.030   5.639   5.815   1.00 12.94 ? 101 MET A O   1 
ATOM   776  C CB  . MET A 1 101 ? 3.804   2.569   6.609   1.00 12.78 ? 101 MET A CB  1 
ATOM   777  C CG  . MET A 1 101 ? 2.377   2.637   7.150   1.00 12.78 ? 101 MET A CG  1 
ATOM   778  S SD  . MET A 1 101 ? 1.077   2.213   5.976   1.00 13.17 ? 101 MET A SD  1 
ATOM   779  C CE  . MET A 1 101 ? 1.246   0.438   5.932   1.00 13.07 ? 101 MET A CE  1 
ATOM   780  N N   . ASN A 1 102 ? 5.165   5.484   6.477   1.00 13.62 ? 102 ASN A N   1 
ATOM   781  C CA  . ASN A 1 102 ? 5.236   6.879   6.915   1.00 14.02 ? 102 ASN A CA  1 
ATOM   782  C C   . ASN A 1 102 ? 5.035   7.826   5.750   1.00 14.31 ? 102 ASN A C   1 
ATOM   783  O O   . ASN A 1 102 ? 4.306   8.808   5.857   1.00 14.07 ? 102 ASN A O   1 
ATOM   784  C CB  . ASN A 1 102 ? 6.578   7.179   7.594   1.00 14.27 ? 102 ASN A CB  1 
ATOM   785  C CG  . ASN A 1 102 ? 6.693   6.551   8.974   1.00 14.40 ? 102 ASN A CG  1 
ATOM   786  O OD1 . ASN A 1 102 ? 5.688   6.261   9.628   1.00 14.72 ? 102 ASN A OD1 1 
ATOM   787  N ND2 . ASN A 1 102 ? 7.920   6.352   9.428   1.00 14.31 ? 102 ASN A ND2 1 
ATOM   788  N N   . HIS A 1 103 ? 5.674   7.518   4.626   1.00 15.12 ? 103 HIS A N   1 
ATOM   789  C CA  . HIS A 1 103 ? 5.517   8.313   3.424   1.00 15.77 ? 103 HIS A CA  1 
ATOM   790  C C   . HIS A 1 103 ? 4.083   8.311   2.981   1.00 14.83 ? 103 HIS A C   1 
ATOM   791  O O   . HIS A 1 103 ? 3.498   9.380   2.700   1.00 14.52 ? 103 HIS A O   1 
ATOM   792  C CB  . HIS A 1 103 ? 6.411   7.782   2.310   1.00 17.01 ? 103 HIS A CB  1 
ATOM   793  C CG  . HIS A 1 103 ? 6.599   8.750   1.166   1.00 18.60 ? 103 HIS A CG  1 
ATOM   794  N ND1 . HIS A 1 103 ? 7.631   9.610   1.110   1.00 19.74 ? 103 HIS A ND1 1 
ATOM   795  C CD2 . HIS A 1 103 ? 5.840   8.967   0.018   1.00 19.27 ? 103 HIS A CD2 1 
ATOM   796  C CE1 . HIS A 1 103 ? 7.540   10.343  -0.016  1.00 19.81 ? 103 HIS A CE1 1 
ATOM   797  N NE2 . HIS A 1 103 ? 6.444   9.949   -0.683  1.00 19.92 ? 103 HIS A NE2 1 
ATOM   798  N N   . LEU A 1 104 ? 3.493   7.122   2.913   1.00 14.21 ? 104 LEU A N   1 
ATOM   799  C CA  . LEU A 1 104 ? 2.090   6.978   2.535   1.00 13.83 ? 104 LEU A CA  1 
ATOM   800  C C   . LEU A 1 104 ? 1.177   7.803   3.437   1.00 13.86 ? 104 LEU A C   1 
ATOM   801  O O   . LEU A 1 104 ? 0.199   8.379   2.969   1.00 13.77 ? 104 LEU A O   1 
ATOM   802  C CB  . LEU A 1 104 ? 1.663   5.503   2.575   1.00 13.77 ? 104 LEU A CB  1 
ATOM   803  C CG  . LEU A 1 104 ? 0.339   5.194   1.879   1.00 13.49 ? 104 LEU A CG  1 
ATOM   804  C CD1 . LEU A 1 104 ? 0.421   5.551   0.403   1.00 13.69 ? 104 LEU A CD1 1 
ATOM   805  C CD2 . LEU A 1 104 ? -0.043  3.738   2.056   1.00 13.60 ? 104 LEU A CD2 1 
ATOM   806  N N   . LYS A 1 105 ? 1.489   7.850   4.729   1.00 14.30 ? 105 LYS A N   1 
ATOM   807  C CA  . LYS A 1 105 ? 0.750   8.695   5.668   1.00 14.80 ? 105 LYS A CA  1 
ATOM   808  C C   . LYS A 1 105 ? 0.885   10.180  5.327   1.00 15.75 ? 105 LYS A C   1 
ATOM   809  O O   . LYS A 1 105 ? -0.114  10.904  5.310   1.00 15.52 ? 105 LYS A O   1 
ATOM   810  C CB  . LYS A 1 105 ? 1.208   8.453   7.113   1.00 14.45 ? 105 LYS A CB  1 
ATOM   811  C CG  . LYS A 1 105 ? 0.738   7.131   7.692   1.00 14.37 ? 105 LYS A CG  1 
ATOM   812  C CD  . LYS A 1 105 ? 1.398   6.833   9.026   1.00 14.13 ? 105 LYS A CD  1 
ATOM   813  C CE  . LYS A 1 105 ? 0.820   5.580   9.664   1.00 14.13 ? 105 LYS A CE  1 
ATOM   814  N NZ  . LYS A 1 105 ? 1.512   5.232   10.933  1.00 13.97 ? 105 LYS A NZ  1 
ATOM   815  N N   . GLU A 1 106 ? 2.111   10.626  5.060   1.00 16.72 ? 106 GLU A N   1 
ATOM   816  C CA  . GLU A 1 106 ? 2.360   12.029  4.705   1.00 17.78 ? 106 GLU A CA  1 
ATOM   817  C C   . GLU A 1 106 ? 1.598   12.443  3.442   1.00 16.41 ? 106 GLU A C   1 
ATOM   818  O O   . GLU A 1 106 ? 1.006   13.524  3.382   1.00 15.07 ? 106 GLU A O   1 
ATOM   819  C CB  . GLU A 1 106 ? 3.859   12.288  4.520   1.00 20.06 ? 106 GLU A CB  1 
ATOM   820  C CG  . GLU A 1 106 ? 4.669   12.154  5.799   1.00 22.85 ? 106 GLU A CG  1 
ATOM   821  C CD  . GLU A 1 106 ? 6.148   12.450  5.600   1.00 25.86 ? 106 GLU A CD  1 
ATOM   822  O OE1 . GLU A 1 106 ? 6.529   13.642  5.693   1.00 29.87 ? 106 GLU A OE1 1 
ATOM   823  O OE2 . GLU A 1 106 ? 6.929   11.497  5.361   1.00 27.60 ? 106 GLU A OE2 1 
ATOM   824  N N   . TYR A 1 107 ? 1.614   11.564  2.442   1.00 15.62 ? 107 TYR A N   1 
ATOM   825  C CA  . TYR A 1 107 ? 0.881   11.774  1.192   1.00 15.28 ? 107 TYR A CA  1 
ATOM   826  C C   . TYR A 1 107 ? -0.621  11.973  1.437   1.00 15.26 ? 107 TYR A C   1 
ATOM   827  O O   . TYR A 1 107 ? -1.239  12.860  0.852   1.00 15.46 ? 107 TYR A O   1 
ATOM   828  C CB  . TYR A 1 107 ? 1.131   10.577  0.273   1.00 15.08 ? 107 TYR A CB  1 
ATOM   829  C CG  . TYR A 1 107 ? 0.402   10.569  -1.053  1.00 14.82 ? 107 TYR A CG  1 
ATOM   830  C CD1 . TYR A 1 107 ? 0.941   11.211  -2.170  1.00 14.92 ? 107 TYR A CD1 1 
ATOM   831  C CD2 . TYR A 1 107 ? -0.796  9.873   -1.208  1.00 14.54 ? 107 TYR A CD2 1 
ATOM   832  C CE1 . TYR A 1 107 ? 0.294   11.180  -3.398  1.00 14.68 ? 107 TYR A CE1 1 
ATOM   833  C CE2 . TYR A 1 107 ? -1.450  9.836   -2.426  1.00 14.36 ? 107 TYR A CE2 1 
ATOM   834  C CZ  . TYR A 1 107 ? -0.903  10.489  -3.515  1.00 14.53 ? 107 TYR A CZ  1 
ATOM   835  O OH  . TYR A 1 107 ? -1.549  10.459  -4.721  1.00 14.15 ? 107 TYR A OH  1 
ATOM   836  N N   . HIS A 1 108 ? -1.186  11.159  2.325   1.00 15.55 ? 108 HIS A N   1 
ATOM   837  C CA  . HIS A 1 108 ? -2.622  11.177  2.604   1.00 15.90 ? 108 HIS A CA  1 
ATOM   838  C C   . HIS A 1 108 ? -3.061  12.354  3.461   1.00 16.70 ? 108 HIS A C   1 
ATOM   839  O O   . HIS A 1 108 ? -4.131  12.911  3.238   1.00 17.20 ? 108 HIS A O   1 
ATOM   840  C CB  . HIS A 1 108 ? -3.061  9.846   3.222   1.00 15.81 ? 108 HIS A CB  1 
ATOM   841  C CG  . HIS A 1 108 ? -3.242  8.769   2.201   1.00 15.69 ? 108 HIS A CG  1 
ATOM   842  N ND1 . HIS A 1 108 ? -2.195  8.016   1.719   1.00 15.47 ? 108 HIS A ND1 1 
ATOM   843  C CD2 . HIS A 1 108 ? -4.341  8.368   1.522   1.00 15.71 ? 108 HIS A CD2 1 
ATOM   844  C CE1 . HIS A 1 108 ? -2.645  7.176   0.805   1.00 15.61 ? 108 HIS A CE1 1 
ATOM   845  N NE2 . HIS A 1 108 ? -3.943  7.371   0.664   1.00 15.51 ? 108 HIS A NE2 1 
ATOM   846  N N   . ILE A 1 109 ? -2.236  12.728  4.433   1.00 17.47 ? 109 ILE A N   1 
ATOM   847  C CA  . ILE A 1 109 ? -2.448  13.952  5.207   1.00 18.02 ? 109 ILE A CA  1 
ATOM   848  C C   . ILE A 1 109 ? -2.581  15.144  4.247   1.00 19.32 ? 109 ILE A C   1 
ATOM   849  O O   . ILE A 1 109 ? -3.473  15.988  4.395   1.00 18.87 ? 109 ILE A O   1 
ATOM   850  C CB  . ILE A 1 109 ? -1.287  14.159  6.212   1.00 18.21 ? 109 ILE A CB  1 
ATOM   851  C CG1 . ILE A 1 109 ? -1.414  13.152  7.361   1.00 18.33 ? 109 ILE A CG1 1 
ATOM   852  C CG2 . ILE A 1 109 ? -1.272  15.583  6.760   1.00 18.22 ? 109 ILE A CG2 1 
ATOM   853  C CD1 . ILE A 1 109 ? -0.157  12.972  8.186   1.00 18.58 ? 109 ILE A CD1 1 
ATOM   854  N N   . LYS A 1 110 ? -1.707  15.177  3.245   1.00 20.68 ? 110 LYS A N   1 
ATOM   855  C CA  . LYS A 1 110 ? -1.734  16.196  2.196   1.00 22.62 ? 110 LYS A CA  1 
ATOM   856  C C   . LYS A 1 110 ? -3.045  16.177  1.392   1.00 22.74 ? 110 LYS A C   1 
ATOM   857  O O   . LYS A 1 110 ? -3.553  17.224  1.003   1.00 21.97 ? 110 LYS A O   1 
ATOM   858  C CB  . LYS A 1 110 ? -0.546  16.011  1.251   1.00 20.00 ? 110 LYS A CB  1 
ATOM   859  N N   . HIS A 1 111 ? -3.582  14.980  1.152   1.00 23.01 ? 111 HIS A N   1 
ATOM   860  C CA  . HIS A 1 111 ? -4.868  14.806  0.459   1.00 23.92 ? 111 HIS A CA  1 
ATOM   861  C C   . HIS A 1 111 ? -6.080  14.790  1.397   1.00 24.16 ? 111 HIS A C   1 
ATOM   862  O O   . HIS A 1 111 ? -7.197  14.524  0.960   1.00 25.38 ? 111 HIS A O   1 
ATOM   863  C CB  . HIS A 1 111 ? -4.847  13.513  -0.358  1.00 24.58 ? 111 HIS A CB  1 
ATOM   864  C CG  . HIS A 1 111 ? -4.022  13.609  -1.599  1.00 25.53 ? 111 HIS A CG  1 
ATOM   865  N ND1 . HIS A 1 111 ? -2.654  13.451  -1.596  1.00 26.52 ? 111 HIS A ND1 1 
ATOM   866  C CD2 . HIS A 1 111 ? -4.371  13.860  -2.881  1.00 26.39 ? 111 HIS A CD2 1 
ATOM   867  C CE1 . HIS A 1 111 ? -2.195  13.595  -2.826  1.00 26.88 ? 111 HIS A CE1 1 
ATOM   868  N NE2 . HIS A 1 111 ? -3.217  13.842  -3.625  1.00 27.40 ? 111 HIS A NE2 1 
ATOM   869  N N   . ASN A 1 112 ? -5.850  15.073  2.676   1.00 23.90 ? 112 ASN A N   1 
ATOM   870  C CA  . ASN A 1 112 ? -6.894  15.101  3.693   1.00 24.14 ? 112 ASN A CA  1 
ATOM   871  C C   . ASN A 1 112 ? -7.699  13.803  3.785   1.00 22.25 ? 112 ASN A C   1 
ATOM   872  O O   . ASN A 1 112 ? -8.922  13.825  3.950   1.00 22.15 ? 112 ASN A O   1 
ATOM   873  C CB  . ASN A 1 112 ? -7.816  16.306  3.481   1.00 26.76 ? 112 ASN A CB  1 
ATOM   874  C CG  . ASN A 1 112 ? -8.439  16.801  4.777   1.00 29.52 ? 112 ASN A CG  1 
ATOM   875  O OD1 . ASN A 1 112 ? -7.786  16.845  5.833   1.00 31.61 ? 112 ASN A OD1 1 
ATOM   876  N ND2 . ASN A 1 112 ? -9.709  17.184  4.706   1.00 32.10 ? 112 ASN A ND2 1 
ATOM   877  N N   . ILE A 1 113 ? -6.997  12.674  3.683   1.00 19.87 ? 113 ILE A N   1 
ATOM   878  C CA  . ILE A 1 113 ? -7.575  11.362  3.985   1.00 18.74 ? 113 ILE A CA  1 
ATOM   879  C C   . ILE A 1 113 ? -6.837  10.829  5.213   1.00 17.86 ? 113 ILE A C   1 
ATOM   880  O O   . ILE A 1 113 ? -5.627  10.619  5.180   1.00 17.19 ? 113 ILE A O   1 
ATOM   881  C CB  . ILE A 1 113 ? -7.464  10.399  2.786   1.00 18.24 ? 113 ILE A CB  1 
ATOM   882  C CG1 . ILE A 1 113 ? -8.299  10.930  1.613   1.00 18.13 ? 113 ILE A CG1 1 
ATOM   883  C CG2 . ILE A 1 113 ? -7.935  9.002   3.175   1.00 18.23 ? 113 ILE A CG2 1 
ATOM   884  C CD1 . ILE A 1 113 ? -8.049  10.215  0.303   1.00 18.14 ? 113 ILE A CD1 1 
ATOM   885  N N   . LEU A 1 114 ? -7.569  10.638  6.306   1.00 17.37 ? 114 LEU A N   1 
ATOM   886  C CA  . LEU A 1 114 ? -6.947  10.377  7.599   1.00 17.02 ? 114 LEU A CA  1 
ATOM   887  C C   . LEU A 1 114 ? -7.256  8.983   8.184   1.00 16.32 ? 114 LEU A C   1 
ATOM   888  O O   . LEU A 1 114 ? -7.071  8.759   9.382   1.00 15.64 ? 114 LEU A O   1 
ATOM   889  C CB  . LEU A 1 114 ? -7.339  11.496  8.572   1.00 17.10 ? 114 LEU A CB  1 
ATOM   890  C CG  . LEU A 1 114 ? -7.039  12.919  8.055   1.00 17.41 ? 114 LEU A CG  1 
ATOM   891  C CD1 . LEU A 1 114 ? -7.496  13.969  9.056   1.00 17.55 ? 114 LEU A CD1 1 
ATOM   892  C CD2 . LEU A 1 114 ? -5.563  13.105  7.733   1.00 17.25 ? 114 LEU A CD2 1 
ATOM   893  N N   . TYR A 1 115 ? -7.716  8.059   7.337   1.00 16.08 ? 115 TYR A N   1 
ATOM   894  C CA  . TYR A 1 115 ? -7.949  6.666   7.733   1.00 15.87 ? 115 TYR A CA  1 
ATOM   895  C C   . TYR A 1 115 ? -7.453  5.677   6.681   1.00 15.06 ? 115 TYR A C   1 
ATOM   896  O O   . TYR A 1 115 ? -7.701  5.862   5.491   1.00 14.77 ? 115 TYR A O   1 
ATOM   897  C CB  . TYR A 1 115 ? -9.441  6.422   8.020   1.00 16.77 ? 115 TYR A CB  1 
ATOM   898  C CG  . TYR A 1 115 ? -9.883  7.064   9.304   1.00 17.79 ? 115 TYR A CG  1 
ATOM   899  C CD1 . TYR A 1 115 ? -9.826  6.367   10.504  1.00 18.66 ? 115 TYR A CD1 1 
ATOM   900  C CD2 . TYR A 1 115 ? -10.311 8.384   9.331   1.00 18.52 ? 115 TYR A CD2 1 
ATOM   901  C CE1 . TYR A 1 115 ? -10.213 6.961   11.689  1.00 19.18 ? 115 TYR A CE1 1 
ATOM   902  C CE2 . TYR A 1 115 ? -10.696 8.991   10.515  1.00 19.03 ? 115 TYR A CE2 1 
ATOM   903  C CZ  . TYR A 1 115 ? -10.643 8.274   11.689  1.00 19.21 ? 115 TYR A CZ  1 
ATOM   904  O OH  . TYR A 1 115 ? -11.015 8.868   12.876  1.00 20.48 ? 115 TYR A OH  1 
ATOM   905  N N   . PHE A 1 116 ? -6.731  4.647   7.137   1.00 14.49 ? 116 PHE A N   1 
ATOM   906  C CA  . PHE A 1 116 ? -6.386  3.489   6.320   1.00 13.94 ? 116 PHE A CA  1 
ATOM   907  C C   . PHE A 1 116 ? -7.182  2.282   6.802   1.00 13.79 ? 116 PHE A C   1 
ATOM   908  O O   . PHE A 1 116 ? -7.313  2.061   8.001   1.00 13.32 ? 116 PHE A O   1 
ATOM   909  C CB  . PHE A 1 116 ? -4.896  3.131   6.433   1.00 13.95 ? 116 PHE A CB  1 
ATOM   910  C CG  . PHE A 1 116 ? -3.943  4.157   5.862   1.00 13.81 ? 116 PHE A CG  1 
ATOM   911  C CD1 . PHE A 1 116 ? -4.345  5.089   4.912   1.00 13.80 ? 116 PHE A CD1 1 
ATOM   912  C CD2 . PHE A 1 116 ? -2.607  4.140   6.247   1.00 13.66 ? 116 PHE A CD2 1 
ATOM   913  C CE1 . PHE A 1 116 ? -3.442  6.006   4.400   1.00 13.77 ? 116 PHE A CE1 1 
ATOM   914  C CE2 . PHE A 1 116 ? -1.703  5.044   5.727   1.00 13.60 ? 116 PHE A CE2 1 
ATOM   915  C CZ  . PHE A 1 116 ? -2.121  5.981   4.806   1.00 13.70 ? 116 PHE A CZ  1 
ATOM   916  N N   . LEU A 1 117 ? -7.702  1.502   5.859   1.00 13.97 ? 117 LEU A N   1 
ATOM   917  C CA  . LEU A 1 117 ? -8.236  0.171   6.154   1.00 14.39 ? 117 LEU A CA  1 
ATOM   918  C C   . LEU A 1 117 ? -7.432  -0.867  5.371   1.00 14.34 ? 117 LEU A C   1 
ATOM   919  O O   . LEU A 1 117 ? -7.072  -0.658  4.211   1.00 14.44 ? 117 LEU A O   1 
ATOM   920  C CB  . LEU A 1 117 ? -9.718  0.069   5.784   1.00 14.37 ? 117 LEU A CB  1 
ATOM   921  C CG  . LEU A 1 117 ? -10.711 0.919   6.575   1.00 14.42 ? 117 LEU A CG  1 
ATOM   922  C CD1 . LEU A 1 117 ? -12.094 0.787   5.953   1.00 14.49 ? 117 LEU A CD1 1 
ATOM   923  C CD2 . LEU A 1 117 ? -10.742 0.526   8.043   1.00 14.48 ? 117 LEU A CD2 1 
ATOM   924  N N   . THR A 1 118 ? -7.153  -1.986  6.017   1.00 14.69 ? 118 THR A N   1 
ATOM   925  C CA  . THR A 1 118 ? -6.420  -3.076  5.390   1.00 14.94 ? 118 THR A CA  1 
ATOM   926  C C   . THR A 1 118 ? -6.884  -4.383  6.011   1.00 15.68 ? 118 THR A C   1 
ATOM   927  O O   . THR A 1 118 ? -7.337  -4.402  7.159   1.00 15.52 ? 118 THR A O   1 
ATOM   928  C CB  . THR A 1 118 ? -4.892  -2.914  5.598   1.00 14.64 ? 118 THR A CB  1 
ATOM   929  O OG1 . THR A 1 118 ? -4.170  -3.805  4.731   1.00 14.28 ? 118 THR A OG1 1 
ATOM   930  C CG2 . THR A 1 118 ? -4.504  -3.175  7.054   1.00 14.74 ? 118 THR A CG2 1 
ATOM   931  N N   . TYR A 1 119 ? -6.808  -5.462  5.239   1.00 16.67 ? 119 TYR A N   1 
ATOM   932  C CA  . TYR A 1 119 ? -6.884  -6.800  5.803   1.00 17.54 ? 119 TYR A CA  1 
ATOM   933  C C   . TYR A 1 119 ? -5.455  -7.231  6.073   1.00 17.89 ? 119 TYR A C   1 
ATOM   934  O O   . TYR A 1 119 ? -4.527  -6.802  5.395   1.00 19.91 ? 119 TYR A O   1 
ATOM   935  C CB  . TYR A 1 119 ? -7.624  -7.767  4.871   1.00 17.76 ? 119 TYR A CB  1 
ATOM   936  C CG  . TYR A 1 119 ? -9.127  -7.677  5.051   1.00 18.27 ? 119 TYR A CG  1 
ATOM   937  C CD1 . TYR A 1 119 ? -9.777  -8.413  6.040   1.00 18.55 ? 119 TYR A CD1 1 
ATOM   938  C CD2 . TYR A 1 119 ? -9.892  -6.824  4.262   1.00 18.83 ? 119 TYR A CD2 1 
ATOM   939  C CE1 . TYR A 1 119 ? -11.145 -8.318  6.222   1.00 18.75 ? 119 TYR A CE1 1 
ATOM   940  C CE2 . TYR A 1 119 ? -11.259 -6.723  4.437   1.00 19.42 ? 119 TYR A CE2 1 
ATOM   941  C CZ  . TYR A 1 119 ? -11.880 -7.474  5.417   1.00 19.40 ? 119 TYR A CZ  1 
ATOM   942  O OH  . TYR A 1 119 ? -13.236 -7.361  5.584   1.00 20.84 ? 119 TYR A OH  1 
ATOM   943  N N   . ALA A 1 120 ? -5.258  -8.025  7.106   1.00 17.74 ? 120 ALA A N   1 
ATOM   944  C CA  . ALA A 1 120 ? -3.930  -8.528  7.412   1.00 17.29 ? 120 ALA A CA  1 
ATOM   945  C C   . ALA A 1 120 ? -4.032  -10.019 7.644   1.00 17.24 ? 120 ALA A C   1 
ATOM   946  O O   . ALA A 1 120 ? -4.959  -10.486 8.310   1.00 17.25 ? 120 ALA A O   1 
ATOM   947  C CB  . ALA A 1 120 ? -3.381  -7.835  8.648   1.00 17.12 ? 120 ALA A CB  1 
ATOM   948  N N   . ASP A 1 121 ? -3.095  -10.779 7.090   1.00 17.39 ? 121 ASP A N   1 
ATOM   949  C CA  . ASP A 1 121 ? -2.931  -12.147 7.546   1.00 17.66 ? 121 ASP A CA  1 
ATOM   950  C C   . ASP A 1 121 ? -2.322  -12.108 8.950   1.00 16.66 ? 121 ASP A C   1 
ATOM   951  O O   . ASP A 1 121 ? -1.703  -11.115 9.346   1.00 15.89 ? 121 ASP A O   1 
ATOM   952  C CB  . ASP A 1 121 ? -2.103  -13.002 6.581   1.00 18.83 ? 121 ASP A CB  1 
ATOM   953  C CG  . ASP A 1 121 ? -0.806  -12.350 6.160   1.00 19.72 ? 121 ASP A CG  1 
ATOM   954  O OD1 . ASP A 1 121 ? 0.100   -13.102 5.759   1.00 20.90 ? 121 ASP A OD1 1 
ATOM   955  O OD2 . ASP A 1 121 ? -0.686  -11.106 6.211   1.00 20.36 ? 121 ASP A OD2 1 
ATOM   956  N N   . GLU A 1 122 ? -2.518  -13.189 9.698   1.00 15.78 ? 122 GLU A N   1 
ATOM   957  C CA  . GLU A 1 122 ? -2.172  -13.225 11.113  1.00 15.64 ? 122 GLU A CA  1 
ATOM   958  C C   . GLU A 1 122 ? -0.706  -12.908 11.364  1.00 15.21 ? 122 GLU A C   1 
ATOM   959  O O   . GLU A 1 122 ? -0.397  -12.171 12.291  1.00 15.49 ? 122 GLU A O   1 
ATOM   960  C CB  . GLU A 1 122 ? -2.514  -14.594 11.726  1.00 15.54 ? 122 GLU A CB  1 
ATOM   961  C CG  . GLU A 1 122 ? -2.206  -14.680 13.212  1.00 15.60 ? 122 GLU A CG  1 
ATOM   962  C CD  . GLU A 1 122 ? -2.836  -15.888 13.878  1.00 15.76 ? 122 GLU A CD  1 
ATOM   963  O OE1 . GLU A 1 122 ? -2.873  -16.969 13.263  1.00 15.96 ? 122 GLU A OE1 1 
ATOM   964  O OE2 . GLU A 1 122 ? -3.295  -15.755 15.019  1.00 15.87 ? 122 GLU A OE2 1 
ATOM   965  N N   . TYR A 1 123 ? 0.189   -13.450 10.540  1.00 14.90 ? 123 TYR A N   1 
ATOM   966  C CA  . TYR A 1 123 ? 1.635   -13.321 10.790  1.00 15.14 ? 123 TYR A CA  1 
ATOM   967  C C   . TYR A 1 123 ? 2.220   -11.969 10.365  1.00 14.68 ? 123 TYR A C   1 
ATOM   968  O O   . TYR A 1 123 ? 3.418   -11.743 10.522  1.00 14.60 ? 123 TYR A O   1 
ATOM   969  C CB  . TYR A 1 123 ? 2.409   -14.466 10.121  1.00 15.24 ? 123 TYR A CB  1 
ATOM   970  C CG  . TYR A 1 123 ? 1.892   -15.849 10.467  1.00 15.59 ? 123 TYR A CG  1 
ATOM   971  C CD1 . TYR A 1 123 ? 1.195   -16.090 11.657  1.00 15.66 ? 123 TYR A CD1 1 
ATOM   972  C CD2 . TYR A 1 123 ? 2.104   -16.923 9.605   1.00 15.70 ? 123 TYR A CD2 1 
ATOM   973  C CE1 . TYR A 1 123 ? 0.733   -17.355 11.972  1.00 15.72 ? 123 TYR A CE1 1 
ATOM   974  C CE2 . TYR A 1 123 ? 1.647   -18.193 9.921   1.00 15.89 ? 123 TYR A CE2 1 
ATOM   975  C CZ  . TYR A 1 123 ? 0.961   -18.397 11.100  1.00 15.68 ? 123 TYR A CZ  1 
ATOM   976  O OH  . TYR A 1 123 ? 0.504   -19.649 11.406  1.00 16.08 ? 123 TYR A OH  1 
ATOM   977  N N   . ALA A 1 124 ? 1.374   -11.079 9.841   1.00 14.66 ? 124 ALA A N   1 
ATOM   978  C CA  . ALA A 1 124 ? 1.767   -9.699  9.518   1.00 14.39 ? 124 ALA A CA  1 
ATOM   979  C C   . ALA A 1 124 ? 1.126   -8.667  10.446  1.00 13.95 ? 124 ALA A C   1 
ATOM   980  O O   . ALA A 1 124 ? 1.422   -7.478  10.341  1.00 14.27 ? 124 ALA A O   1 
ATOM   981  C CB  . ALA A 1 124 ? 1.410   -9.388  8.076   1.00 14.35 ? 124 ALA A CB  1 
ATOM   982  N N   . ILE A 1 125 ? 0.258   -9.103  11.357  1.00 13.92 ? 125 ILE A N   1 
ATOM   983  C CA  . ILE A 1 125 ? -0.474  -8.173  12.219  1.00 13.67 ? 125 ILE A CA  1 
ATOM   984  C C   . ILE A 1 125 ? 0.464   -7.205  12.948  1.00 13.43 ? 125 ILE A C   1 
ATOM   985  O O   . ILE A 1 125 ? 0.186   -6.002  13.022  1.00 13.03 ? 125 ILE A O   1 
ATOM   986  C CB  . ILE A 1 125 ? -1.387  -8.916  13.229  1.00 13.85 ? 125 ILE A CB  1 
ATOM   987  C CG1 . ILE A 1 125 ? -2.634  -9.428  12.519  1.00 13.97 ? 125 ILE A CG1 1 
ATOM   988  C CG2 . ILE A 1 125 ? -1.833  -7.995  14.368  1.00 13.96 ? 125 ILE A CG2 1 
ATOM   989  C CD1 . ILE A 1 125 ? -3.487  -10.368 13.353  1.00 14.06 ? 125 ILE A CD1 1 
ATOM   990  N N   . GLY A 1 126 ? 1.572   -7.724  13.470  1.00 13.10 ? 126 GLY A N   1 
ATOM   991  C CA  . GLY A 1 126 ? 2.511   -6.915  14.250  1.00 12.99 ? 126 GLY A CA  1 
ATOM   992  C C   . GLY A 1 126 ? 3.145   -5.769  13.479  1.00 13.25 ? 126 GLY A C   1 
ATOM   993  O O   . GLY A 1 126 ? 3.426   -4.712  14.047  1.00 12.95 ? 126 GLY A O   1 
ATOM   994  N N   . TYR A 1 127 ? 3.391   -5.971  12.186  1.00 13.54 ? 127 TYR A N   1 
ATOM   995  C CA  . TYR A 1 127 ? 3.874   -4.879  11.333  1.00 13.61 ? 127 TYR A CA  1 
ATOM   996  C C   . TYR A 1 127 ? 2.864   -3.738  11.342  1.00 13.73 ? 127 TYR A C   1 
ATOM   997  O O   . TYR A 1 127 ? 3.219   -2.584  11.587  1.00 14.10 ? 127 TYR A O   1 
ATOM   998  C CB  . TYR A 1 127 ? 4.127   -5.354  9.893   1.00 13.63 ? 127 TYR A CB  1 
ATOM   999  C CG  . TYR A 1 127 ? 4.244   -4.224  8.901   1.00 13.57 ? 127 TYR A CG  1 
ATOM   1000 C CD1 . TYR A 1 127 ? 5.376   -3.424  8.860   1.00 13.60 ? 127 TYR A CD1 1 
ATOM   1001 C CD2 . TYR A 1 127 ? 3.207   -3.939  8.013   1.00 13.77 ? 127 TYR A CD2 1 
ATOM   1002 C CE1 . TYR A 1 127 ? 5.477   -2.375  7.963   1.00 13.56 ? 127 TYR A CE1 1 
ATOM   1003 C CE2 . TYR A 1 127 ? 3.303   -2.898  7.112   1.00 13.44 ? 127 TYR A CE2 1 
ATOM   1004 C CZ  . TYR A 1 127 ? 4.443   -2.115  7.095   1.00 13.50 ? 127 TYR A CZ  1 
ATOM   1005 O OH  . TYR A 1 127 ? 4.546   -1.075  6.199   1.00 13.70 ? 127 TYR A OH  1 
ATOM   1006 N N   . PHE A 1 128 ? 1.598   -4.062  11.100  1.00 13.78 ? 128 PHE A N   1 
ATOM   1007 C CA  . PHE A 1 128 ? 0.553   -3.041  11.081  1.00 14.00 ? 128 PHE A CA  1 
ATOM   1008 C C   . PHE A 1 128 ? 0.375   -2.388  12.450  1.00 14.50 ? 128 PHE A C   1 
ATOM   1009 O O   . PHE A 1 128 ? 0.201   -1.176  12.546  1.00 14.40 ? 128 PHE A O   1 
ATOM   1010 C CB  . PHE A 1 128 ? -0.750  -3.636  10.549  1.00 13.71 ? 128 PHE A CB  1 
ATOM   1011 C CG  . PHE A 1 128 ? -0.674  -4.007  9.098   1.00 13.14 ? 128 PHE A CG  1 
ATOM   1012 C CD1 . PHE A 1 128 ? -0.669  -3.021  8.126   1.00 13.07 ? 128 PHE A CD1 1 
ATOM   1013 C CD2 . PHE A 1 128 ? -0.562  -5.332  8.708   1.00 13.19 ? 128 PHE A CD2 1 
ATOM   1014 C CE1 . PHE A 1 128 ? -0.588  -3.348  6.784   1.00 13.13 ? 128 PHE A CE1 1 
ATOM   1015 C CE2 . PHE A 1 128 ? -0.472  -5.671  7.368   1.00 13.13 ? 128 PHE A CE2 1 
ATOM   1016 C CZ  . PHE A 1 128 ? -0.487  -4.677  6.406   1.00 13.07 ? 128 PHE A CZ  1 
ATOM   1017 N N   . LYS A 1 129 ? 0.450   -3.188  13.504  1.00 15.45 ? 129 LYS A N   1 
ATOM   1018 C CA  . LYS A 1 129 ? 0.381   -2.661  14.864  1.00 16.43 ? 129 LYS A CA  1 
ATOM   1019 C C   . LYS A 1 129 ? 1.501   -1.660  15.124  1.00 16.11 ? 129 LYS A C   1 
ATOM   1020 O O   . LYS A 1 129 ? 1.274   -0.633  15.750  1.00 15.36 ? 129 LYS A O   1 
ATOM   1021 C CB  . LYS A 1 129 ? 0.449   -3.792  15.887  1.00 17.65 ? 129 LYS A CB  1 
ATOM   1022 C CG  . LYS A 1 129 ? -0.784  -4.672  15.901  1.00 19.04 ? 129 LYS A CG  1 
ATOM   1023 C CD  . LYS A 1 129 ? -0.800  -5.577  17.119  1.00 20.56 ? 129 LYS A CD  1 
ATOM   1024 C CE  . LYS A 1 129 ? -1.450  -4.881  18.298  1.00 22.04 ? 129 LYS A CE  1 
ATOM   1025 N NZ  . LYS A 1 129 ? -2.901  -4.597  18.036  1.00 23.00 ? 129 LYS A NZ  1 
ATOM   1026 N N   . LYS A 1 130 ? 2.703   -1.955  14.638  1.00 16.48 ? 130 LYS A N   1 
ATOM   1027 C CA  . LYS A 1 130 ? 3.818   -1.019  14.770  1.00 17.36 ? 130 LYS A CA  1 
ATOM   1028 C C   . LYS A 1 130 ? 3.554   0.290   14.012  1.00 16.96 ? 130 LYS A C   1 
ATOM   1029 O O   . LYS A 1 130 ? 3.997   1.351   14.440  1.00 16.53 ? 130 LYS A O   1 
ATOM   1030 C CB  . LYS A 1 130 ? 5.144   -1.650  14.324  1.00 18.77 ? 130 LYS A CB  1 
ATOM   1031 C CG  . LYS A 1 130 ? 6.224   -0.608  14.099  1.00 20.55 ? 130 LYS A CG  1 
ATOM   1032 C CD  . LYS A 1 130 ? 7.610   -1.056  14.477  1.00 22.08 ? 130 LYS A CD  1 
ATOM   1033 C CE  . LYS A 1 130 ? 8.585   0.113   14.368  1.00 22.98 ? 130 LYS A CE  1 
ATOM   1034 N NZ  . LYS A 1 130 ? 8.585   0.711   12.999  1.00 23.54 ? 130 LYS A NZ  1 
ATOM   1035 N N   . GLN A 1 131 ? 2.806   0.234   12.937  1.00 16.66 ? 131 GLN A N   1 
ATOM   1036 C CA  . GLN A 1 131 ? 2.503   1.371   12.129  1.00 16.61 ? 131 GLN A CA  1 
ATOM   1037 C C   . GLN A 1 131 ? 1.261   2.078   12.656  1.00 16.83 ? 131 GLN A C   1 
ATOM   1038 O O   . GLN A 1 131 ? 0.751   2.926   11.996  1.00 17.70 ? 131 GLN A O   1 
ATOM   1039 C CB  . GLN A 1 131 ? 2.299   0.931   10.659  1.00 16.30 ? 131 GLN A CB  1 
ATOM   1040 C CG  . GLN A 1 131 ? 3.414   0.197   9.934   1.00 16.34 ? 131 GLN A CG  1 
ATOM   1041 C CD  . GLN A 1 131 ? 4.792   0.626   10.321  1.00 16.57 ? 131 GLN A CD  1 
ATOM   1042 O OE1 . GLN A 1 131 ? 5.120   1.758   10.283  1.00 17.41 ? 131 GLN A OE1 1 
ATOM   1043 N NE2 . GLN A 1 131 ? 5.586   -0.305  10.669  1.00 16.29 ? 131 GLN A NE2 1 
ATOM   1044 N N   . GLY A 1 132 ? 0.767   1.680   13.817  1.00 16.67 ? 132 GLY A N   1 
ATOM   1045 C CA  . GLY A 1 132 ? -0.362  2.310   14.474  1.00 16.67 ? 132 GLY A CA  1 
ATOM   1046 C C   . GLY A 1 132 ? -1.727  1.774   14.085  1.00 16.83 ? 132 GLY A C   1 
ATOM   1047 O O   . GLY A 1 132 ? -2.735  2.401   14.395  1.00 16.43 ? 132 GLY A O   1 
ATOM   1048 N N   . PHE A 1 133 ? -1.774  0.624   13.415  1.00 16.87 ? 133 PHE A N   1 
ATOM   1049 C CA  . PHE A 1 133 ? -3.054  0.000   13.067  1.00 17.21 ? 133 PHE A CA  1 
ATOM   1050 C C   . PHE A 1 133 ? -3.630  -0.716  14.284  1.00 18.14 ? 133 PHE A C   1 
ATOM   1051 O O   . PHE A 1 133 ? -2.878  -1.197  15.139  1.00 18.39 ? 133 PHE A O   1 
ATOM   1052 C CB  . PHE A 1 133 ? -2.907  -1.022  11.938  1.00 16.80 ? 133 PHE A CB  1 
ATOM   1053 C CG  . PHE A 1 133 ? -2.723  -0.417  10.574  1.00 16.48 ? 133 PHE A CG  1 
ATOM   1054 C CD1 . PHE A 1 133 ? -3.713  -0.548  9.605   1.00 16.15 ? 133 PHE A CD1 1 
ATOM   1055 C CD2 . PHE A 1 133 ? -1.558  0.278   10.250  1.00 16.32 ? 133 PHE A CD2 1 
ATOM   1056 C CE1 . PHE A 1 133 ? -3.542  -0.008  8.342   1.00 16.05 ? 133 PHE A CE1 1 
ATOM   1057 C CE2 . PHE A 1 133 ? -1.388  0.821   8.990   1.00 16.03 ? 133 PHE A CE2 1 
ATOM   1058 C CZ  . PHE A 1 133 ? -2.382  0.681   8.036   1.00 15.69 ? 133 PHE A CZ  1 
ATOM   1059 N N   . SER A 1 134 ? -4.957  -0.797  14.332  1.00 18.93 ? 134 SER A N   1 
ATOM   1060 C CA  . SER A 1 134 ? -5.675  -1.523  15.378  1.00 20.48 ? 134 SER A CA  1 
ATOM   1061 C C   . SER A 1 134 ? -6.763  -2.410  14.772  1.00 21.11 ? 134 SER A C   1 
ATOM   1062 O O   . SER A 1 134 ? -7.292  -2.112  13.698  1.00 20.37 ? 134 SER A O   1 
ATOM   1063 C CB  . SER A 1 134 ? -6.314  -0.538  16.365  1.00 20.90 ? 134 SER A CB  1 
ATOM   1064 O OG  . SER A 1 134 ? -7.242  -1.204  17.208  1.00 21.79 ? 134 SER A OG  1 
ATOM   1065 N N   . LYS A 1 135 ? -7.108  -3.487  15.474  1.00 22.48 ? 135 LYS A N   1 
ATOM   1066 C CA  . LYS A 1 135 ? -8.227  -4.342  15.057  1.00 23.93 ? 135 LYS A CA  1 
ATOM   1067 C C   . LYS A 1 135 ? -9.575  -3.706  15.397  1.00 24.20 ? 135 LYS A C   1 
ATOM   1068 O O   . LYS A 1 135 ? -10.614 -4.186  14.948  1.00 24.55 ? 135 LYS A O   1 
ATOM   1069 C CB  . LYS A 1 135 ? -8.147  -5.717  15.710  1.00 25.41 ? 135 LYS A CB  1 
ATOM   1070 C CG  . LYS A 1 135 ? -6.865  -6.473  15.430  1.00 26.54 ? 135 LYS A CG  1 
ATOM   1071 C CD  . LYS A 1 135 ? -6.842  -7.781  16.200  1.00 28.47 ? 135 LYS A CD  1 
ATOM   1072 C CE  . LYS A 1 135 ? -5.437  -8.355  16.285  1.00 29.45 ? 135 LYS A CE  1 
ATOM   1073 N NZ  . LYS A 1 135 ? -5.430  -9.666  16.989  1.00 30.70 ? 135 LYS A NZ  1 
ATOM   1074 N N   . ASP A 1 136 ? -9.555  -2.643  16.197  1.00 25.05 ? 136 ASP A N   1 
ATOM   1075 C CA  . ASP A 1 136 ? -10.765 -1.882  16.517  1.00 27.04 ? 136 ASP A CA  1 
ATOM   1076 C C   . ASP A 1 136 ? -11.097 -0.914  15.390  1.00 26.67 ? 136 ASP A C   1 
ATOM   1077 O O   . ASP A 1 136 ? -10.388 0.067   15.174  1.00 26.22 ? 136 ASP A O   1 
ATOM   1078 C CB  . ASP A 1 136 ? -10.570 -1.101  17.818  1.00 28.88 ? 136 ASP A CB  1 
ATOM   1079 C CG  . ASP A 1 136 ? -10.219 -1.997  18.987  1.00 30.38 ? 136 ASP A CG  1 
ATOM   1080 O OD1 . ASP A 1 136 ? -10.526 -3.206  18.930  1.00 32.02 ? 136 ASP A OD1 1 
ATOM   1081 O OD2 . ASP A 1 136 ? -9.630  -1.490  19.962  1.00 33.73 ? 136 ASP A OD2 1 
ATOM   1082 N N   . ILE A 1 137 ? -12.182 -1.192  14.675  1.00 27.10 ? 137 ILE A N   1 
ATOM   1083 C CA  . ILE A 1 137 ? -12.571 -0.393  13.515  1.00 26.95 ? 137 ILE A CA  1 
ATOM   1084 C C   . ILE A 1 137 ? -13.532 0.735   13.919  1.00 27.85 ? 137 ILE A C   1 
ATOM   1085 O O   . ILE A 1 137 ? -14.586 0.479   14.483  1.00 29.09 ? 137 ILE A O   1 
ATOM   1086 C CB  . ILE A 1 137 ? -13.227 -1.287  12.429  1.00 26.22 ? 137 ILE A CB  1 
ATOM   1087 C CG1 . ILE A 1 137 ? -12.384 -2.549  12.159  1.00 26.01 ? 137 ILE A CG1 1 
ATOM   1088 C CG2 . ILE A 1 137 ? -13.441 -0.506  11.138  1.00 26.23 ? 137 ILE A CG2 1 
ATOM   1089 C CD1 . ILE A 1 137 ? -10.915 -2.293  11.864  1.00 25.36 ? 137 ILE A CD1 1 
ATOM   1090 N N   . LYS A 1 138 ? -13.151 1.979   13.636  1.00 29.37 ? 138 LYS A N   1 
ATOM   1091 C CA  . LYS A 1 138 ? -13.988 3.155   13.903  1.00 30.38 ? 138 LYS A CA  1 
ATOM   1092 C C   . LYS A 1 138 ? -14.754 3.623   12.665  1.00 29.17 ? 138 LYS A C   1 
ATOM   1093 O O   . LYS A 1 138 ? -15.786 4.272   12.788  1.00 28.86 ? 138 LYS A O   1 
ATOM   1094 C CB  . LYS A 1 138 ? -13.129 4.299   14.442  1.00 20.00 ? 138 LYS A CB  1 
ATOM   1095 N N   . VAL A 1 139 ? -14.233 3.331   11.475  1.00 27.57 ? 139 VAL A N   1 
ATOM   1096 C CA  . VAL A 1 139 ? -14.942 3.645   10.230  1.00 25.97 ? 139 VAL A CA  1 
ATOM   1097 C C   . VAL A 1 139 ? -16.212 2.788   10.203  1.00 24.56 ? 139 VAL A C   1 
ATOM   1098 O O   . VAL A 1 139 ? -16.116 1.568   10.281  1.00 23.96 ? 139 VAL A O   1 
ATOM   1099 C CB  . VAL A 1 139 ? -14.072 3.343   8.981   1.00 26.03 ? 139 VAL A CB  1 
ATOM   1100 C CG1 . VAL A 1 139 ? -14.864 3.563   7.697   1.00 25.52 ? 139 VAL A CG1 1 
ATOM   1101 C CG2 . VAL A 1 139 ? -12.807 4.201   8.977   1.00 26.39 ? 139 VAL A CG2 1 
ATOM   1102 N N   . PRO A 1 140 ? -17.404 3.417   10.123  1.00 23.25 ? 140 PRO A N   1 
ATOM   1103 C CA  . PRO A 1 140 ? -18.631 2.613   10.108  1.00 22.89 ? 140 PRO A CA  1 
ATOM   1104 C C   . PRO A 1 140 ? -18.671 1.597   8.963   1.00 22.47 ? 140 PRO A C   1 
ATOM   1105 O O   . PRO A 1 140 ? -18.217 1.896   7.855   1.00 21.95 ? 140 PRO A O   1 
ATOM   1106 C CB  . PRO A 1 140 ? -19.745 3.655   9.935   1.00 23.08 ? 140 PRO A CB  1 
ATOM   1107 C CG  . PRO A 1 140 ? -19.168 4.930   10.441  1.00 23.47 ? 140 PRO A CG  1 
ATOM   1108 C CD  . PRO A 1 140 ? -17.694 4.863   10.131  1.00 23.46 ? 140 PRO A CD  1 
ATOM   1109 N N   . LYS A 1 141 ? -19.222 0.416   9.238   1.00 21.88 ? 141 LYS A N   1 
ATOM   1110 C CA  . LYS A 1 141 ? -19.312 -0.659  8.250   1.00 22.15 ? 141 LYS A CA  1 
ATOM   1111 C C   . LYS A 1 141 ? -19.979 -0.234  6.938   1.00 22.40 ? 141 LYS A C   1 
ATOM   1112 O O   . LYS A 1 141 ? -19.585 -0.697  5.862   1.00 21.67 ? 141 LYS A O   1 
ATOM   1113 C CB  . LYS A 1 141 ? -20.041 -1.861  8.846   1.00 22.59 ? 141 LYS A CB  1 
ATOM   1114 C CG  . LYS A 1 141 ? -20.065 -3.088  7.951   1.00 23.00 ? 141 LYS A CG  1 
ATOM   1115 C CD  . LYS A 1 141 ? -20.652 -4.269  8.698   1.00 23.77 ? 141 LYS A CD  1 
ATOM   1116 C CE  . LYS A 1 141 ? -20.474 -5.550  7.913   1.00 24.45 ? 141 LYS A CE  1 
ATOM   1117 N NZ  . LYS A 1 141 ? -21.027 -6.726  8.640   1.00 25.06 ? 141 LYS A NZ  1 
ATOM   1118 N N   . SER A 1 142 ? -20.964 0.659   7.024   1.00 22.63 ? 142 SER A N   1 
ATOM   1119 C CA  . SER A 1 142 ? -21.637 1.163   5.827   1.00 23.62 ? 142 SER A CA  1 
ATOM   1120 C C   . SER A 1 142 ? -20.708 1.997   4.934   1.00 23.68 ? 142 SER A C   1 
ATOM   1121 O O   . SER A 1 142 ? -20.964 2.118   3.733   1.00 24.09 ? 142 SER A O   1 
ATOM   1122 C CB  . SER A 1 142 ? -22.878 1.982   6.198   1.00 23.51 ? 142 SER A CB  1 
ATOM   1123 O OG  . SER A 1 142 ? -22.513 3.118   6.958   1.00 24.89 ? 142 SER A OG  1 
ATOM   1124 N N   . ARG A 1 143 ? -19.645 2.566   5.510   1.00 23.44 ? 143 ARG A N   1 
ATOM   1125 C CA  . ARG A 1 143 ? -18.658 3.325   4.732   1.00 23.77 ? 143 ARG A CA  1 
ATOM   1126 C C   . ARG A 1 143 ? -17.712 2.451   3.902   1.00 20.97 ? 143 ARG A C   1 
ATOM   1127 O O   . ARG A 1 143 ? -17.243 2.904   2.865   1.00 20.32 ? 143 ARG A O   1 
ATOM   1128 C CB  . ARG A 1 143 ? -17.819 4.259   5.625   1.00 26.73 ? 143 ARG A CB  1 
ATOM   1129 C CG  . ARG A 1 143 ? -18.542 5.496   6.142   1.00 29.63 ? 143 ARG A CG  1 
ATOM   1130 C CD  . ARG A 1 143 ? -18.923 6.442   5.011   1.00 32.82 ? 143 ARG A CD  1 
ATOM   1131 N NE  . ARG A 1 143 ? -19.123 7.816   5.470   1.00 36.87 ? 143 ARG A NE  1 
ATOM   1132 C CZ  . ARG A 1 143 ? -19.486 8.836   4.690   1.00 39.80 ? 143 ARG A CZ  1 
ATOM   1133 N NH1 . ARG A 1 143 ? -19.705 8.657   3.387   1.00 40.90 ? 143 ARG A NH1 1 
ATOM   1134 N NH2 . ARG A 1 143 ? -19.632 10.050  5.216   1.00 41.12 ? 143 ARG A NH2 1 
ATOM   1135 N N   . TYR A 1 144 ? -17.419 1.227   4.349   1.00 19.12 ? 144 TYR A N   1 
ATOM   1136 C CA  . TYR A 1 144 ? -16.480 0.352   3.625   1.00 18.05 ? 144 TYR A CA  1 
ATOM   1137 C C   . TYR A 1 144 ? -17.070 -0.924  3.016   1.00 17.70 ? 144 TYR A C   1 
ATOM   1138 O O   . TYR A 1 144 ? -16.447 -1.515  2.139   1.00 16.59 ? 144 TYR A O   1 
ATOM   1139 C CB  . TYR A 1 144 ? -15.273 -0.020  4.502   1.00 17.86 ? 144 TYR A CB  1 
ATOM   1140 C CG  . TYR A 1 144 ? -15.579 -0.893  5.698   1.00 17.37 ? 144 TYR A CG  1 
ATOM   1141 C CD1 . TYR A 1 144 ? -15.796 -2.262  5.557   1.00 17.35 ? 144 TYR A CD1 1 
ATOM   1142 C CD2 . TYR A 1 144 ? -15.622 -0.351  6.978   1.00 17.62 ? 144 TYR A CD2 1 
ATOM   1143 C CE1 . TYR A 1 144 ? -16.064 -3.066  6.657   1.00 17.65 ? 144 TYR A CE1 1 
ATOM   1144 C CE2 . TYR A 1 144 ? -15.882 -1.143  8.087   1.00 17.51 ? 144 TYR A CE2 1 
ATOM   1145 C CZ  . TYR A 1 144 ? -16.108 -2.492  7.923   1.00 17.58 ? 144 TYR A CZ  1 
ATOM   1146 O OH  . TYR A 1 144 ? -16.376 -3.265  9.023   1.00 18.12 ? 144 TYR A OH  1 
ATOM   1147 N N   . LEU A 1 145 ? -18.240 -1.368  3.482   1.00 18.28 ? 145 LEU A N   1 
ATOM   1148 C CA  . LEU A 1 145 ? -18.827 -2.613  2.968   1.00 18.35 ? 145 LEU A CA  1 
ATOM   1149 C C   . LEU A 1 145 ? -19.109 -2.489  1.478   1.00 18.20 ? 145 LEU A C   1 
ATOM   1150 O O   . LEU A 1 145 ? -19.825 -1.593  1.047   1.00 18.92 ? 145 LEU A O   1 
ATOM   1151 C CB  . LEU A 1 145 ? -20.112 -2.983  3.715   1.00 18.91 ? 145 LEU A CB  1 
ATOM   1152 C CG  . LEU A 1 145 ? -20.875 -4.216  3.204   1.00 19.09 ? 145 LEU A CG  1 
ATOM   1153 C CD1 . LEU A 1 145 ? -19.994 -5.456  3.266   1.00 19.00 ? 145 LEU A CD1 1 
ATOM   1154 C CD2 . LEU A 1 145 ? -22.167 -4.412  3.996   1.00 19.51 ? 145 LEU A CD2 1 
ATOM   1155 N N   . GLY A 1 146 ? -18.530 -3.385  0.696   1.00 18.44 ? 146 GLY A N   1 
ATOM   1156 C CA  . GLY A 1 146 ? -18.682 -3.354  -0.750  1.00 18.62 ? 146 GLY A CA  1 
ATOM   1157 C C   . GLY A 1 146 ? -17.776 -2.346  -1.436  1.00 18.61 ? 146 GLY A C   1 
ATOM   1158 O O   . GLY A 1 146 ? -17.894 -2.150  -2.644  1.00 19.15 ? 146 GLY A O   1 
ATOM   1159 N N   . TYR A 1 147 ? -16.886 -1.702  -0.676  1.00 18.74 ? 147 TYR A N   1 
ATOM   1160 C CA  . TYR A 1 147 ? -15.855 -0.811  -1.241  1.00 18.94 ? 147 TYR A CA  1 
ATOM   1161 C C   . TYR A 1 147 ? -14.513 -1.516  -1.214  1.00 19.30 ? 147 TYR A C   1 
ATOM   1162 O O   . TYR A 1 147 ? -13.847 -1.626  -2.237  1.00 20.32 ? 147 TYR A O   1 
ATOM   1163 C CB  . TYR A 1 147 ? -15.757 0.503   -0.464  1.00 18.52 ? 147 TYR A CB  1 
ATOM   1164 C CG  . TYR A 1 147 ? -16.906 1.440   -0.723  1.00 18.90 ? 147 TYR A CG  1 
ATOM   1165 C CD1 . TYR A 1 147 ? -16.745 2.580   -1.504  1.00 18.85 ? 147 TYR A CD1 1 
ATOM   1166 C CD2 . TYR A 1 147 ? -18.165 1.180   -0.196  1.00 19.35 ? 147 TYR A CD2 1 
ATOM   1167 C CE1 . TYR A 1 147 ? -17.803 3.437   -1.743  1.00 18.75 ? 147 TYR A CE1 1 
ATOM   1168 C CE2 . TYR A 1 147 ? -19.231 2.031   -0.435  1.00 19.23 ? 147 TYR A CE2 1 
ATOM   1169 C CZ  . TYR A 1 147 ? -19.043 3.150   -1.207  1.00 19.01 ? 147 TYR A CZ  1 
ATOM   1170 O OH  . TYR A 1 147 ? -20.104 3.985   -1.433  1.00 19.91 ? 147 TYR A OH  1 
ATOM   1171 N N   . ILE A 1 148 ? -14.129 -1.992  -0.036  1.00 19.75 ? 148 ILE A N   1 
ATOM   1172 C CA  . ILE A 1 148 ? -12.859 -2.694  0.145   1.00 20.36 ? 148 ILE A CA  1 
ATOM   1173 C C   . ILE A 1 148 ? -12.973 -4.165  -0.241  1.00 21.20 ? 148 ILE A C   1 
ATOM   1174 O O   . ILE A 1 148 ? -14.052 -4.754  -0.190  1.00 21.08 ? 148 ILE A O   1 
ATOM   1175 C CB  . ILE A 1 148 ? -12.326 -2.564  1.597   1.00 20.01 ? 148 ILE A CB  1 
ATOM   1176 C CG1 . ILE A 1 148 ? -13.256 -3.250  2.612   1.00 20.37 ? 148 ILE A CG1 1 
ATOM   1177 C CG2 . ILE A 1 148 ? -12.139 -1.099  1.964   1.00 20.12 ? 148 ILE A CG2 1 
ATOM   1178 C CD1 . ILE A 1 148 ? -12.801 -3.115  4.055   1.00 20.30 ? 148 ILE A CD1 1 
ATOM   1179 N N   . LYS A 1 149 ? -11.846 -4.751  -0.624  1.00 22.38 ? 149 LYS A N   1 
ATOM   1180 C CA  . LYS A 1 149 ? -11.773 -6.182  -0.906  1.00 23.51 ? 149 LYS A CA  1 
ATOM   1181 C C   . LYS A 1 149 ? -11.549 -6.936  0.402   1.00 24.65 ? 149 LYS A C   1 
ATOM   1182 O O   . LYS A 1 149 ? -10.866 -6.444  1.300   1.00 25.38 ? 149 LYS A O   1 
ATOM   1183 C CB  . LYS A 1 149 ? -10.639 -6.467  -1.888  1.00 23.43 ? 149 LYS A CB  1 
ATOM   1184 C CG  . LYS A 1 149 ? -10.842 -5.813  -3.247  1.00 23.95 ? 149 LYS A CG  1 
ATOM   1185 C CD  . LYS A 1 149 ? -9.541  -5.661  -4.027  1.00 24.53 ? 149 LYS A CD  1 
ATOM   1186 C CE  . LYS A 1 149 ? -8.674  -4.509  -3.533  1.00 24.35 ? 149 LYS A CE  1 
ATOM   1187 N NZ  . LYS A 1 149 ? -9.327  -3.186  -3.752  1.00 24.24 ? 149 LYS A NZ  1 
ATOM   1188 N N   . ASP A 1 150 ? -12.134 -8.124  0.514   1.00 25.50 ? 150 ASP A N   1 
ATOM   1189 C CA  . ASP A 1 150 ? -11.954 -8.960  1.702   1.00 26.61 ? 150 ASP A CA  1 
ATOM   1190 C C   . ASP A 1 150 ? -11.308 -10.296 1.340   1.00 25.61 ? 150 ASP A C   1 
ATOM   1191 O O   . ASP A 1 150 ? -11.206 -10.656 0.168   1.00 24.40 ? 150 ASP A O   1 
ATOM   1192 C CB  . ASP A 1 150 ? -13.283 -9.168  2.444   1.00 28.48 ? 150 ASP A CB  1 
ATOM   1193 C CG  . ASP A 1 150 ? -14.382 -9.683  1.543   1.00 30.46 ? 150 ASP A CG  1 
ATOM   1194 O OD1 . ASP A 1 150 ? -14.924 -10.759 1.832   1.00 33.37 ? 150 ASP A OD1 1 
ATOM   1195 O OD2 . ASP A 1 150 ? -14.703 -9.015  0.537   1.00 33.61 ? 150 ASP A OD2 1 
ATOM   1196 N N   . TYR A 1 151 ? -10.849 -11.005 2.368   1.00 25.51 ? 151 TYR A N   1 
ATOM   1197 C CA  . TYR A 1 151 ? -10.146 -12.273 2.211   1.00 25.55 ? 151 TYR A CA  1 
ATOM   1198 C C   . TYR A 1 151 ? -10.580 -13.231 3.306   1.00 27.24 ? 151 TYR A C   1 
ATOM   1199 O O   . TYR A 1 151 ? -10.817 -12.816 4.440   1.00 28.54 ? 151 TYR A O   1 
ATOM   1200 C CB  . TYR A 1 151 ? -8.638  -12.047 2.304   1.00 24.86 ? 151 TYR A CB  1 
ATOM   1201 C CG  . TYR A 1 151 ? -8.125  -11.061 1.291   1.00 23.87 ? 151 TYR A CG  1 
ATOM   1202 C CD1 . TYR A 1 151 ? -7.708  -11.485 0.032   1.00 23.43 ? 151 TYR A CD1 1 
ATOM   1203 C CD2 . TYR A 1 151 ? -8.076  -9.700  1.577   1.00 23.22 ? 151 TYR A CD2 1 
ATOM   1204 C CE1 . TYR A 1 151 ? -7.245  -10.584 -0.910  1.00 22.94 ? 151 TYR A CE1 1 
ATOM   1205 C CE2 . TYR A 1 151 ? -7.616  -8.789  0.639   1.00 22.76 ? 151 TYR A CE2 1 
ATOM   1206 C CZ  . TYR A 1 151 ? -7.199  -9.236  -0.599  1.00 22.34 ? 151 TYR A CZ  1 
ATOM   1207 O OH  . TYR A 1 151 ? -6.747  -8.346  -1.539  1.00 21.54 ? 151 TYR A OH  1 
ATOM   1208 N N   . GLU A 1 152 ? -10.660 -14.512 2.974   1.00 28.39 ? 152 GLU A N   1 
ATOM   1209 C CA  . GLU A 1 152 ? -11.110 -15.506 3.932   1.00 29.98 ? 152 GLU A CA  1 
ATOM   1210 C C   . GLU A 1 152 ? -10.063 -15.617 5.048   1.00 27.95 ? 152 GLU A C   1 
ATOM   1211 O O   . GLU A 1 152 ? -8.886  -15.869 4.787   1.00 27.17 ? 152 GLU A O   1 
ATOM   1212 C CB  . GLU A 1 152 ? -11.349 -16.858 3.235   1.00 31.98 ? 152 GLU A CB  1 
ATOM   1213 C CG  . GLU A 1 152 ? -12.035 -17.924 4.087   1.00 34.36 ? 152 GLU A CG  1 
ATOM   1214 C CD  . GLU A 1 152 ? -13.555 -17.893 4.007   1.00 36.01 ? 152 GLU A CD  1 
ATOM   1215 O OE1 . GLU A 1 152 ? -14.170 -18.978 4.053   1.00 39.05 ? 152 GLU A OE1 1 
ATOM   1216 O OE2 . GLU A 1 152 ? -14.146 -16.800 3.900   1.00 37.88 ? 152 GLU A OE2 1 
ATOM   1217 N N   . GLY A 1 153 ? -10.496 -15.364 6.282   1.00 26.31 ? 153 GLY A N   1 
ATOM   1218 C CA  . GLY A 1 153 ? -9.660  -15.577 7.462   1.00 25.87 ? 153 GLY A CA  1 
ATOM   1219 C C   . GLY A 1 153 ? -8.733  -14.440 7.889   1.00 24.82 ? 153 GLY A C   1 
ATOM   1220 O O   . GLY A 1 153 ? -8.121  -14.528 8.944   1.00 24.82 ? 153 GLY A O   1 
ATOM   1221 N N   . ALA A 1 154 ? -8.623  -13.384 7.085   1.00 23.39 ? 154 ALA A N   1 
ATOM   1222 C CA  . ALA A 1 154 ? -7.753  -12.249 7.412   1.00 22.37 ? 154 ALA A CA  1 
ATOM   1223 C C   . ALA A 1 154 ? -8.439  -11.330 8.415   1.00 21.32 ? 154 ALA A C   1 
ATOM   1224 O O   . ALA A 1 154 ? -9.661  -11.371 8.564   1.00 22.04 ? 154 ALA A O   1 
ATOM   1225 C CB  . ALA A 1 154 ? -7.394  -11.478 6.154   1.00 22.12 ? 154 ALA A CB  1 
ATOM   1226 N N   . THR A 1 155 ? -7.654  -10.492 9.085   1.00 19.36 ? 155 THR A N   1 
ATOM   1227 C CA  . THR A 1 155 ? -8.178  -9.570  10.093  1.00 18.50 ? 155 THR A CA  1 
ATOM   1228 C C   . THR A 1 155 ? -8.244  -8.152  9.534   1.00 17.75 ? 155 THR A C   1 
ATOM   1229 O O   . THR A 1 155 ? -7.253  -7.636  9.007   1.00 17.09 ? 155 THR A O   1 
ATOM   1230 C CB  . THR A 1 155 ? -7.290  -9.583  11.351  1.00 18.46 ? 155 THR A CB  1 
ATOM   1231 O OG1 . THR A 1 155 ? -7.216  -10.918 11.858  1.00 18.26 ? 155 THR A OG1 1 
ATOM   1232 C CG2 . THR A 1 155 ? -7.837  -8.653  12.437  1.00 19.03 ? 155 THR A CG2 1 
ATOM   1233 N N   . LEU A 1 156 ? -9.411  -7.527  9.644   1.00 17.08 ? 156 LEU A N   1 
ATOM   1234 C CA  . LEU A 1 156 ? -9.568  -6.137  9.231   1.00 16.61 ? 156 LEU A CA  1 
ATOM   1235 C C   . LEU A 1 156 ? -8.893  -5.257  10.277  1.00 15.93 ? 156 LEU A C   1 
ATOM   1236 O O   . LEU A 1 156 ? -9.098  -5.433  11.480  1.00 15.57 ? 156 LEU A O   1 
ATOM   1237 C CB  . LEU A 1 156 ? -11.047 -5.768  9.083   1.00 16.73 ? 156 LEU A CB  1 
ATOM   1238 C CG  . LEU A 1 156 ? -11.400 -4.351  8.616   1.00 16.89 ? 156 LEU A CG  1 
ATOM   1239 C CD1 . LEU A 1 156 ? -10.837 -4.054  7.233   1.00 17.01 ? 156 LEU A CD1 1 
ATOM   1240 C CD2 . LEU A 1 156 ? -12.909 -4.154  8.624   1.00 16.87 ? 156 LEU A CD2 1 
ATOM   1241 N N   . MET A 1 157 ? -8.065  -4.331  9.813   1.00 15.54 ? 157 MET A N   1 
ATOM   1242 C CA  . MET A 1 157 ? -7.397  -3.400  10.702  1.00 15.45 ? 157 MET A CA  1 
ATOM   1243 C C   . MET A 1 157 ? -7.521  -1.982  10.166  1.00 15.58 ? 157 MET A C   1 
ATOM   1244 O O   . MET A 1 157 ? -7.706  -1.760  8.958   1.00 14.71 ? 157 MET A O   1 
ATOM   1245 C CB  . MET A 1 157 ? -5.927  -3.785  10.892  1.00 15.30 ? 157 MET A CB  1 
ATOM   1246 C CG  . MET A 1 157 ? -5.719  -5.201  11.415  1.00 15.14 ? 157 MET A CG  1 
ATOM   1247 S SD  . MET A 1 157 ? -3.991  -5.591  11.771  1.00 15.21 ? 157 MET A SD  1 
ATOM   1248 C CE  . MET A 1 157 ? -3.710  -4.629  13.255  1.00 14.72 ? 157 MET A CE  1 
ATOM   1249 N N   . GLU A 1 158 ? -7.424  -1.032  11.089  1.00 15.66 ? 158 GLU A N   1 
ATOM   1250 C CA  . GLU A 1 158 ? -7.567  0.373   10.785  1.00 16.34 ? 158 GLU A CA  1 
ATOM   1251 C C   . GLU A 1 158 ? -6.437  1.201   11.402  1.00 16.26 ? 158 GLU A C   1 
ATOM   1252 O O   . GLU A 1 158 ? -6.015  0.934   12.519  1.00 15.96 ? 158 GLU A O   1 
ATOM   1253 C CB  . GLU A 1 158 ? -8.919  0.853   11.313  1.00 17.00 ? 158 GLU A CB  1 
ATOM   1254 C CG  . GLU A 1 158 ? -9.186  2.331   11.140  1.00 17.68 ? 158 GLU A CG  1 
ATOM   1255 C CD  . GLU A 1 158 ? -10.555 2.700   11.655  1.00 18.55 ? 158 GLU A CD  1 
ATOM   1256 O OE1 . GLU A 1 158 ? -10.649 3.351   12.715  1.00 18.59 ? 158 GLU A OE1 1 
ATOM   1257 O OE2 . GLU A 1 158 ? -11.541 2.306   11.010  1.00 19.71 ? 158 GLU A OE2 1 
ATOM   1258 N N   . CYS A 1 159 ? -5.968  2.203   10.657  1.00 16.51 ? 159 CYS A N   1 
ATOM   1259 C CA  . CYS A 1 159 ? -5.052  3.220   11.167  1.00 16.85 ? 159 CYS A CA  1 
ATOM   1260 C C   . CYS A 1 159 ? -5.721  4.583   11.081  1.00 17.60 ? 159 CYS A C   1 
ATOM   1261 O O   . CYS A 1 159 ? -6.196  4.989   10.017  1.00 16.71 ? 159 CYS A O   1 
ATOM   1262 C CB  . CYS A 1 159 ? -3.759  3.257   10.354  1.00 16.77 ? 159 CYS A CB  1 
ATOM   1263 S SG  . CYS A 1 159 ? -2.488  4.374   11.014  1.00 16.96 ? 159 CYS A SG  1 
ATOM   1264 N N   . GLU A 1 160 ? -5.761  5.272   12.214  1.00 18.90 ? 160 GLU A N   1 
ATOM   1265 C CA  . GLU A 1 160 ? -6.217  6.655   12.291  1.00 20.27 ? 160 GLU A CA  1 
ATOM   1266 C C   . GLU A 1 160 ? -5.005  7.555   12.142  1.00 20.67 ? 160 GLU A C   1 
ATOM   1267 O O   . GLU A 1 160 ? -4.081  7.478   12.944  1.00 20.32 ? 160 GLU A O   1 
ATOM   1268 C CB  . GLU A 1 160 ? -6.869  6.893   13.651  1.00 21.03 ? 160 GLU A CB  1 
ATOM   1269 C CG  . GLU A 1 160 ? -7.623  8.199   13.784  1.00 22.06 ? 160 GLU A CG  1 
ATOM   1270 C CD  . GLU A 1 160 ? -8.536  8.197   14.997  1.00 22.95 ? 160 GLU A CD  1 
ATOM   1271 O OE1 . GLU A 1 160 ? -8.021  8.032   16.116  1.00 24.01 ? 160 GLU A OE1 1 
ATOM   1272 O OE2 . GLU A 1 160 ? -9.769  8.343   14.843  1.00 23.55 ? 160 GLU A OE2 1 
ATOM   1273 N N   . LEU A 1 161 ? -4.987  8.388   11.109  1.00 21.88 ? 161 LEU A N   1 
ATOM   1274 C CA  . LEU A 1 161 ? -3.862  9.297   10.900  1.00 22.97 ? 161 LEU A CA  1 
ATOM   1275 C C   . LEU A 1 161 ? -4.055  10.565  11.722  1.00 24.58 ? 161 LEU A C   1 
ATOM   1276 O O   . LEU A 1 161 ? -5.168  11.062  11.851  1.00 24.47 ? 161 LEU A O   1 
ATOM   1277 C CB  . LEU A 1 161 ? -3.697  9.653   9.419   1.00 22.97 ? 161 LEU A CB  1 
ATOM   1278 C CG  . LEU A 1 161 ? -2.977  8.633   8.531   1.00 23.42 ? 161 LEU A CG  1 
ATOM   1279 C CD1 . LEU A 1 161 ? -3.643  7.271   8.605   1.00 23.52 ? 161 LEU A CD1 1 
ATOM   1280 C CD2 . LEU A 1 161 ? -2.925  9.128   7.091   1.00 23.29 ? 161 LEU A CD2 1 
ATOM   1281 N N   . ASN A 1 162 ? -2.963  11.075  12.280  1.00 26.97 ? 162 ASN A N   1 
ATOM   1282 C CA  . ASN A 1 162 ? -2.966  12.380  12.933  1.00 29.71 ? 162 ASN A CA  1 
ATOM   1283 C C   . ASN A 1 162 ? -2.164  13.360  12.080  1.00 29.90 ? 162 ASN A C   1 
ATOM   1284 O O   . ASN A 1 162 ? -0.951  13.208  11.954  1.00 31.01 ? 162 ASN A O   1 
ATOM   1285 C CB  . ASN A 1 162 ? -2.366  12.268  14.341  1.00 31.03 ? 162 ASN A CB  1 
ATOM   1286 C CG  . ASN A 1 162 ? -2.498  13.556  15.155  1.00 31.98 ? 162 ASN A CG  1 
ATOM   1287 O OD1 . ASN A 1 162 ? -3.195  14.503  14.770  1.00 33.41 ? 162 ASN A OD1 1 
ATOM   1288 N ND2 . ASN A 1 162 ? -1.826  13.586  16.296  1.00 32.25 ? 162 ASN A ND2 1 
ATOM   1289 N N   . PRO A 1 163 ? -2.862  14.318  11.483  1.00 30.08 ? 163 PRO A N   1 
ATOM   1290 C CA  . PRO A 1 163 ? -2.251  15.394  10.698  1.00 30.86 ? 163 PRO A CA  1 
ATOM   1291 C C   . PRO A 1 163 ? -1.367  16.299  11.554  1.00 32.04 ? 163 PRO A C   1 
ATOM   1292 O O   . PRO A 1 163 ? -0.343  16.785  11.081  1.00 30.87 ? 163 PRO A O   1 
ATOM   1293 C CB  . PRO A 1 163 ? -3.455  16.159  10.147  1.00 30.41 ? 163 PRO A CB  1 
ATOM   1294 C CG  . PRO A 1 163 ? -4.557  15.868  11.100  1.00 30.12 ? 163 PRO A CG  1 
ATOM   1295 C CD  . PRO A 1 163 ? -4.320  14.474  11.599  1.00 30.35 ? 163 PRO A CD  1 
ATOM   1296 N N   . ARG A 1 164 ? -1.695  16.431  12.823  1.00 30.00 ? 164 ARG A N   1 
ATOM   1297 C CA  . ARG A 1 164 ? -0.959  17.268  13.734  1.00 30.00 ? 164 ARG A CA  1 
ATOM   1298 C C   . ARG A 1 164 ? 0.425   16.767  13.960  1.00 30.00 ? 164 ARG A C   1 
ATOM   1299 O O   . ARG A 1 164 ? 0.623   15.643  14.335  1.00 30.00 ? 164 ARG A O   1 
ATOM   1300 C CB  . ARG A 1 164 ? -1.671  17.417  15.060  1.00 20.00 ? 164 ARG A CB  1 
ATOM   1301 C CG  . ARG A 1 164 ? -1.727  18.843  15.511  1.00 20.00 ? 164 ARG A CG  1 
ATOM   1302 C CD  . ARG A 1 164 ? -2.983  19.089  16.299  1.00 20.00 ? 164 ARG A CD  1 
ATOM   1303 N NE  . ARG A 1 164 ? -2.682  19.339  17.690  1.00 20.00 ? 164 ARG A NE  1 
ATOM   1304 C CZ  . ARG A 1 164 ? -3.356  18.852  18.731  1.00 20.00 ? 164 ARG A CZ  1 
ATOM   1305 N NH1 . ARG A 1 164 ? -4.361  18.027  18.552  1.00 20.00 ? 164 ARG A NH1 1 
ATOM   1306 N NH2 . ARG A 1 164 ? -3.003  19.172  19.946  1.00 20.00 ? 164 ARG A NH2 1 
ATOM   1307 N N   . ILE A 1 165 ? 1.389   17.627  13.734  1.00 32.44 ? 165 ILE A N   1 
ATOM   1308 C CA  . ILE A 1 165 ? 2.757   17.183  13.946  1.00 32.77 ? 165 ILE A CA  1 
ATOM   1309 C C   . ILE A 1 165 ? 3.025   17.044  15.435  1.00 33.23 ? 165 ILE A C   1 
ATOM   1310 O O   . ILE A 1 165 ? 2.899   18.006  16.185  1.00 32.35 ? 165 ILE A O   1 
ATOM   1311 C CB  . ILE A 1 165 ? 3.771   18.177  13.351  1.00 33.08 ? 165 ILE A CB  1 
ATOM   1312 C CG1 . ILE A 1 165 ? 3.705   18.165  11.824  1.00 33.38 ? 165 ILE A CG1 1 
ATOM   1313 C CG2 . ILE A 1 165 ? 5.176   17.852  13.829  1.00 33.26 ? 165 ILE A CG2 1 
ATOM   1314 C CD1 . ILE A 1 165 ? 3.986   19.507  11.189  1.00 33.66 ? 165 ILE A CD1 1 
ATOM   1315 N N   . PRO A 1 166 ? 3.405   15.843  15.855  1.00 34.00 ? 166 PRO A N   1 
ATOM   1316 C CA  . PRO A 1 166 ? 3.744   15.606  17.256  1.00 33.65 ? 166 PRO A CA  1 
ATOM   1317 C C   . PRO A 1 166 ? 5.082   16.249  17.583  1.00 32.44 ? 166 PRO A C   1 
ATOM   1318 O O   . PRO A 1 166 ? 6.064   16.000  16.889  1.00 31.53 ? 166 PRO A O   1 
ATOM   1319 C CB  . PRO A 1 166 ? 3.874   14.088  17.316  1.00 34.14 ? 166 PRO A CB  1 
ATOM   1320 C CG  . PRO A 1 166 ? 4.387   13.722  15.967  1.00 34.58 ? 166 PRO A CG  1 
ATOM   1321 C CD  . PRO A 1 166 ? 3.814   14.719  14.996  1.00 34.44 ? 166 PRO A CD  1 
ATOM   1322 N N   . TYR A 1 167 ? 5.116   17.083  18.613  1.00 31.32 ? 167 TYR A N   1 
ATOM   1323 C CA  . TYR A 1 167 ? 6.378   17.648  19.059  1.00 30.76 ? 167 TYR A CA  1 
ATOM   1324 C C   . TYR A 1 167 ? 6.542   17.525  20.566  1.00 30.70 ? 167 TYR A C   1 
ATOM   1325 O O   . TYR A 1 167 ? 6.513   18.514  21.293  1.00 28.56 ? 167 TYR A O   1 
ATOM   1326 C CB  . TYR A 1 167 ? 6.535   19.099  18.604  1.00 29.74 ? 167 TYR A CB  1 
ATOM   1327 C CG  . TYR A 1 167 ? 7.955   19.430  18.220  1.00 28.92 ? 167 TYR A CG  1 
ATOM   1328 C CD1 . TYR A 1 167 ? 8.612   18.698  17.243  1.00 28.37 ? 167 TYR A CD1 1 
ATOM   1329 C CD2 . TYR A 1 167 ? 8.647   20.457  18.845  1.00 28.15 ? 167 TYR A CD2 1 
ATOM   1330 C CE1 . TYR A 1 167 ? 9.914   18.985  16.891  1.00 27.89 ? 167 TYR A CE1 1 
ATOM   1331 C CE2 . TYR A 1 167 ? 9.952   20.751  18.497  1.00 27.42 ? 167 TYR A CE2 1 
ATOM   1332 C CZ  . TYR A 1 167 ? 10.579  20.010  17.519  1.00 27.17 ? 167 TYR A CZ  1 
ATOM   1333 O OH  . TYR A 1 167 ? 11.873  20.290  17.161  1.00 26.51 ? 167 TYR A OH  1 
ATOM   1334 N N   . THR A 1 168 ? 6.717   16.293  21.032  1.00 31.80 ? 168 THR A N   1 
ATOM   1335 C CA  . THR A 1 168 ? 6.887   16.030  22.456  1.00 33.10 ? 168 THR A CA  1 
ATOM   1336 C C   . THR A 1 168 ? 5.560   16.140  23.199  1.00 36.50 ? 168 THR A C   1 
ATOM   1337 O O   . THR A 1 168 ? 4.924   15.132  23.508  1.00 40.56 ? 168 THR A O   1 
ATOM   1338 C CB  . THR A 1 168 ? 7.903   16.997  23.092  1.00 31.68 ? 168 THR A CB  1 
ATOM   1339 O OG1 . THR A 1 168 ? 9.216   16.710  22.595  1.00 30.84 ? 168 THR A OG1 1 
ATOM   1340 C CG2 . THR A 1 168 ? 7.897   16.856  24.607  1.00 31.58 ? 168 THR A CG2 1 
HETATM 1341 O O9  . BCO B 2 .   ? 11.037  -1.677  15.837  1.00 20.00 ? 201 BCO A O9  1 
HETATM 1342 P P1  . BCO B 2 .   ? 11.476  -2.724  14.851  1.00 20.00 ? 201 BCO A P1  1 
HETATM 1343 O O5  . BCO B 2 .   ? 11.841  -4.043  15.476  1.00 20.00 ? 201 BCO A O5  1 
HETATM 1344 O O6  . BCO B 2 .   ? 12.460  -2.235  13.825  1.00 20.00 ? 201 BCO A O6  1 
HETATM 1345 O O2  . BCO B 2 .   ? 10.132  -3.023  14.013  1.00 20.00 ? 201 BCO A O2  1 
HETATM 1346 C C1  . BCO B 2 .   ? 10.065  -3.831  12.844  1.00 20.00 ? 201 BCO A C1  1 
HETATM 1347 C C2  . BCO B 2 .   ? 9.491   -5.177  13.205  1.00 20.00 ? 201 BCO A C2  1 
HETATM 1348 O O3  . BCO B 2 .   ? 10.077  -5.697  14.395  1.00 20.00 ? 201 BCO A O3  1 
HETATM 1349 C C4  . BCO B 2 .   ? 8.029   -4.826  13.411  1.00 20.00 ? 201 BCO A C4  1 
HETATM 1350 N N1  . BCO B 2 .   ? 7.147   -6.009  13.278  1.00 20.00 ? 201 BCO A N1  1 
HETATM 1351 C C7  . BCO B 2 .   ? 6.323   -6.450  14.239  1.00 20.00 ? 201 BCO A C7  1 
HETATM 1352 N N2  . BCO B 2 .   ? 5.637   -7.539  13.850  1.00 20.00 ? 201 BCO A N2  1 
HETATM 1353 C C8  . BCO B 2 .   ? 6.072   -7.767  12.561  1.00 20.00 ? 201 BCO A C8  1 
HETATM 1354 C C6  . BCO B 2 .   ? 7.000   -6.818  12.221  1.00 20.00 ? 201 BCO A C6  1 
HETATM 1355 N N3  . BCO B 2 .   ? 7.634   -6.746  11.025  1.00 20.00 ? 201 BCO A N3  1 
HETATM 1356 C C15 . BCO B 2 .   ? 7.244   -7.723  10.199  1.00 20.00 ? 201 BCO A C15 1 
HETATM 1357 N N4  . BCO B 2 .   ? 6.357   -8.698  10.420  1.00 20.00 ? 201 BCO A N4  1 
HETATM 1358 C C12 . BCO B 2 .   ? 5.740   -8.748  11.615  1.00 20.00 ? 201 BCO A C12 1 
HETATM 1359 N N5  . BCO B 2 .   ? 4.839   -9.724  11.855  1.00 20.00 ? 201 BCO A N5  1 
HETATM 1360 O O1  . BCO B 2 .   ? 7.720   -3.846  12.419  1.00 20.00 ? 201 BCO A O1  1 
HETATM 1361 C C3  . BCO B 2 .   ? 8.951   -3.261  11.985  1.00 20.00 ? 201 BCO A C3  1 
HETATM 1362 C C5  . BCO B 2 .   ? 9.133   -3.562  10.509  1.00 20.00 ? 201 BCO A C5  1 
HETATM 1363 O O4  . BCO B 2 .   ? 10.486  -3.330  10.145  1.00 20.00 ? 201 BCO A O4  1 
HETATM 1364 P P2  . BCO B 2 .   ? 10.841  -2.546  8.796   1.00 20.00 ? 201 BCO A P2  1 
HETATM 1365 O O12 . BCO B 2 .   ? 10.329  -1.137  8.892   1.00 20.00 ? 201 BCO A O12 1 
HETATM 1366 O O10 . BCO B 2 .   ? 12.292  -2.796  8.506   1.00 20.00 ? 201 BCO A O10 1 
HETATM 1367 O O7  . BCO B 2 .   ? 9.979   -3.315  7.686   1.00 20.00 ? 201 BCO A O7  1 
HETATM 1368 P P3  . BCO B 2 .   ? 10.419  -4.336  6.534   1.00 20.00 ? 201 BCO A P3  1 
HETATM 1369 O O14 . BCO B 2 .   ? 11.034  -5.540  7.189   1.00 20.00 ? 201 BCO A O14 1 
HETATM 1370 O O13 . BCO B 2 .   ? 11.220  -3.557  5.532   1.00 20.00 ? 201 BCO A O13 1 
HETATM 1371 O O8  . BCO B 2 .   ? 9.036   -4.766  5.836   1.00 20.00 ? 201 BCO A O8  1 
HETATM 1372 C C11 . BCO B 2 .   ? 7.947   -5.328  6.562   1.00 20.00 ? 201 BCO A C11 1 
HETATM 1373 C C9  . BCO B 2 .   ? 7.051   -6.111  5.605   1.00 20.00 ? 201 BCO A C9  1 
HETATM 1374 C C13 . BCO B 2 .   ? 6.650   -5.215  4.436   1.00 20.00 ? 201 BCO A C13 1 
HETATM 1375 C C14 . BCO B 2 .   ? 5.801   -6.571  6.345   1.00 20.00 ? 201 BCO A C14 1 
HETATM 1376 C C10 . BCO B 2 .   ? 7.836   -7.337  5.088   1.00 20.00 ? 201 BCO A C10 1 
HETATM 1377 O O11 . BCO B 2 .   ? 8.037   -8.247  6.171   1.00 20.00 ? 201 BCO A O11 1 
HETATM 1378 C C16 . BCO B 2 .   ? 7.108   -8.049  3.983   1.00 20.00 ? 201 BCO A C16 1 
HETATM 1379 O O15 . BCO B 2 .   ? 7.125   -7.602  2.854   1.00 20.00 ? 201 BCO A O15 1 
HETATM 1380 N N6  . BCO B 2 .   ? 6.477   -9.173  4.312   1.00 20.00 ? 201 BCO A N6  1 
HETATM 1381 C C17 . BCO B 2 .   ? 5.694   -9.944  3.367   1.00 20.00 ? 201 BCO A C17 1 
HETATM 1382 C C18 . BCO B 2 .   ? 4.577   -9.130  2.728   1.00 20.00 ? 201 BCO A C18 1 
HETATM 1383 C C19 . BCO B 2 .   ? 3.441   -8.972  3.713   1.00 20.00 ? 201 BCO A C19 1 
HETATM 1384 O O16 . BCO B 2 .   ? 3.191   -9.856  4.512   1.00 20.00 ? 201 BCO A O16 1 
HETATM 1385 N N7  . BCO B 2 .   ? 2.767   -7.828  3.647   1.00 20.00 ? 201 BCO A N7  1 
HETATM 1386 C C20 . BCO B 2 .   ? 1.496   -7.598  4.302   1.00 20.00 ? 201 BCO A C20 1 
HETATM 1387 C C21 . BCO B 2 .   ? 0.511   -8.745  4.113   1.00 20.00 ? 201 BCO A C21 1 
HETATM 1388 S S1  . BCO B 2 .   ? -1.129  -8.138  4.320   1.00 20.00 ? 201 BCO A S1  1 
HETATM 1389 C C22 . BCO B 2 .   ? -1.264  -7.068  2.925   1.00 20.00 ? 201 BCO A C22 1 
HETATM 1390 O O17 . BCO B 2 .   ? -0.345  -6.918  2.143   1.00 20.00 ? 201 BCO A O17 1 
HETATM 1391 C C23 . BCO B 2 .   ? -2.599  -6.374  2.796   1.00 20.00 ? 201 BCO A C23 1 
HETATM 1392 C C24 . BCO B 2 .   ? -3.761  -7.340  2.623   1.00 20.00 ? 201 BCO A C24 1 
HETATM 1393 C C25 . BCO B 2 .   ? -3.509  -8.305  1.488   1.00 20.00 ? 201 BCO A C25 1 
HETATM 1394 C C1  . EDO C 3 .   ? 4.178   9.868   10.319  1.00 43.99 ? 202 EDO A C1  1 
HETATM 1395 O O1  . EDO C 3 .   ? 4.342   9.726   8.927   1.00 43.71 ? 202 EDO A O1  1 
HETATM 1396 C C2  . EDO C 3 .   ? 2.746   9.746   10.789  1.00 43.45 ? 202 EDO A C2  1 
HETATM 1397 O O2  . EDO C 3 .   ? 1.938   10.637  10.079  1.00 43.01 ? 202 EDO A O2  1 
HETATM 1398 O O   . HOH D 4 .   ? 15.381  -9.691  -2.297  1.00 30.57 ? 301 HOH A O   1 
HETATM 1399 O O   . HOH D 4 .   ? -14.721 7.567   -2.811  1.00 17.64 ? 302 HOH A O   1 
HETATM 1400 O O   . HOH D 4 .   ? -6.025  -6.280  -0.497  1.00 18.59 ? 303 HOH A O   1 
HETATM 1401 O O   . HOH D 4 .   ? 1.665   -21.653 10.468  1.00 16.20 ? 304 HOH A O   1 
HETATM 1402 O O   . HOH D 4 .   ? -8.867  -4.764  1.191   1.00 26.33 ? 305 HOH A O   1 
HETATM 1403 O O   . HOH D 4 .   ? 11.121  17.137  24.179  1.00 17.04 ? 306 HOH A O   1 
HETATM 1404 O O   . HOH D 4 .   ? 3.979   4.392   9.830   1.00 15.77 ? 307 HOH A O   1 
HETATM 1405 O O   . HOH D 4 .   ? -11.793 4.849   -5.590  1.00 18.68 ? 308 HOH A O   1 
HETATM 1406 O O   . HOH D 4 .   ? -6.129  -14.677 10.551  1.00 31.45 ? 309 HOH A O   1 
HETATM 1407 O O   . HOH D 4 .   ? -10.498 10.910  6.463   1.00 18.51 ? 310 HOH A O   1 
HETATM 1408 O O   . HOH D 4 .   ? -14.283 -7.709  7.932   1.00 38.23 ? 311 HOH A O   1 
HETATM 1409 O O   . HOH D 4 .   ? 1.509   -11.983 3.864   1.00 25.25 ? 312 HOH A O   1 
HETATM 1410 O O   . HOH D 4 .   ? -6.225  -4.213  -14.373 1.00 15.90 ? 313 HOH A O   1 
HETATM 1411 O O   . HOH D 4 .   ? 19.232  -0.507  0.723   1.00 29.46 ? 314 HOH A O   1 
HETATM 1412 O O   . HOH D 4 .   ? 13.732  -2.813  5.448   1.00 10.63 ? 315 HOH A O   1 
HETATM 1413 O O   . HOH D 4 .   ? -5.336  -12.298 10.654  1.00 24.06 ? 316 HOH A O   1 
HETATM 1414 O O   . HOH D 4 .   ? -11.543 -1.716  -3.926  1.00 19.76 ? 317 HOH A O   1 
HETATM 1415 O O   . HOH D 4 .   ? 10.384  -8.161  7.515   1.00 14.73 ? 318 HOH A O   1 
HETATM 1416 O O   . HOH D 4 .   ? 4.900   9.757   -9.779  1.00 17.48 ? 319 HOH A O   1 
HETATM 1417 O O   . HOH D 4 .   ? -1.007  0.555   -8.910  1.00 18.67 ? 320 HOH A O   1 
HETATM 1418 O O   . HOH D 4 .   ? 4.094   -4.776  16.647  1.00 29.90 ? 321 HOH A O   1 
HETATM 1419 O O   . HOH D 4 .   ? -23.632 3.792   9.324   1.00 32.14 ? 322 HOH A O   1 
HETATM 1420 O O   . HOH D 4 .   ? 1.840   -14.397 -5.649  1.00 24.75 ? 323 HOH A O   1 
HETATM 1421 O O   . HOH D 4 .   ? -10.911 -6.323  13.305  1.00 19.21 ? 324 HOH A O   1 
HETATM 1422 O O   . HOH D 4 .   ? -2.604  6.041   -19.565 1.00 29.08 ? 325 HOH A O   1 
HETATM 1423 O O   . HOH D 4 .   ? -21.253 -9.422  8.872   1.00 28.69 ? 326 HOH A O   1 
HETATM 1424 O O   . HOH D 4 .   ? 1.203   -15.454 6.576   1.00 34.44 ? 327 HOH A O   1 
HETATM 1425 O O   . HOH D 4 .   ? -2.830  1.109   -11.715 1.00 15.19 ? 328 HOH A O   1 
HETATM 1426 O O   . HOH D 4 .   ? 1.326   4.596   -19.420 1.00 30.00 ? 329 HOH A O   1 
HETATM 1427 O O   . HOH D 4 .   ? -21.697 0.272   1.754   1.00 20.63 ? 330 HOH A O   1 
HETATM 1428 O O   . HOH D 4 .   ? -2.880  -17.973 10.711  1.00 32.42 ? 331 HOH A O   1 
HETATM 1429 O O   . HOH D 4 .   ? -6.520  -5.166  2.316   1.00 12.83 ? 332 HOH A O   1 
HETATM 1430 O O   . HOH D 4 .   ? 18.737  5.150   -6.996  1.00 38.14 ? 333 HOH A O   1 
HETATM 1431 O O   . HOH D 4 .   ? 14.541  8.636   -11.113 1.00 30.89 ? 334 HOH A O   1 
HETATM 1432 O O   . HOH D 4 .   ? 10.219  7.375   7.806   1.00 27.10 ? 335 HOH A O   1 
HETATM 1433 O O   . HOH D 4 .   ? -5.631  -4.099  17.955  1.00 30.66 ? 336 HOH A O   1 
HETATM 1434 O O   . HOH D 4 .   ? 10.835  -9.503  -4.186  1.00 21.85 ? 337 HOH A O   1 
HETATM 1435 O O   . HOH D 4 .   ? -6.745  5.456   -5.743  1.00 10.90 ? 338 HOH A O   1 
HETATM 1436 O O   . HOH D 4 .   ? -2.848  -13.345 16.384  1.00 18.06 ? 339 HOH A O   1 
HETATM 1437 O O   . HOH D 4 .   ? -16.724 -6.020  8.573   1.00 37.13 ? 340 HOH A O   1 
HETATM 1438 O O   . HOH D 4 .   ? -4.919  4.197   14.677  1.00 23.53 ? 341 HOH A O   1 
HETATM 1439 O O   . HOH D 4 .   ? 6.145   11.054  -3.262  1.00 40.05 ? 342 HOH A O   1 
HETATM 1440 O O   . HOH D 4 .   ? 11.862  10.231  -3.254  1.00 21.57 ? 343 HOH A O   1 
HETATM 1441 O O   . HOH D 4 .   ? -5.061  16.635  6.696   1.00 30.57 ? 344 HOH A O   1 
HETATM 1442 O O   . HOH D 4 .   ? -11.243 -1.060  -9.167  1.00 31.06 ? 345 HOH A O   1 
HETATM 1443 O O   . HOH D 4 .   ? -16.439 -5.258  1.346   1.00 23.00 ? 346 HOH A O   1 
HETATM 1444 O O   . HOH D 4 .   ? -8.553  3.169   14.686  1.00 33.68 ? 347 HOH A O   1 
HETATM 1445 O O   . HOH D 4 .   ? 13.081  17.671  17.153  1.00 29.55 ? 348 HOH A O   1 
HETATM 1446 O O   . HOH D 4 .   ? 13.620  -3.202  11.038  1.00 27.65 ? 349 HOH A O   1 
HETATM 1447 O O   . HOH D 4 .   ? -11.816 -8.966  10.344  1.00 19.66 ? 350 HOH A O   1 
HETATM 1448 O O   . HOH D 4 .   ? -12.414 -11.411 7.683   1.00 47.67 ? 351 HOH A O   1 
HETATM 1449 O O   . HOH D 4 .   ? -3.057  -16.295 -11.113 1.00 35.56 ? 352 HOH A O   1 
HETATM 1450 O O   . HOH D 4 .   ? 19.095  0.469   8.186   1.00 39.31 ? 353 HOH A O   1 
HETATM 1451 O O   . HOH D 4 .   ? -17.076 -2.036  11.579  1.00 27.85 ? 354 HOH A O   1 
HETATM 1452 O O   . HOH D 4 .   ? 3.111   -10.100 14.196  1.00 13.22 ? 355 HOH A O   1 
HETATM 1453 O O   . HOH D 4 .   ? 3.451   9.094   -17.812 1.00 18.87 ? 356 HOH A O   1 
HETATM 1454 O O   . HOH D 4 .   ? 3.697   -13.010 3.295   1.00 26.10 ? 357 HOH A O   1 
HETATM 1455 O O   . HOH D 4 .   ? 8.015   6.068   12.368  1.00 31.97 ? 358 HOH A O   1 
HETATM 1456 O O   . HOH D 4 .   ? -2.252  -20.855 4.809   1.00 30.05 ? 359 HOH A O   1 
HETATM 1457 O O   . HOH D 4 .   ? -20.130 8.519   8.172   1.00 30.46 ? 360 HOH A O   1 
HETATM 1458 O O   . HOH D 4 .   ? 18.025  -5.019  -3.937  1.00 41.45 ? 361 HOH A O   1 
HETATM 1459 O O   . HOH D 4 .   ? 9.657   9.340   3.272   1.00 34.25 ? 362 HOH A O   1 
HETATM 1460 O O   . HOH D 4 .   ? -10.387 -12.167 -2.300  1.00 28.25 ? 363 HOH A O   1 
HETATM 1461 O O   . HOH D 4 .   ? -7.874  12.219  12.477  1.00 33.64 ? 364 HOH A O   1 
HETATM 1462 O O   . HOH D 4 .   ? -20.563 0.180   11.936  1.00 30.55 ? 365 HOH A O   1 
HETATM 1463 O O   . HOH D 4 .   ? 0.193   5.128   -16.727 1.00 31.39 ? 366 HOH A O   1 
HETATM 1464 O O   . HOH D 4 .   ? -6.619  1.227   -21.947 1.00 20.50 ? 367 HOH A O   1 
HETATM 1465 O O   . HOH D 4 .   ? 12.380  3.907   9.013   1.00 30.10 ? 368 HOH A O   1 
HETATM 1466 O O   . HOH D 4 .   ? -14.636 1.481   17.403  1.00 45.67 ? 369 HOH A O   1 
HETATM 1467 O O   . HOH D 4 .   ? 12.180  -2.982  -11.142 1.00 32.44 ? 370 HOH A O   1 
HETATM 1468 O O   . HOH D 4 .   ? -22.375 1.313   9.789   1.00 35.12 ? 371 HOH A O   1 
HETATM 1469 O O   . HOH D 4 .   ? -15.084 -4.292  -3.581  1.00 44.33 ? 372 HOH A O   1 
HETATM 1470 O O   . HOH D 4 .   ? 5.359   10.686  -7.536  1.00 30.00 ? 373 HOH A O   1 
HETATM 1471 O O   . HOH D 4 .   ? 0.532   -7.590  -16.303 1.00 42.52 ? 374 HOH A O   1 
HETATM 1472 O O   . HOH D 4 .   ? -0.287  7.313   12.837  1.00 43.96 ? 375 HOH A O   1 
HETATM 1473 O O   . HOH D 4 .   ? 7.803   11.431  -8.288  1.00 30.00 ? 376 HOH A O   1 
HETATM 1474 O O   . HOH D 4 .   ? -1.853  14.189  -6.766  1.00 39.60 ? 377 HOH A O   1 
HETATM 1475 O O   . HOH D 4 .   ? -15.809 -5.577  4.139   1.00 32.09 ? 378 HOH A O   1 
HETATM 1476 O O   . HOH D 4 .   ? 6.266   3.722   13.251  1.00 28.12 ? 379 HOH A O   1 
HETATM 1477 O O   . HOH D 4 .   ? 13.013  -5.654  12.334  1.00 32.74 ? 380 HOH A O   1 
HETATM 1478 O O   . HOH D 4 .   ? -13.998 6.213   -6.551  1.00 35.55 ? 381 HOH A O   1 
HETATM 1479 O O   . HOH D 4 .   ? -23.008 1.804   -0.585  1.00 42.47 ? 382 HOH A O   1 
HETATM 1480 O O   . HOH D 4 .   ? 3.751   14.170  11.104  1.00 49.18 ? 383 HOH A O   1 
HETATM 1481 O O   . HOH D 4 .   ? 3.975   -14.306 6.661   1.00 29.95 ? 384 HOH A O   1 
HETATM 1482 O O   . HOH D 4 .   ? 17.577  1.961   -17.773 1.00 33.91 ? 385 HOH A O   1 
HETATM 1483 O O   . HOH D 4 .   ? 13.578  -11.817 -5.390  1.00 50.30 ? 386 HOH A O   1 
HETATM 1484 O O   . HOH D 4 .   ? -8.017  7.867   -7.077  1.00 29.46 ? 387 HOH A O   1 
HETATM 1485 O O   . HOH D 4 .   ? -13.982 -5.960  12.526  1.00 29.57 ? 388 HOH A O   1 
# 
loop_
_pdbx_poly_seq_scheme.asym_id 
_pdbx_poly_seq_scheme.entity_id 
_pdbx_poly_seq_scheme.seq_id 
_pdbx_poly_seq_scheme.mon_id 
_pdbx_poly_seq_scheme.ndb_seq_num 
_pdbx_poly_seq_scheme.pdb_seq_num 
_pdbx_poly_seq_scheme.auth_seq_num 
_pdbx_poly_seq_scheme.pdb_mon_id 
_pdbx_poly_seq_scheme.auth_mon_id 
_pdbx_poly_seq_scheme.pdb_strand_id 
_pdbx_poly_seq_scheme.pdb_ins_code 
_pdbx_poly_seq_scheme.hetero 
A 1 1   GLY 1   1   ?   ?   ?   A . n 
A 1 2   SER 2   2   2   SER SER A . n 
A 1 3   GLY 3   3   3   GLY GLY A . n 
A 1 4   ILE 4   4   4   ILE ILE A . n 
A 1 5   ILE 5   5   5   ILE ILE A . n 
A 1 6   GLU 6   6   6   GLU GLU A . n 
A 1 7   PHE 7   7   7   PHE PHE A . n 
A 1 8   HIS 8   8   8   HIS HIS A . n 
A 1 9   VAL 9   9   9   VAL VAL A . n 
A 1 10  ILE 10  10  10  ILE ILE A . n 
A 1 11  GLY 11  11  11  GLY GLY A . n 
A 1 12  ASN 12  12  12  ASN ASN A . n 
A 1 13  SER 13  13  13  SER SER A . n 
A 1 14  LEU 14  14  14  LEU LEU A . n 
A 1 15  THR 15  15  15  THR THR A . n 
A 1 16  PRO 16  16  16  PRO PRO A . n 
A 1 17  LYS 17  17  17  LYS LYS A . n 
A 1 18  ALA 18  18  18  ALA ALA A . n 
A 1 19  ASN 19  19  19  ASN ASN A . n 
A 1 20  ARG 20  20  20  ARG ARG A . n 
A 1 21  ARG 21  21  21  ARG ARG A . n 
A 1 22  VAL 22  22  22  VAL VAL A . n 
A 1 23  LEU 23  23  23  LEU LEU A . n 
A 1 24  LEU 24  24  24  LEU LEU A . n 
A 1 25  TRP 25  25  25  TRP TRP A . n 
A 1 26  LEU 26  26  26  LEU LEU A . n 
A 1 27  VAL 27  27  27  VAL VAL A . n 
A 1 28  GLY 28  28  28  GLY GLY A . n 
A 1 29  LEU 29  29  29  LEU LEU A . n 
A 1 30  GLN 30  30  30  GLN GLN A . n 
A 1 31  ASN 31  31  31  ASN ASN A . n 
A 1 32  VAL 32  32  32  VAL VAL A . n 
A 1 33  PHE 33  33  33  PHE PHE A . n 
A 1 34  SER 34  34  34  SER SER A . n 
A 1 35  HIS 35  35  35  HIS HIS A . n 
A 1 36  GLN 36  36  36  GLN GLN A . n 
A 1 37  LEU 37  37  37  LEU LEU A . n 
A 1 38  PRO 38  38  38  PRO PRO A . n 
A 1 39  ARG 39  39  39  ARG ARG A . n 
A 1 40  MET 40  40  40  MET MET A . n 
A 1 41  PRO 41  41  41  PRO PRO A . n 
A 1 42  LYS 42  42  42  LYS LYS A . n 
A 1 43  GLU 43  43  43  GLU GLU A . n 
A 1 44  TYR 44  44  44  TYR TYR A . n 
A 1 45  ILE 45  45  45  ILE ILE A . n 
A 1 46  ALA 46  46  46  ALA ALA A . n 
A 1 47  ARG 47  47  47  ARG ARG A . n 
A 1 48  LEU 48  48  48  LEU LEU A . n 
A 1 49  VAL 49  49  49  VAL VAL A . n 
A 1 50  PHE 50  50  50  PHE PHE A . n 
A 1 51  ASP 51  51  51  ASP ASP A . n 
A 1 52  PRO 52  52  52  PRO PRO A . n 
A 1 53  LYS 53  53  53  LYS LYS A . n 
A 1 54  HIS 54  54  54  HIS HIS A . n 
A 1 55  LYS 55  55  55  LYS LYS A . n 
A 1 56  THR 56  56  56  THR THR A . n 
A 1 57  LEU 57  57  57  LEU LEU A . n 
A 1 58  ALA 58  58  58  ALA ALA A . n 
A 1 59  LEU 59  59  59  LEU LEU A . n 
A 1 60  ILE 60  60  60  ILE ILE A . n 
A 1 61  LYS 61  61  61  LYS LYS A . n 
A 1 62  ASP 62  62  62  ASP ASP A . n 
A 1 63  GLY 63  63  63  GLY GLY A . n 
A 1 64  ARG 64  64  64  ARG ARG A . n 
A 1 65  VAL 65  65  65  VAL VAL A . n 
A 1 66  ILE 66  66  66  ILE ILE A . n 
A 1 67  GLY 67  67  67  GLY GLY A . n 
A 1 68  GLY 68  68  68  GLY GLY A . n 
A 1 69  ILE 69  69  69  ILE ILE A . n 
A 1 70  CYS 70  70  70  CYS CYS A . n 
A 1 71  PHE 71  71  71  PHE PHE A . n 
A 1 72  ARG 72  72  72  ARG ARG A . n 
A 1 73  MET 73  73  73  MET MET A . n 
A 1 74  PHE 74  74  74  PHE PHE A . n 
A 1 75  PRO 75  75  75  PRO PRO A . n 
A 1 76  THR 76  76  76  THR THR A . n 
A 1 77  GLN 77  77  77  GLN GLN A . n 
A 1 78  GLY 78  78  78  GLY GLY A . n 
A 1 79  PHE 79  79  79  PHE PHE A . n 
A 1 80  THR 80  80  80  THR THR A . n 
A 1 81  GLU 81  81  81  GLU GLU A . n 
A 1 82  ILE 82  82  82  ILE ILE A . n 
A 1 83  VAL 83  83  83  VAL VAL A . n 
A 1 84  PHE 84  84  84  PHE PHE A . n 
A 1 85  CYS 85  85  85  CYS CYS A . n 
A 1 86  ALA 86  86  86  ALA ALA A . n 
A 1 87  VAL 87  87  87  VAL VAL A . n 
A 1 88  THR 88  88  88  THR THR A . n 
A 1 89  SER 89  89  89  SER SER A . n 
A 1 90  ASN 90  90  90  ASN ASN A . n 
A 1 91  GLU 91  91  91  GLU GLU A . n 
A 1 92  GLN 92  92  92  GLN GLN A . n 
A 1 93  VAL 93  93  93  VAL VAL A . n 
A 1 94  LYS 94  94  94  LYS LYS A . n 
A 1 95  GLY 95  95  95  GLY GLY A . n 
A 1 96  TYR 96  96  96  TYR TYR A . n 
A 1 97  GLY 97  97  97  GLY GLY A . n 
A 1 98  THR 98  98  98  THR THR A . n 
A 1 99  HIS 99  99  99  HIS HIS A . n 
A 1 100 LEU 100 100 100 LEU LEU A . n 
A 1 101 MET 101 101 101 MET MET A . n 
A 1 102 ASN 102 102 102 ASN ASN A . n 
A 1 103 HIS 103 103 103 HIS HIS A . n 
A 1 104 LEU 104 104 104 LEU LEU A . n 
A 1 105 LYS 105 105 105 LYS LYS A . n 
A 1 106 GLU 106 106 106 GLU GLU A . n 
A 1 107 TYR 107 107 107 TYR TYR A . n 
A 1 108 HIS 108 108 108 HIS HIS A . n 
A 1 109 ILE 109 109 109 ILE ILE A . n 
A 1 110 LYS 110 110 110 LYS LYS A . n 
A 1 111 HIS 111 111 111 HIS HIS A . n 
A 1 112 ASN 112 112 112 ASN ASN A . n 
A 1 113 ILE 113 113 113 ILE ILE A . n 
A 1 114 LEU 114 114 114 LEU LEU A . n 
A 1 115 TYR 115 115 115 TYR TYR A . n 
A 1 116 PHE 116 116 116 PHE PHE A . n 
A 1 117 LEU 117 117 117 LEU LEU A . n 
A 1 118 THR 118 118 118 THR THR A . n 
A 1 119 TYR 119 119 119 TYR TYR A . n 
A 1 120 ALA 120 120 120 ALA ALA A . n 
A 1 121 ASP 121 121 121 ASP ASP A . n 
A 1 122 GLU 122 122 122 GLU GLU A . n 
A 1 123 TYR 123 123 123 TYR TYR A . n 
A 1 124 ALA 124 124 124 ALA ALA A . n 
A 1 125 ILE 125 125 125 ILE ILE A . n 
A 1 126 GLY 126 126 126 GLY GLY A . n 
A 1 127 TYR 127 127 127 TYR TYR A . n 
A 1 128 PHE 128 128 128 PHE PHE A . n 
A 1 129 LYS 129 129 129 LYS LYS A . n 
A 1 130 LYS 130 130 130 LYS LYS A . n 
A 1 131 GLN 131 131 131 GLN GLN A . n 
A 1 132 GLY 132 132 132 GLY GLY A . n 
A 1 133 PHE 133 133 133 PHE PHE A . n 
A 1 134 SER 134 134 134 SER SER A . n 
A 1 135 LYS 135 135 135 LYS LYS A . n 
A 1 136 ASP 136 136 136 ASP ASP A . n 
A 1 137 ILE 137 137 137 ILE ILE A . n 
A 1 138 LYS 138 138 138 LYS LYS A . n 
A 1 139 VAL 139 139 139 VAL VAL A . n 
A 1 140 PRO 140 140 140 PRO PRO A . n 
A 1 141 LYS 141 141 141 LYS LYS A . n 
A 1 142 SER 142 142 142 SER SER A . n 
A 1 143 ARG 143 143 143 ARG ARG A . n 
A 1 144 TYR 144 144 144 TYR TYR A . n 
A 1 145 LEU 145 145 145 LEU LEU A . n 
A 1 146 GLY 146 146 146 GLY GLY A . n 
A 1 147 TYR 147 147 147 TYR TYR A . n 
A 1 148 ILE 148 148 148 ILE ILE A . n 
A 1 149 LYS 149 149 149 LYS LYS A . n 
A 1 150 ASP 150 150 150 ASP ASP A . n 
A 1 151 TYR 151 151 151 TYR TYR A . n 
A 1 152 GLU 152 152 152 GLU GLU A . n 
A 1 153 GLY 153 153 153 GLY GLY A . n 
A 1 154 ALA 154 154 154 ALA ALA A . n 
A 1 155 THR 155 155 155 THR THR A . n 
A 1 156 LEU 156 156 156 LEU LEU A . n 
A 1 157 MET 157 157 157 MET MET A . n 
A 1 158 GLU 158 158 158 GLU GLU A . n 
A 1 159 CYS 159 159 159 CYS CYS A . n 
A 1 160 GLU 160 160 160 GLU GLU A . n 
A 1 161 LEU 161 161 161 LEU LEU A . n 
A 1 162 ASN 162 162 162 ASN ASN A . n 
A 1 163 PRO 163 163 163 PRO PRO A . n 
A 1 164 ARG 164 164 164 ARG ARG A . n 
A 1 165 ILE 165 165 165 ILE ILE A . n 
A 1 166 PRO 166 166 166 PRO PRO A . n 
A 1 167 TYR 167 167 167 TYR TYR A . n 
A 1 168 THR 168 168 168 THR THR A . n 
# 
loop_
_pdbx_nonpoly_scheme.asym_id 
_pdbx_nonpoly_scheme.entity_id 
_pdbx_nonpoly_scheme.mon_id 
_pdbx_nonpoly_scheme.ndb_seq_num 
_pdbx_nonpoly_scheme.pdb_seq_num 
_pdbx_nonpoly_scheme.auth_seq_num 
_pdbx_nonpoly_scheme.pdb_mon_id 
_pdbx_nonpoly_scheme.auth_mon_id 
_pdbx_nonpoly_scheme.pdb_strand_id 
_pdbx_nonpoly_scheme.pdb_ins_code 
B 2 BCO 1  201 1  BCO BCO A . 
C 3 EDO 1  202 2  EDO EDO A . 
D 4 HOH 1  301 20 HOH HOH A . 
D 4 HOH 2  302 28 HOH HOH A . 
D 4 HOH 3  303 54 HOH HOH A . 
D 4 HOH 4  304 44 HOH HOH A . 
D 4 HOH 5  305 76 HOH HOH A . 
D 4 HOH 6  306 53 HOH HOH A . 
D 4 HOH 7  307 31 HOH HOH A . 
D 4 HOH 8  308 27 HOH HOH A . 
D 4 HOH 9  309 51 HOH HOH A . 
D 4 HOH 10 310 37 HOH HOH A . 
D 4 HOH 11 311 42 HOH HOH A . 
D 4 HOH 12 312 50 HOH HOH A . 
D 4 HOH 13 313 22 HOH HOH A . 
D 4 HOH 14 314 65 HOH HOH A . 
D 4 HOH 15 315 69 HOH HOH A . 
D 4 HOH 16 316 64 HOH HOH A . 
D 4 HOH 17 317 12 HOH HOH A . 
D 4 HOH 18 318 30 HOH HOH A . 
D 4 HOH 19 319 7  HOH HOH A . 
D 4 HOH 20 320 10 HOH HOH A . 
D 4 HOH 21 321 59 HOH HOH A . 
D 4 HOH 22 322 47 HOH HOH A . 
D 4 HOH 23 323 19 HOH HOH A . 
D 4 HOH 24 324 39 HOH HOH A . 
D 4 HOH 25 325 61 HOH HOH A . 
D 4 HOH 26 326 73 HOH HOH A . 
D 4 HOH 27 327 68 HOH HOH A . 
D 4 HOH 28 328 9  HOH HOH A . 
D 4 HOH 29 329 86 HOH HOH A . 
D 4 HOH 30 330 3  HOH HOH A . 
D 4 HOH 31 331 63 HOH HOH A . 
D 4 HOH 32 332 13 HOH HOH A . 
D 4 HOH 33 333 1  HOH HOH A . 
D 4 HOH 34 334 6  HOH HOH A . 
D 4 HOH 35 335 4  HOH HOH A . 
D 4 HOH 36 336 84 HOH HOH A . 
D 4 HOH 37 337 15 HOH HOH A . 
D 4 HOH 38 338 24 HOH HOH A . 
D 4 HOH 39 339 45 HOH HOH A . 
D 4 HOH 40 340 80 HOH HOH A . 
D 4 HOH 41 341 35 HOH HOH A . 
D 4 HOH 42 342 56 HOH HOH A . 
D 4 HOH 43 343 5  HOH HOH A . 
D 4 HOH 44 344 36 HOH HOH A . 
D 4 HOH 45 345 11 HOH HOH A . 
D 4 HOH 46 346 48 HOH HOH A . 
D 4 HOH 47 347 82 HOH HOH A . 
D 4 HOH 48 348 17 HOH HOH A . 
D 4 HOH 49 349 71 HOH HOH A . 
D 4 HOH 50 350 41 HOH HOH A . 
D 4 HOH 51 351 43 HOH HOH A . 
D 4 HOH 52 352 58 HOH HOH A . 
D 4 HOH 53 353 78 HOH HOH A . 
D 4 HOH 54 354 81 HOH HOH A . 
D 4 HOH 55 355 8  HOH HOH A . 
D 4 HOH 56 356 75 HOH HOH A . 
D 4 HOH 57 357 60 HOH HOH A . 
D 4 HOH 58 358 85 HOH HOH A . 
D 4 HOH 59 359 77 HOH HOH A . 
D 4 HOH 60 360 16 HOH HOH A . 
D 4 HOH 61 361 66 HOH HOH A . 
D 4 HOH 62 362 57 HOH HOH A . 
D 4 HOH 63 363 23 HOH HOH A . 
D 4 HOH 64 364 21 HOH HOH A . 
D 4 HOH 65 365 62 HOH HOH A . 
D 4 HOH 66 366 67 HOH HOH A . 
D 4 HOH 67 367 14 HOH HOH A . 
D 4 HOH 68 368 33 HOH HOH A . 
D 4 HOH 69 369 83 HOH HOH A . 
D 4 HOH 70 370 29 HOH HOH A . 
D 4 HOH 71 371 46 HOH HOH A . 
D 4 HOH 72 372 55 HOH HOH A . 
D 4 HOH 73 373 88 HOH HOH A . 
D 4 HOH 74 374 18 HOH HOH A . 
D 4 HOH 75 375 34 HOH HOH A . 
D 4 HOH 76 376 87 HOH HOH A . 
D 4 HOH 77 377 52 HOH HOH A . 
D 4 HOH 78 378 79 HOH HOH A . 
D 4 HOH 79 379 32 HOH HOH A . 
D 4 HOH 80 380 72 HOH HOH A . 
D 4 HOH 81 381 26 HOH HOH A . 
D 4 HOH 82 382 2  HOH HOH A . 
D 4 HOH 83 383 49 HOH HOH A . 
D 4 HOH 84 384 74 HOH HOH A . 
D 4 HOH 85 385 70 HOH HOH A . 
D 4 HOH 86 386 38 HOH HOH A . 
D 4 HOH 87 387 25 HOH HOH A . 
D 4 HOH 88 388 40 HOH HOH A . 
# 
_pdbx_struct_assembly.id                   1 
_pdbx_struct_assembly.details              author_and_software_defined_assembly 
_pdbx_struct_assembly.method_details       PISA 
_pdbx_struct_assembly.oligomeric_details   monomeric 
_pdbx_struct_assembly.oligomeric_count     1 
# 
_pdbx_struct_assembly_gen.assembly_id       1 
_pdbx_struct_assembly_gen.oper_expression   1 
_pdbx_struct_assembly_gen.asym_id_list      A,B,C,D 
# 
loop_
_pdbx_struct_assembly_prop.biol_id 
_pdbx_struct_assembly_prop.type 
_pdbx_struct_assembly_prop.value 
_pdbx_struct_assembly_prop.details 
1 'ABSA (A^2)' 180  ? 
1 MORE         2    ? 
1 'SSA (A^2)'  9280 ? 
# 
_pdbx_struct_oper_list.id                   1 
_pdbx_struct_oper_list.type                 'identity operation' 
_pdbx_struct_oper_list.name                 1_555 
_pdbx_struct_oper_list.symmetry_operation   x,y,z 
_pdbx_struct_oper_list.matrix[1][1]         1.0000000000 
_pdbx_struct_oper_list.matrix[1][2]         0.0000000000 
_pdbx_struct_oper_list.matrix[1][3]         0.0000000000 
_pdbx_struct_oper_list.vector[1]            0.0000000000 
_pdbx_struct_oper_list.matrix[2][1]         0.0000000000 
_pdbx_struct_oper_list.matrix[2][2]         1.0000000000 
_pdbx_struct_oper_list.matrix[2][3]         0.0000000000 
_pdbx_struct_oper_list.vector[2]            0.0000000000 
_pdbx_struct_oper_list.matrix[3][1]         0.0000000000 
_pdbx_struct_oper_list.matrix[3][2]         0.0000000000 
_pdbx_struct_oper_list.matrix[3][3]         1.0000000000 
_pdbx_struct_oper_list.vector[3]            0.0000000000 
# 
loop_
_pdbx_audit_revision_history.ordinal 
_pdbx_audit_revision_history.data_content_type 
_pdbx_audit_revision_history.major_revision 
_pdbx_audit_revision_history.minor_revision 
_pdbx_audit_revision_history.revision_date 
1 'Structure model' 1 0 2016-03-23 
2 'Structure model' 1 1 2016-07-13 
3 'Structure model' 1 2 2016-07-20 
4 'Structure model' 1 3 2017-09-06 
5 'Structure model' 1 4 2019-12-25 
6 'Structure model' 1 5 2023-09-27 
# 
_pdbx_audit_revision_details.ordinal             1 
_pdbx_audit_revision_details.revision_ordinal    1 
_pdbx_audit_revision_details.data_content_type   'Structure model' 
_pdbx_audit_revision_details.provider            repository 
_pdbx_audit_revision_details.type                'Initial release' 
_pdbx_audit_revision_details.description         ? 
_pdbx_audit_revision_details.details             ? 
# 
loop_
_pdbx_audit_revision_group.ordinal 
_pdbx_audit_revision_group.revision_ordinal 
_pdbx_audit_revision_group.data_content_type 
_pdbx_audit_revision_group.group 
1 2 'Structure model' 'Database references'        
2 3 'Structure model' 'Database references'        
3 4 'Structure model' 'Author supporting evidence' 
4 4 'Structure model' 'Derived calculations'       
5 5 'Structure model' 'Author supporting evidence' 
6 6 'Structure model' 'Data collection'            
7 6 'Structure model' 'Database references'        
8 6 'Structure model' 'Refinement description'     
# 
loop_
_pdbx_audit_revision_category.ordinal 
_pdbx_audit_revision_category.revision_ordinal 
_pdbx_audit_revision_category.data_content_type 
_pdbx_audit_revision_category.category 
1 4 'Structure model' pdbx_audit_support            
2 4 'Structure model' pdbx_struct_oper_list         
3 5 'Structure model' pdbx_audit_support            
4 6 'Structure model' chem_comp_atom                
5 6 'Structure model' chem_comp_bond                
6 6 'Structure model' database_2                    
7 6 'Structure model' pdbx_initial_refinement_model 
# 
loop_
_pdbx_audit_revision_item.ordinal 
_pdbx_audit_revision_item.revision_ordinal 
_pdbx_audit_revision_item.data_content_type 
_pdbx_audit_revision_item.item 
1 4 'Structure model' '_pdbx_audit_support.funding_organization'  
2 4 'Structure model' '_pdbx_struct_oper_list.symmetry_operation' 
3 5 'Structure model' '_pdbx_audit_support.funding_organization'  
4 6 'Structure model' '_database_2.pdbx_DOI'                      
5 6 'Structure model' '_database_2.pdbx_database_accession'       
# 
loop_
_software.citation_id 
_software.classification 
_software.compiler_name 
_software.compiler_version 
_software.contact_author 
_software.contact_author_email 
_software.date 
_software.description 
_software.dependencies 
_software.hardware 
_software.language 
_software.location 
_software.mods 
_software.name 
_software.os 
_software.os_version 
_software.type 
_software.version 
_software.pdbx_ordinal 
? refinement       ? ? ? ? ? ? ? ? ? ? ? REFMAC   ? ? ? 5.7.0029 1 
? 'data reduction' ? ? ? ? ? ? ? ? ? ? ? HKL-2000 ? ? ? .        2 
? 'data scaling'   ? ? ? ? ? ? ? ? ? ? ? HKL-2000 ? ? ? .        3 
? phasing          ? ? ? ? ? ? ? ? ? ? ? MOLREP   ? ? ? .        4 
# 
_pdbx_validate_close_contact.id               1 
_pdbx_validate_close_contact.PDB_model_num    1 
_pdbx_validate_close_contact.auth_atom_id_1   ND2 
_pdbx_validate_close_contact.auth_asym_id_1   A 
_pdbx_validate_close_contact.auth_comp_id_1   ASN 
_pdbx_validate_close_contact.auth_seq_id_1    90 
_pdbx_validate_close_contact.PDB_ins_code_1   ? 
_pdbx_validate_close_contact.label_alt_id_1   ? 
_pdbx_validate_close_contact.auth_atom_id_2   O 
_pdbx_validate_close_contact.auth_asym_id_2   A 
_pdbx_validate_close_contact.auth_comp_id_2   HOH 
_pdbx_validate_close_contact.auth_seq_id_2    301 
_pdbx_validate_close_contact.PDB_ins_code_2   ? 
_pdbx_validate_close_contact.label_alt_id_2   ? 
_pdbx_validate_close_contact.dist             1.58 
# 
_pdbx_validate_torsion.id              1 
_pdbx_validate_torsion.PDB_model_num   1 
_pdbx_validate_torsion.auth_comp_id    LEU 
_pdbx_validate_torsion.auth_asym_id    A 
_pdbx_validate_torsion.auth_seq_id     14 
_pdbx_validate_torsion.PDB_ins_code    ? 
_pdbx_validate_torsion.label_alt_id    ? 
_pdbx_validate_torsion.phi             -140.96 
_pdbx_validate_torsion.psi             -66.33 
# 
loop_
_pdbx_unobs_or_zero_occ_atoms.id 
_pdbx_unobs_or_zero_occ_atoms.PDB_model_num 
_pdbx_unobs_or_zero_occ_atoms.polymer_flag 
_pdbx_unobs_or_zero_occ_atoms.occupancy_flag 
_pdbx_unobs_or_zero_occ_atoms.auth_asym_id 
_pdbx_unobs_or_zero_occ_atoms.auth_comp_id 
_pdbx_unobs_or_zero_occ_atoms.auth_seq_id 
_pdbx_unobs_or_zero_occ_atoms.PDB_ins_code 
_pdbx_unobs_or_zero_occ_atoms.auth_atom_id 
_pdbx_unobs_or_zero_occ_atoms.label_alt_id 
_pdbx_unobs_or_zero_occ_atoms.label_asym_id 
_pdbx_unobs_or_zero_occ_atoms.label_comp_id 
_pdbx_unobs_or_zero_occ_atoms.label_seq_id 
_pdbx_unobs_or_zero_occ_atoms.label_atom_id 
1  1 Y 1 A LYS 17  ? CG  ? A LYS 17  CG  
2  1 Y 1 A LYS 17  ? CD  ? A LYS 17  CD  
3  1 Y 1 A LYS 17  ? CE  ? A LYS 17  CE  
4  1 Y 1 A LYS 17  ? NZ  ? A LYS 17  NZ  
5  1 Y 1 A LYS 42  ? CG  ? A LYS 42  CG  
6  1 Y 1 A LYS 42  ? CD  ? A LYS 42  CD  
7  1 Y 1 A LYS 42  ? CE  ? A LYS 42  CE  
8  1 Y 1 A LYS 42  ? NZ  ? A LYS 42  NZ  
9  1 Y 1 A LYS 53  ? CG  ? A LYS 53  CG  
10 1 Y 1 A LYS 53  ? CD  ? A LYS 53  CD  
11 1 Y 1 A LYS 53  ? CE  ? A LYS 53  CE  
12 1 Y 1 A LYS 53  ? NZ  ? A LYS 53  NZ  
13 1 Y 1 A LYS 61  ? CG  ? A LYS 61  CG  
14 1 Y 1 A LYS 61  ? CD  ? A LYS 61  CD  
15 1 Y 1 A LYS 61  ? CE  ? A LYS 61  CE  
16 1 Y 1 A LYS 61  ? NZ  ? A LYS 61  NZ  
17 1 Y 1 A ARG 64  ? CG  ? A ARG 64  CG  
18 1 Y 1 A ARG 64  ? CD  ? A ARG 64  CD  
19 1 Y 1 A ARG 64  ? NE  ? A ARG 64  NE  
20 1 Y 1 A ARG 64  ? CZ  ? A ARG 64  CZ  
21 1 Y 1 A ARG 64  ? NH1 ? A ARG 64  NH1 
22 1 Y 1 A ARG 64  ? NH2 ? A ARG 64  NH2 
23 1 Y 1 A LYS 110 ? CG  ? A LYS 110 CG  
24 1 Y 1 A LYS 110 ? CD  ? A LYS 110 CD  
25 1 Y 1 A LYS 110 ? CE  ? A LYS 110 CE  
26 1 Y 1 A LYS 110 ? NZ  ? A LYS 110 NZ  
27 1 Y 1 A LYS 138 ? CG  ? A LYS 138 CG  
28 1 Y 1 A LYS 138 ? CD  ? A LYS 138 CD  
29 1 Y 1 A LYS 138 ? CE  ? A LYS 138 CE  
30 1 Y 1 A LYS 138 ? NZ  ? A LYS 138 NZ  
# 
_pdbx_unobs_or_zero_occ_residues.id               1 
_pdbx_unobs_or_zero_occ_residues.PDB_model_num    1 
_pdbx_unobs_or_zero_occ_residues.polymer_flag     Y 
_pdbx_unobs_or_zero_occ_residues.occupancy_flag   1 
_pdbx_unobs_or_zero_occ_residues.auth_asym_id     A 
_pdbx_unobs_or_zero_occ_residues.auth_comp_id     GLY 
_pdbx_unobs_or_zero_occ_residues.auth_seq_id      1 
_pdbx_unobs_or_zero_occ_residues.PDB_ins_code     ? 
_pdbx_unobs_or_zero_occ_residues.label_asym_id    A 
_pdbx_unobs_or_zero_occ_residues.label_comp_id    GLY 
_pdbx_unobs_or_zero_occ_residues.label_seq_id     1 
# 
loop_
_chem_comp_atom.comp_id 
_chem_comp_atom.atom_id 
_chem_comp_atom.type_symbol 
_chem_comp_atom.pdbx_aromatic_flag 
_chem_comp_atom.pdbx_stereo_config 
_chem_comp_atom.pdbx_ordinal 
ALA N    N N N 1   
ALA CA   C N S 2   
ALA C    C N N 3   
ALA O    O N N 4   
ALA CB   C N N 5   
ALA OXT  O N N 6   
ALA H    H N N 7   
ALA H2   H N N 8   
ALA HA   H N N 9   
ALA HB1  H N N 10  
ALA HB2  H N N 11  
ALA HB3  H N N 12  
ALA HXT  H N N 13  
ARG N    N N N 14  
ARG CA   C N S 15  
ARG C    C N N 16  
ARG O    O N N 17  
ARG CB   C N N 18  
ARG CG   C N N 19  
ARG CD   C N N 20  
ARG NE   N N N 21  
ARG CZ   C N N 22  
ARG NH1  N N N 23  
ARG NH2  N N N 24  
ARG OXT  O N N 25  
ARG H    H N N 26  
ARG H2   H N N 27  
ARG HA   H N N 28  
ARG HB2  H N N 29  
ARG HB3  H N N 30  
ARG HG2  H N N 31  
ARG HG3  H N N 32  
ARG HD2  H N N 33  
ARG HD3  H N N 34  
ARG HE   H N N 35  
ARG HH11 H N N 36  
ARG HH12 H N N 37  
ARG HH21 H N N 38  
ARG HH22 H N N 39  
ARG HXT  H N N 40  
ASN N    N N N 41  
ASN CA   C N S 42  
ASN C    C N N 43  
ASN O    O N N 44  
ASN CB   C N N 45  
ASN CG   C N N 46  
ASN OD1  O N N 47  
ASN ND2  N N N 48  
ASN OXT  O N N 49  
ASN H    H N N 50  
ASN H2   H N N 51  
ASN HA   H N N 52  
ASN HB2  H N N 53  
ASN HB3  H N N 54  
ASN HD21 H N N 55  
ASN HD22 H N N 56  
ASN HXT  H N N 57  
ASP N    N N N 58  
ASP CA   C N S 59  
ASP C    C N N 60  
ASP O    O N N 61  
ASP CB   C N N 62  
ASP CG   C N N 63  
ASP OD1  O N N 64  
ASP OD2  O N N 65  
ASP OXT  O N N 66  
ASP H    H N N 67  
ASP H2   H N N 68  
ASP HA   H N N 69  
ASP HB2  H N N 70  
ASP HB3  H N N 71  
ASP HD2  H N N 72  
ASP HXT  H N N 73  
BCO O9   O N N 74  
BCO P1   P N N 75  
BCO O5   O N N 76  
BCO O6   O N N 77  
BCO O2   O N N 78  
BCO C1   C N S 79  
BCO C2   C N R 80  
BCO O3   O N N 81  
BCO C4   C N R 82  
BCO N1   N Y N 83  
BCO C7   C Y N 84  
BCO N2   N Y N 85  
BCO C8   C Y N 86  
BCO C6   C Y N 87  
BCO N3   N Y N 88  
BCO C15  C Y N 89  
BCO N4   N Y N 90  
BCO C12  C Y N 91  
BCO N5   N N N 92  
BCO O1   O N N 93  
BCO C3   C N R 94  
BCO C5   C N N 95  
BCO O4   O N N 96  
BCO P2   P N N 97  
BCO O12  O N N 98  
BCO O10  O N N 99  
BCO O7   O N N 100 
BCO P3   P N N 101 
BCO O14  O N N 102 
BCO O13  O N N 103 
BCO O8   O N N 104 
BCO C11  C N N 105 
BCO C9   C N N 106 
BCO C13  C N N 107 
BCO C14  C N N 108 
BCO C10  C N R 109 
BCO O11  O N N 110 
BCO C16  C N N 111 
BCO O15  O N N 112 
BCO N6   N N N 113 
BCO C17  C N N 114 
BCO C18  C N N 115 
BCO C19  C N N 116 
BCO O16  O N N 117 
BCO N7   N N N 118 
BCO C20  C N N 119 
BCO C21  C N N 120 
BCO S1   S N N 121 
BCO C22  C N N 122 
BCO O17  O N N 123 
BCO C23  C N N 124 
BCO C24  C N N 125 
BCO C25  C N N 126 
BCO H1   H N N 127 
BCO H2   H N N 128 
BCO H3   H N N 129 
BCO H4   H N N 130 
BCO H5   H N N 131 
BCO H6   H N N 132 
BCO H7   H N N 133 
BCO H8   H N N 134 
BCO H9   H N N 135 
BCO H10  H N N 136 
BCO H11  H N N 137 
BCO H12  H N N 138 
BCO H13  H N N 139 
BCO H14  H N N 140 
BCO H15  H N N 141 
BCO H16  H N N 142 
BCO H17  H N N 143 
BCO H18  H N N 144 
BCO H19  H N N 145 
BCO H20  H N N 146 
BCO H21  H N N 147 
BCO H22  H N N 148 
BCO H23  H N N 149 
BCO H24  H N N 150 
BCO H25  H N N 151 
BCO H26  H N N 152 
BCO H27  H N N 153 
BCO H28  H N N 154 
BCO H29  H N N 155 
BCO H30  H N N 156 
BCO H31  H N N 157 
BCO H32  H N N 158 
BCO H33  H N N 159 
BCO H34  H N N 160 
BCO H35  H N N 161 
BCO H36  H N N 162 
BCO H37  H N N 163 
BCO H38  H N N 164 
BCO H39  H N N 165 
BCO H40  H N N 166 
BCO H41  H N N 167 
BCO H42  H N N 168 
CYS N    N N N 169 
CYS CA   C N R 170 
CYS C    C N N 171 
CYS O    O N N 172 
CYS CB   C N N 173 
CYS SG   S N N 174 
CYS OXT  O N N 175 
CYS H    H N N 176 
CYS H2   H N N 177 
CYS HA   H N N 178 
CYS HB2  H N N 179 
CYS HB3  H N N 180 
CYS HG   H N N 181 
CYS HXT  H N N 182 
EDO C1   C N N 183 
EDO O1   O N N 184 
EDO C2   C N N 185 
EDO O2   O N N 186 
EDO H11  H N N 187 
EDO H12  H N N 188 
EDO HO1  H N N 189 
EDO H21  H N N 190 
EDO H22  H N N 191 
EDO HO2  H N N 192 
GLN N    N N N 193 
GLN CA   C N S 194 
GLN C    C N N 195 
GLN O    O N N 196 
GLN CB   C N N 197 
GLN CG   C N N 198 
GLN CD   C N N 199 
GLN OE1  O N N 200 
GLN NE2  N N N 201 
GLN OXT  O N N 202 
GLN H    H N N 203 
GLN H2   H N N 204 
GLN HA   H N N 205 
GLN HB2  H N N 206 
GLN HB3  H N N 207 
GLN HG2  H N N 208 
GLN HG3  H N N 209 
GLN HE21 H N N 210 
GLN HE22 H N N 211 
GLN HXT  H N N 212 
GLU N    N N N 213 
GLU CA   C N S 214 
GLU C    C N N 215 
GLU O    O N N 216 
GLU CB   C N N 217 
GLU CG   C N N 218 
GLU CD   C N N 219 
GLU OE1  O N N 220 
GLU OE2  O N N 221 
GLU OXT  O N N 222 
GLU H    H N N 223 
GLU H2   H N N 224 
GLU HA   H N N 225 
GLU HB2  H N N 226 
GLU HB3  H N N 227 
GLU HG2  H N N 228 
GLU HG3  H N N 229 
GLU HE2  H N N 230 
GLU HXT  H N N 231 
GLY N    N N N 232 
GLY CA   C N N 233 
GLY C    C N N 234 
GLY O    O N N 235 
GLY OXT  O N N 236 
GLY H    H N N 237 
GLY H2   H N N 238 
GLY HA2  H N N 239 
GLY HA3  H N N 240 
GLY HXT  H N N 241 
HIS N    N N N 242 
HIS CA   C N S 243 
HIS C    C N N 244 
HIS O    O N N 245 
HIS CB   C N N 246 
HIS CG   C Y N 247 
HIS ND1  N Y N 248 
HIS CD2  C Y N 249 
HIS CE1  C Y N 250 
HIS NE2  N Y N 251 
HIS OXT  O N N 252 
HIS H    H N N 253 
HIS H2   H N N 254 
HIS HA   H N N 255 
HIS HB2  H N N 256 
HIS HB3  H N N 257 
HIS HD1  H N N 258 
HIS HD2  H N N 259 
HIS HE1  H N N 260 
HIS HE2  H N N 261 
HIS HXT  H N N 262 
HOH O    O N N 263 
HOH H1   H N N 264 
HOH H2   H N N 265 
ILE N    N N N 266 
ILE CA   C N S 267 
ILE C    C N N 268 
ILE O    O N N 269 
ILE CB   C N S 270 
ILE CG1  C N N 271 
ILE CG2  C N N 272 
ILE CD1  C N N 273 
ILE OXT  O N N 274 
ILE H    H N N 275 
ILE H2   H N N 276 
ILE HA   H N N 277 
ILE HB   H N N 278 
ILE HG12 H N N 279 
ILE HG13 H N N 280 
ILE HG21 H N N 281 
ILE HG22 H N N 282 
ILE HG23 H N N 283 
ILE HD11 H N N 284 
ILE HD12 H N N 285 
ILE HD13 H N N 286 
ILE HXT  H N N 287 
LEU N    N N N 288 
LEU CA   C N S 289 
LEU C    C N N 290 
LEU O    O N N 291 
LEU CB   C N N 292 
LEU CG   C N N 293 
LEU CD1  C N N 294 
LEU CD2  C N N 295 
LEU OXT  O N N 296 
LEU H    H N N 297 
LEU H2   H N N 298 
LEU HA   H N N 299 
LEU HB2  H N N 300 
LEU HB3  H N N 301 
LEU HG   H N N 302 
LEU HD11 H N N 303 
LEU HD12 H N N 304 
LEU HD13 H N N 305 
LEU HD21 H N N 306 
LEU HD22 H N N 307 
LEU HD23 H N N 308 
LEU HXT  H N N 309 
LYS N    N N N 310 
LYS CA   C N S 311 
LYS C    C N N 312 
LYS O    O N N 313 
LYS CB   C N N 314 
LYS CG   C N N 315 
LYS CD   C N N 316 
LYS CE   C N N 317 
LYS NZ   N N N 318 
LYS OXT  O N N 319 
LYS H    H N N 320 
LYS H2   H N N 321 
LYS HA   H N N 322 
LYS HB2  H N N 323 
LYS HB3  H N N 324 
LYS HG2  H N N 325 
LYS HG3  H N N 326 
LYS HD2  H N N 327 
LYS HD3  H N N 328 
LYS HE2  H N N 329 
LYS HE3  H N N 330 
LYS HZ1  H N N 331 
LYS HZ2  H N N 332 
LYS HZ3  H N N 333 
LYS HXT  H N N 334 
MET N    N N N 335 
MET CA   C N S 336 
MET C    C N N 337 
MET O    O N N 338 
MET CB   C N N 339 
MET CG   C N N 340 
MET SD   S N N 341 
MET CE   C N N 342 
MET OXT  O N N 343 
MET H    H N N 344 
MET H2   H N N 345 
MET HA   H N N 346 
MET HB2  H N N 347 
MET HB3  H N N 348 
MET HG2  H N N 349 
MET HG3  H N N 350 
MET HE1  H N N 351 
MET HE2  H N N 352 
MET HE3  H N N 353 
MET HXT  H N N 354 
PHE N    N N N 355 
PHE CA   C N S 356 
PHE C    C N N 357 
PHE O    O N N 358 
PHE CB   C N N 359 
PHE CG   C Y N 360 
PHE CD1  C Y N 361 
PHE CD2  C Y N 362 
PHE CE1  C Y N 363 
PHE CE2  C Y N 364 
PHE CZ   C Y N 365 
PHE OXT  O N N 366 
PHE H    H N N 367 
PHE H2   H N N 368 
PHE HA   H N N 369 
PHE HB2  H N N 370 
PHE HB3  H N N 371 
PHE HD1  H N N 372 
PHE HD2  H N N 373 
PHE HE1  H N N 374 
PHE HE2  H N N 375 
PHE HZ   H N N 376 
PHE HXT  H N N 377 
PRO N    N N N 378 
PRO CA   C N S 379 
PRO C    C N N 380 
PRO O    O N N 381 
PRO CB   C N N 382 
PRO CG   C N N 383 
PRO CD   C N N 384 
PRO OXT  O N N 385 
PRO H    H N N 386 
PRO HA   H N N 387 
PRO HB2  H N N 388 
PRO HB3  H N N 389 
PRO HG2  H N N 390 
PRO HG3  H N N 391 
PRO HD2  H N N 392 
PRO HD3  H N N 393 
PRO HXT  H N N 394 
SER N    N N N 395 
SER CA   C N S 396 
SER C    C N N 397 
SER O    O N N 398 
SER CB   C N N 399 
SER OG   O N N 400 
SER OXT  O N N 401 
SER H    H N N 402 
SER H2   H N N 403 
SER HA   H N N 404 
SER HB2  H N N 405 
SER HB3  H N N 406 
SER HG   H N N 407 
SER HXT  H N N 408 
THR N    N N N 409 
THR CA   C N S 410 
THR C    C N N 411 
THR O    O N N 412 
THR CB   C N R 413 
THR OG1  O N N 414 
THR CG2  C N N 415 
THR OXT  O N N 416 
THR H    H N N 417 
THR H2   H N N 418 
THR HA   H N N 419 
THR HB   H N N 420 
THR HG1  H N N 421 
THR HG21 H N N 422 
THR HG22 H N N 423 
THR HG23 H N N 424 
THR HXT  H N N 425 
TRP N    N N N 426 
TRP CA   C N S 427 
TRP C    C N N 428 
TRP O    O N N 429 
TRP CB   C N N 430 
TRP CG   C Y N 431 
TRP CD1  C Y N 432 
TRP CD2  C Y N 433 
TRP NE1  N Y N 434 
TRP CE2  C Y N 435 
TRP CE3  C Y N 436 
TRP CZ2  C Y N 437 
TRP CZ3  C Y N 438 
TRP CH2  C Y N 439 
TRP OXT  O N N 440 
TRP H    H N N 441 
TRP H2   H N N 442 
TRP HA   H N N 443 
TRP HB2  H N N 444 
TRP HB3  H N N 445 
TRP HD1  H N N 446 
TRP HE1  H N N 447 
TRP HE3  H N N 448 
TRP HZ2  H N N 449 
TRP HZ3  H N N 450 
TRP HH2  H N N 451 
TRP HXT  H N N 452 
TYR N    N N N 453 
TYR CA   C N S 454 
TYR C    C N N 455 
TYR O    O N N 456 
TYR CB   C N N 457 
TYR CG   C Y N 458 
TYR CD1  C Y N 459 
TYR CD2  C Y N 460 
TYR CE1  C Y N 461 
TYR CE2  C Y N 462 
TYR CZ   C Y N 463 
TYR OH   O N N 464 
TYR OXT  O N N 465 
TYR H    H N N 466 
TYR H2   H N N 467 
TYR HA   H N N 468 
TYR HB2  H N N 469 
TYR HB3  H N N 470 
TYR HD1  H N N 471 
TYR HD2  H N N 472 
TYR HE1  H N N 473 
TYR HE2  H N N 474 
TYR HH   H N N 475 
TYR HXT  H N N 476 
VAL N    N N N 477 
VAL CA   C N S 478 
VAL C    C N N 479 
VAL O    O N N 480 
VAL CB   C N N 481 
VAL CG1  C N N 482 
VAL CG2  C N N 483 
VAL OXT  O N N 484 
VAL H    H N N 485 
VAL H2   H N N 486 
VAL HA   H N N 487 
VAL HB   H N N 488 
VAL HG11 H N N 489 
VAL HG12 H N N 490 
VAL HG13 H N N 491 
VAL HG21 H N N 492 
VAL HG22 H N N 493 
VAL HG23 H N N 494 
VAL HXT  H N N 495 
# 
loop_
_chem_comp_bond.comp_id 
_chem_comp_bond.atom_id_1 
_chem_comp_bond.atom_id_2 
_chem_comp_bond.value_order 
_chem_comp_bond.pdbx_aromatic_flag 
_chem_comp_bond.pdbx_stereo_config 
_chem_comp_bond.pdbx_ordinal 
ALA N   CA   sing N N 1   
ALA N   H    sing N N 2   
ALA N   H2   sing N N 3   
ALA CA  C    sing N N 4   
ALA CA  CB   sing N N 5   
ALA CA  HA   sing N N 6   
ALA C   O    doub N N 7   
ALA C   OXT  sing N N 8   
ALA CB  HB1  sing N N 9   
ALA CB  HB2  sing N N 10  
ALA CB  HB3  sing N N 11  
ALA OXT HXT  sing N N 12  
ARG N   CA   sing N N 13  
ARG N   H    sing N N 14  
ARG N   H2   sing N N 15  
ARG CA  C    sing N N 16  
ARG CA  CB   sing N N 17  
ARG CA  HA   sing N N 18  
ARG C   O    doub N N 19  
ARG C   OXT  sing N N 20  
ARG CB  CG   sing N N 21  
ARG CB  HB2  sing N N 22  
ARG CB  HB3  sing N N 23  
ARG CG  CD   sing N N 24  
ARG CG  HG2  sing N N 25  
ARG CG  HG3  sing N N 26  
ARG CD  NE   sing N N 27  
ARG CD  HD2  sing N N 28  
ARG CD  HD3  sing N N 29  
ARG NE  CZ   sing N N 30  
ARG NE  HE   sing N N 31  
ARG CZ  NH1  sing N N 32  
ARG CZ  NH2  doub N N 33  
ARG NH1 HH11 sing N N 34  
ARG NH1 HH12 sing N N 35  
ARG NH2 HH21 sing N N 36  
ARG NH2 HH22 sing N N 37  
ARG OXT HXT  sing N N 38  
ASN N   CA   sing N N 39  
ASN N   H    sing N N 40  
ASN N   H2   sing N N 41  
ASN CA  C    sing N N 42  
ASN CA  CB   sing N N 43  
ASN CA  HA   sing N N 44  
ASN C   O    doub N N 45  
ASN C   OXT  sing N N 46  
ASN CB  CG   sing N N 47  
ASN CB  HB2  sing N N 48  
ASN CB  HB3  sing N N 49  
ASN CG  OD1  doub N N 50  
ASN CG  ND2  sing N N 51  
ASN ND2 HD21 sing N N 52  
ASN ND2 HD22 sing N N 53  
ASN OXT HXT  sing N N 54  
ASP N   CA   sing N N 55  
ASP N   H    sing N N 56  
ASP N   H2   sing N N 57  
ASP CA  C    sing N N 58  
ASP CA  CB   sing N N 59  
ASP CA  HA   sing N N 60  
ASP C   O    doub N N 61  
ASP C   OXT  sing N N 62  
ASP CB  CG   sing N N 63  
ASP CB  HB2  sing N N 64  
ASP CB  HB3  sing N N 65  
ASP CG  OD1  doub N N 66  
ASP CG  OD2  sing N N 67  
ASP OD2 HD2  sing N N 68  
ASP OXT HXT  sing N N 69  
BCO C15 N4   doub Y N 70  
BCO C15 N3   sing Y N 71  
BCO N4  C12  sing Y N 72  
BCO N3  C6   doub Y N 73  
BCO O9  P1   doub N N 74  
BCO C12 N5   sing N N 75  
BCO C12 C8   doub Y N 76  
BCO O3  C2   sing N N 77  
BCO C6  C8   sing Y N 78  
BCO C6  N1   sing Y N 79  
BCO C2  C4   sing N N 80  
BCO C2  C1   sing N N 81  
BCO C8  N2   sing Y N 82  
BCO P1  O6   sing N N 83  
BCO P1  O5   sing N N 84  
BCO P1  O2   sing N N 85  
BCO C4  N1   sing N N 86  
BCO C4  O1   sing N N 87  
BCO N1  C7   sing Y N 88  
BCO O2  C1   sing N N 89  
BCO C1  C3   sing N N 90  
BCO N2  C7   doub Y N 91  
BCO O1  C3   sing N N 92  
BCO C3  C5   sing N N 93  
BCO C5  O4   sing N N 94  
BCO O4  P2   sing N N 95  
BCO O10 P2   doub N N 96  
BCO P2  O7   sing N N 97  
BCO P2  O12  sing N N 98  
BCO O7  P3   sing N N 99  
BCO P3  O13  doub N N 100 
BCO P3  O14  sing N N 101 
BCO P3  O8   sing N N 102 
BCO O8  C11  sing N N 103 
BCO C14 C9   sing N N 104 
BCO C11 C9   sing N N 105 
BCO C9  C13  sing N N 106 
BCO C9  C10  sing N N 107 
BCO C10 O11  sing N N 108 
BCO C10 C16  sing N N 109 
BCO C16 O15  doub N N 110 
BCO C16 N6   sing N N 111 
BCO N6  C17  sing N N 112 
BCO C17 C18  sing N N 113 
BCO C18 C19  sing N N 114 
BCO C19 O16  doub N N 115 
BCO C19 N7   sing N N 116 
BCO N7  C20  sing N N 117 
BCO C20 C21  sing N N 118 
BCO C21 S1   sing N N 119 
BCO S1  C22  sing N N 120 
BCO C22 O17  doub N N 121 
BCO C22 C23  sing N N 122 
BCO C23 C24  sing N N 123 
BCO C24 C25  sing N N 124 
BCO O5  H1   sing N N 125 
BCO O6  H2   sing N N 126 
BCO C1  H3   sing N N 127 
BCO C2  H4   sing N N 128 
BCO O3  H5   sing N N 129 
BCO C4  H6   sing N N 130 
BCO C7  H7   sing N N 131 
BCO C15 H8   sing N N 132 
BCO N5  H9   sing N N 133 
BCO N5  H10  sing N N 134 
BCO C3  H11  sing N N 135 
BCO C5  H12  sing N N 136 
BCO C5  H13  sing N N 137 
BCO O12 H14  sing N N 138 
BCO O14 H15  sing N N 139 
BCO C11 H16  sing N N 140 
BCO C11 H17  sing N N 141 
BCO C13 H18  sing N N 142 
BCO C13 H19  sing N N 143 
BCO C13 H20  sing N N 144 
BCO C14 H21  sing N N 145 
BCO C14 H22  sing N N 146 
BCO C14 H23  sing N N 147 
BCO C10 H24  sing N N 148 
BCO O11 H25  sing N N 149 
BCO N6  H26  sing N N 150 
BCO C17 H27  sing N N 151 
BCO C18 H28  sing N N 152 
BCO N7  H29  sing N N 153 
BCO C20 H30  sing N N 154 
BCO C20 H31  sing N N 155 
BCO C21 H32  sing N N 156 
BCO C21 H33  sing N N 157 
BCO C23 H34  sing N N 158 
BCO C24 H35  sing N N 159 
BCO C25 H36  sing N N 160 
BCO C25 H37  sing N N 161 
BCO C25 H38  sing N N 162 
BCO C17 H39  sing N N 163 
BCO C18 H40  sing N N 164 
BCO C23 H41  sing N N 165 
BCO C24 H42  sing N N 166 
CYS N   CA   sing N N 167 
CYS N   H    sing N N 168 
CYS N   H2   sing N N 169 
CYS CA  C    sing N N 170 
CYS CA  CB   sing N N 171 
CYS CA  HA   sing N N 172 
CYS C   O    doub N N 173 
CYS C   OXT  sing N N 174 
CYS CB  SG   sing N N 175 
CYS CB  HB2  sing N N 176 
CYS CB  HB3  sing N N 177 
CYS SG  HG   sing N N 178 
CYS OXT HXT  sing N N 179 
EDO C1  O1   sing N N 180 
EDO C1  C2   sing N N 181 
EDO C1  H11  sing N N 182 
EDO C1  H12  sing N N 183 
EDO O1  HO1  sing N N 184 
EDO C2  O2   sing N N 185 
EDO C2  H21  sing N N 186 
EDO C2  H22  sing N N 187 
EDO O2  HO2  sing N N 188 
GLN N   CA   sing N N 189 
GLN N   H    sing N N 190 
GLN N   H2   sing N N 191 
GLN CA  C    sing N N 192 
GLN CA  CB   sing N N 193 
GLN CA  HA   sing N N 194 
GLN C   O    doub N N 195 
GLN C   OXT  sing N N 196 
GLN CB  CG   sing N N 197 
GLN CB  HB2  sing N N 198 
GLN CB  HB3  sing N N 199 
GLN CG  CD   sing N N 200 
GLN CG  HG2  sing N N 201 
GLN CG  HG3  sing N N 202 
GLN CD  OE1  doub N N 203 
GLN CD  NE2  sing N N 204 
GLN NE2 HE21 sing N N 205 
GLN NE2 HE22 sing N N 206 
GLN OXT HXT  sing N N 207 
GLU N   CA   sing N N 208 
GLU N   H    sing N N 209 
GLU N   H2   sing N N 210 
GLU CA  C    sing N N 211 
GLU CA  CB   sing N N 212 
GLU CA  HA   sing N N 213 
GLU C   O    doub N N 214 
GLU C   OXT  sing N N 215 
GLU CB  CG   sing N N 216 
GLU CB  HB2  sing N N 217 
GLU CB  HB3  sing N N 218 
GLU CG  CD   sing N N 219 
GLU CG  HG2  sing N N 220 
GLU CG  HG3  sing N N 221 
GLU CD  OE1  doub N N 222 
GLU CD  OE2  sing N N 223 
GLU OE2 HE2  sing N N 224 
GLU OXT HXT  sing N N 225 
GLY N   CA   sing N N 226 
GLY N   H    sing N N 227 
GLY N   H2   sing N N 228 
GLY CA  C    sing N N 229 
GLY CA  HA2  sing N N 230 
GLY CA  HA3  sing N N 231 
GLY C   O    doub N N 232 
GLY C   OXT  sing N N 233 
GLY OXT HXT  sing N N 234 
HIS N   CA   sing N N 235 
HIS N   H    sing N N 236 
HIS N   H2   sing N N 237 
HIS CA  C    sing N N 238 
HIS CA  CB   sing N N 239 
HIS CA  HA   sing N N 240 
HIS C   O    doub N N 241 
HIS C   OXT  sing N N 242 
HIS CB  CG   sing N N 243 
HIS CB  HB2  sing N N 244 
HIS CB  HB3  sing N N 245 
HIS CG  ND1  sing Y N 246 
HIS CG  CD2  doub Y N 247 
HIS ND1 CE1  doub Y N 248 
HIS ND1 HD1  sing N N 249 
HIS CD2 NE2  sing Y N 250 
HIS CD2 HD2  sing N N 251 
HIS CE1 NE2  sing Y N 252 
HIS CE1 HE1  sing N N 253 
HIS NE2 HE2  sing N N 254 
HIS OXT HXT  sing N N 255 
HOH O   H1   sing N N 256 
HOH O   H2   sing N N 257 
ILE N   CA   sing N N 258 
ILE N   H    sing N N 259 
ILE N   H2   sing N N 260 
ILE CA  C    sing N N 261 
ILE CA  CB   sing N N 262 
ILE CA  HA   sing N N 263 
ILE C   O    doub N N 264 
ILE C   OXT  sing N N 265 
ILE CB  CG1  sing N N 266 
ILE CB  CG2  sing N N 267 
ILE CB  HB   sing N N 268 
ILE CG1 CD1  sing N N 269 
ILE CG1 HG12 sing N N 270 
ILE CG1 HG13 sing N N 271 
ILE CG2 HG21 sing N N 272 
ILE CG2 HG22 sing N N 273 
ILE CG2 HG23 sing N N 274 
ILE CD1 HD11 sing N N 275 
ILE CD1 HD12 sing N N 276 
ILE CD1 HD13 sing N N 277 
ILE OXT HXT  sing N N 278 
LEU N   CA   sing N N 279 
LEU N   H    sing N N 280 
LEU N   H2   sing N N 281 
LEU CA  C    sing N N 282 
LEU CA  CB   sing N N 283 
LEU CA  HA   sing N N 284 
LEU C   O    doub N N 285 
LEU C   OXT  sing N N 286 
LEU CB  CG   sing N N 287 
LEU CB  HB2  sing N N 288 
LEU CB  HB3  sing N N 289 
LEU CG  CD1  sing N N 290 
LEU CG  CD2  sing N N 291 
LEU CG  HG   sing N N 292 
LEU CD1 HD11 sing N N 293 
LEU CD1 HD12 sing N N 294 
LEU CD1 HD13 sing N N 295 
LEU CD2 HD21 sing N N 296 
LEU CD2 HD22 sing N N 297 
LEU CD2 HD23 sing N N 298 
LEU OXT HXT  sing N N 299 
LYS N   CA   sing N N 300 
LYS N   H    sing N N 301 
LYS N   H2   sing N N 302 
LYS CA  C    sing N N 303 
LYS CA  CB   sing N N 304 
LYS CA  HA   sing N N 305 
LYS C   O    doub N N 306 
LYS C   OXT  sing N N 307 
LYS CB  CG   sing N N 308 
LYS CB  HB2  sing N N 309 
LYS CB  HB3  sing N N 310 
LYS CG  CD   sing N N 311 
LYS CG  HG2  sing N N 312 
LYS CG  HG3  sing N N 313 
LYS CD  CE   sing N N 314 
LYS CD  HD2  sing N N 315 
LYS CD  HD3  sing N N 316 
LYS CE  NZ   sing N N 317 
LYS CE  HE2  sing N N 318 
LYS CE  HE3  sing N N 319 
LYS NZ  HZ1  sing N N 320 
LYS NZ  HZ2  sing N N 321 
LYS NZ  HZ3  sing N N 322 
LYS OXT HXT  sing N N 323 
MET N   CA   sing N N 324 
MET N   H    sing N N 325 
MET N   H2   sing N N 326 
MET CA  C    sing N N 327 
MET CA  CB   sing N N 328 
MET CA  HA   sing N N 329 
MET C   O    doub N N 330 
MET C   OXT  sing N N 331 
MET CB  CG   sing N N 332 
MET CB  HB2  sing N N 333 
MET CB  HB3  sing N N 334 
MET CG  SD   sing N N 335 
MET CG  HG2  sing N N 336 
MET CG  HG3  sing N N 337 
MET SD  CE   sing N N 338 
MET CE  HE1  sing N N 339 
MET CE  HE2  sing N N 340 
MET CE  HE3  sing N N 341 
MET OXT HXT  sing N N 342 
PHE N   CA   sing N N 343 
PHE N   H    sing N N 344 
PHE N   H2   sing N N 345 
PHE CA  C    sing N N 346 
PHE CA  CB   sing N N 347 
PHE CA  HA   sing N N 348 
PHE C   O    doub N N 349 
PHE C   OXT  sing N N 350 
PHE CB  CG   sing N N 351 
PHE CB  HB2  sing N N 352 
PHE CB  HB3  sing N N 353 
PHE CG  CD1  doub Y N 354 
PHE CG  CD2  sing Y N 355 
PHE CD1 CE1  sing Y N 356 
PHE CD1 HD1  sing N N 357 
PHE CD2 CE2  doub Y N 358 
PHE CD2 HD2  sing N N 359 
PHE CE1 CZ   doub Y N 360 
PHE CE1 HE1  sing N N 361 
PHE CE2 CZ   sing Y N 362 
PHE CE2 HE2  sing N N 363 
PHE CZ  HZ   sing N N 364 
PHE OXT HXT  sing N N 365 
PRO N   CA   sing N N 366 
PRO N   CD   sing N N 367 
PRO N   H    sing N N 368 
PRO CA  C    sing N N 369 
PRO CA  CB   sing N N 370 
PRO CA  HA   sing N N 371 
PRO C   O    doub N N 372 
PRO C   OXT  sing N N 373 
PRO CB  CG   sing N N 374 
PRO CB  HB2  sing N N 375 
PRO CB  HB3  sing N N 376 
PRO CG  CD   sing N N 377 
PRO CG  HG2  sing N N 378 
PRO CG  HG3  sing N N 379 
PRO CD  HD2  sing N N 380 
PRO CD  HD3  sing N N 381 
PRO OXT HXT  sing N N 382 
SER N   CA   sing N N 383 
SER N   H    sing N N 384 
SER N   H2   sing N N 385 
SER CA  C    sing N N 386 
SER CA  CB   sing N N 387 
SER CA  HA   sing N N 388 
SER C   O    doub N N 389 
SER C   OXT  sing N N 390 
SER CB  OG   sing N N 391 
SER CB  HB2  sing N N 392 
SER CB  HB3  sing N N 393 
SER OG  HG   sing N N 394 
SER OXT HXT  sing N N 395 
THR N   CA   sing N N 396 
THR N   H    sing N N 397 
THR N   H2   sing N N 398 
THR CA  C    sing N N 399 
THR CA  CB   sing N N 400 
THR CA  HA   sing N N 401 
THR C   O    doub N N 402 
THR C   OXT  sing N N 403 
THR CB  OG1  sing N N 404 
THR CB  CG2  sing N N 405 
THR CB  HB   sing N N 406 
THR OG1 HG1  sing N N 407 
THR CG2 HG21 sing N N 408 
THR CG2 HG22 sing N N 409 
THR CG2 HG23 sing N N 410 
THR OXT HXT  sing N N 411 
TRP N   CA   sing N N 412 
TRP N   H    sing N N 413 
TRP N   H2   sing N N 414 
TRP CA  C    sing N N 415 
TRP CA  CB   sing N N 416 
TRP CA  HA   sing N N 417 
TRP C   O    doub N N 418 
TRP C   OXT  sing N N 419 
TRP CB  CG   sing N N 420 
TRP CB  HB2  sing N N 421 
TRP CB  HB3  sing N N 422 
TRP CG  CD1  doub Y N 423 
TRP CG  CD2  sing Y N 424 
TRP CD1 NE1  sing Y N 425 
TRP CD1 HD1  sing N N 426 
TRP CD2 CE2  doub Y N 427 
TRP CD2 CE3  sing Y N 428 
TRP NE1 CE2  sing Y N 429 
TRP NE1 HE1  sing N N 430 
TRP CE2 CZ2  sing Y N 431 
TRP CE3 CZ3  doub Y N 432 
TRP CE3 HE3  sing N N 433 
TRP CZ2 CH2  doub Y N 434 
TRP CZ2 HZ2  sing N N 435 
TRP CZ3 CH2  sing Y N 436 
TRP CZ3 HZ3  sing N N 437 
TRP CH2 HH2  sing N N 438 
TRP OXT HXT  sing N N 439 
TYR N   CA   sing N N 440 
TYR N   H    sing N N 441 
TYR N   H2   sing N N 442 
TYR CA  C    sing N N 443 
TYR CA  CB   sing N N 444 
TYR CA  HA   sing N N 445 
TYR C   O    doub N N 446 
TYR C   OXT  sing N N 447 
TYR CB  CG   sing N N 448 
TYR CB  HB2  sing N N 449 
TYR CB  HB3  sing N N 450 
TYR CG  CD1  doub Y N 451 
TYR CG  CD2  sing Y N 452 
TYR CD1 CE1  sing Y N 453 
TYR CD1 HD1  sing N N 454 
TYR CD2 CE2  doub Y N 455 
TYR CD2 HD2  sing N N 456 
TYR CE1 CZ   doub Y N 457 
TYR CE1 HE1  sing N N 458 
TYR CE2 CZ   sing Y N 459 
TYR CE2 HE2  sing N N 460 
TYR CZ  OH   sing N N 461 
TYR OH  HH   sing N N 462 
TYR OXT HXT  sing N N 463 
VAL N   CA   sing N N 464 
VAL N   H    sing N N 465 
VAL N   H2   sing N N 466 
VAL CA  C    sing N N 467 
VAL CA  CB   sing N N 468 
VAL CA  HA   sing N N 469 
VAL C   O    doub N N 470 
VAL C   OXT  sing N N 471 
VAL CB  CG1  sing N N 472 
VAL CB  CG2  sing N N 473 
VAL CB  HB   sing N N 474 
VAL CG1 HG11 sing N N 475 
VAL CG1 HG12 sing N N 476 
VAL CG1 HG13 sing N N 477 
VAL CG2 HG21 sing N N 478 
VAL CG2 HG22 sing N N 479 
VAL CG2 HG23 sing N N 480 
VAL OXT HXT  sing N N 481 
# 
_pdbx_audit_support.funding_organization   
'National Institutes of Health/National Institute of General Medical Sciences (NIH/NIGMS)' 
_pdbx_audit_support.country                'United States' 
_pdbx_audit_support.grant_number           GM098522 
_pdbx_audit_support.ordinal                1 
# 
loop_
_pdbx_entity_nonpoly.entity_id 
_pdbx_entity_nonpoly.name 
_pdbx_entity_nonpoly.comp_id 
2 'Butyryl Coenzyme A' BCO 
3 1,2-ETHANEDIOL       EDO 
4 water                HOH 
# 
_pdbx_initial_refinement_model.id               1 
_pdbx_initial_refinement_model.entity_id_list   ? 
_pdbx_initial_refinement_model.type             'experimental model' 
_pdbx_initial_refinement_model.source_name      PDB 
_pdbx_initial_refinement_model.accession_code   1Z4R 
_pdbx_initial_refinement_model.details          ? 
# 
